data_1DC0
# 
_entry.id   1DC0 
# 
_audit_conform.dict_name       mmcif_pdbx.dic 
_audit_conform.dict_version    5.385 
_audit_conform.dict_location   http://mmcif.pdb.org/dictionaries/ascii/mmcif_pdbx.dic 
# 
loop_
_database_2.database_id 
_database_2.database_code 
_database_2.pdbx_database_accession 
_database_2.pdbx_DOI 
PDB   1DC0         pdb_00001dc0 10.2210/pdb1dc0/pdb 
NDB   BD0026       ?            ?                   
RCSB  RCSB009958   ?            ?                   
WWPDB D_1000009958 ?            ?                   
# 
loop_
_pdbx_audit_revision_history.ordinal 
_pdbx_audit_revision_history.data_content_type 
_pdbx_audit_revision_history.major_revision 
_pdbx_audit_revision_history.minor_revision 
_pdbx_audit_revision_history.revision_date 
1 'Structure model' 1 0 2000-03-06 
2 'Structure model' 1 1 2008-04-27 
3 'Structure model' 1 2 2011-07-13 
4 'Structure model' 1 3 2017-02-01 
5 'Structure model' 1 4 2024-02-07 
# 
_pdbx_audit_revision_details.ordinal             1 
_pdbx_audit_revision_details.revision_ordinal    1 
_pdbx_audit_revision_details.data_content_type   'Structure model' 
_pdbx_audit_revision_details.provider            repository 
_pdbx_audit_revision_details.type                'Initial release' 
_pdbx_audit_revision_details.description         ? 
_pdbx_audit_revision_details.details             ? 
# 
loop_
_pdbx_audit_revision_group.ordinal 
_pdbx_audit_revision_group.revision_ordinal 
_pdbx_audit_revision_group.data_content_type 
_pdbx_audit_revision_group.group 
1 2 'Structure model' 'Version format compliance' 
2 3 'Structure model' 'Version format compliance' 
3 4 'Structure model' 'Structure summary'         
4 5 'Structure model' 'Data collection'           
5 5 'Structure model' 'Database references'       
# 
loop_
_pdbx_audit_revision_category.ordinal 
_pdbx_audit_revision_category.revision_ordinal 
_pdbx_audit_revision_category.data_content_type 
_pdbx_audit_revision_category.category 
1 5 'Structure model' chem_comp_atom 
2 5 'Structure model' chem_comp_bond 
3 5 'Structure model' database_2     
# 
loop_
_pdbx_audit_revision_item.ordinal 
_pdbx_audit_revision_item.revision_ordinal 
_pdbx_audit_revision_item.data_content_type 
_pdbx_audit_revision_item.item 
1 5 'Structure model' '_database_2.pdbx_DOI'                
2 5 'Structure model' '_database_2.pdbx_database_accession' 
# 
_pdbx_database_status.status_code                     REL 
_pdbx_database_status.entry_id                        1DC0 
_pdbx_database_status.recvd_initial_deposition_date   1999-11-03 
_pdbx_database_status.deposit_site                    RCSB 
_pdbx_database_status.process_site                    RCSB 
_pdbx_database_status.status_code_sf                  REL 
_pdbx_database_status.SG_entry                        . 
_pdbx_database_status.status_code_mr                  ? 
_pdbx_database_status.status_code_cs                  ? 
_pdbx_database_status.methods_development_category    ? 
_pdbx_database_status.pdb_format_compatible           Y 
_pdbx_database_status.status_code_nmr_data            ? 
# 
loop_
_audit_author.name 
_audit_author.pdbx_ordinal 
'Ng, H.L.'        1 
'Kopka, M.L.'     2 
'Dickerson, R.E.' 3 
# 
_citation.id                        primary 
_citation.title                     'The structure of a stable intermediate in the A ;-> B DNA helix transition' 
_citation.journal_abbrev            Proc.Natl.Acad.Sci.USA 
_citation.journal_volume            97 
_citation.page_first                2035 
_citation.page_last                 2039 
_citation.year                      2000 
_citation.journal_id_ASTM           PNASA6 
_citation.country                   US 
_citation.journal_id_ISSN           0027-8424 
_citation.journal_id_CSD            0040 
_citation.book_publisher            ? 
_citation.pdbx_database_id_PubMed   10688897 
_citation.pdbx_database_id_DOI      10.1073/pnas.040571197 
# 
loop_
_citation_author.citation_id 
_citation_author.name 
_citation_author.ordinal 
_citation_author.identifier_ORCID 
primary 'Ng, H.L.'        1 ? 
primary 'Kopka, M.L.'     2 ? 
primary 'Dickerson, R.E.' 3 ? 
# 
loop_
_entity.id 
_entity.type 
_entity.src_method 
_entity.pdbx_description 
_entity.formula_weight 
_entity.pdbx_number_of_molecules 
_entity.pdbx_ec 
_entity.pdbx_mutation 
_entity.pdbx_fragment 
_entity.details 
1 polymer syn 
;DNA (5'-D(*CP*AP*TP*GP*GP*GP*CP*CP*CP*AP*TP*G)-3')
;
3663.392 2  ? ? ? ? 
2 water   nat water                                                18.015   93 ? ? ? ? 
# 
_entity_poly.entity_id                      1 
_entity_poly.type                           polydeoxyribonucleotide 
_entity_poly.nstd_linkage                   no 
_entity_poly.nstd_monomer                   no 
_entity_poly.pdbx_seq_one_letter_code       '(DC)(DA)(DT)(DG)(DG)(DG)(DC)(DC)(DC)(DA)(DT)(DG)' 
_entity_poly.pdbx_seq_one_letter_code_can   CATGGGCCCATG 
_entity_poly.pdbx_strand_id                 A,B 
_entity_poly.pdbx_target_identifier         ? 
# 
_pdbx_entity_nonpoly.entity_id   2 
_pdbx_entity_nonpoly.name        water 
_pdbx_entity_nonpoly.comp_id     HOH 
# 
loop_
_entity_poly_seq.entity_id 
_entity_poly_seq.num 
_entity_poly_seq.mon_id 
_entity_poly_seq.hetero 
1 1  DC n 
1 2  DA n 
1 3  DT n 
1 4  DG n 
1 5  DG n 
1 6  DG n 
1 7  DC n 
1 8  DC n 
1 9  DC n 
1 10 DA n 
1 11 DT n 
1 12 DG n 
# 
loop_
_chem_comp.id 
_chem_comp.type 
_chem_comp.mon_nstd_flag 
_chem_comp.name 
_chem_comp.pdbx_synonyms 
_chem_comp.formula 
_chem_comp.formula_weight 
DA  'DNA linking' y "2'-DEOXYADENOSINE-5'-MONOPHOSPHATE" ? 'C10 H14 N5 O6 P' 331.222 
DC  'DNA linking' y "2'-DEOXYCYTIDINE-5'-MONOPHOSPHATE"  ? 'C9 H14 N3 O7 P'  307.197 
DG  'DNA linking' y "2'-DEOXYGUANOSINE-5'-MONOPHOSPHATE" ? 'C10 H14 N5 O7 P' 347.221 
DT  'DNA linking' y "THYMIDINE-5'-MONOPHOSPHATE"         ? 'C10 H15 N2 O8 P' 322.208 
HOH non-polymer   . WATER                                ? 'H2 O'            18.015  
# 
loop_
_pdbx_poly_seq_scheme.asym_id 
_pdbx_poly_seq_scheme.entity_id 
_pdbx_poly_seq_scheme.seq_id 
_pdbx_poly_seq_scheme.mon_id 
_pdbx_poly_seq_scheme.ndb_seq_num 
_pdbx_poly_seq_scheme.pdb_seq_num 
_pdbx_poly_seq_scheme.auth_seq_num 
_pdbx_poly_seq_scheme.pdb_mon_id 
_pdbx_poly_seq_scheme.auth_mon_id 
_pdbx_poly_seq_scheme.pdb_strand_id 
_pdbx_poly_seq_scheme.pdb_ins_code 
_pdbx_poly_seq_scheme.hetero 
A 1 1  DC 1  1  1  DC C A . n 
A 1 2  DA 2  2  2  DA A A . n 
A 1 3  DT 3  3  3  DT T A . n 
A 1 4  DG 4  4  4  DG G A . n 
A 1 5  DG 5  5  5  DG G A . n 
A 1 6  DG 6  6  6  DG G A . n 
A 1 7  DC 7  7  7  DC C A . n 
A 1 8  DC 8  8  8  DC C A . n 
A 1 9  DC 9  9  9  DC C A . n 
A 1 10 DA 10 10 10 DA A A . n 
A 1 11 DT 11 11 11 DT T A . n 
A 1 12 DG 12 12 12 DG G A . n 
B 1 1  DC 1  13 13 DC C B . n 
B 1 2  DA 2  14 14 DA A B . n 
B 1 3  DT 3  15 15 DT T B . n 
B 1 4  DG 4  16 16 DG G B . n 
B 1 5  DG 5  17 17 DG G B . n 
B 1 6  DG 6  18 18 DG G B . n 
B 1 7  DC 7  19 19 DC C B . n 
B 1 8  DC 8  20 20 DC C B . n 
B 1 9  DC 9  21 21 DC C B . n 
B 1 10 DA 10 22 22 DA A B . n 
B 1 11 DT 11 23 23 DT T B . n 
B 1 12 DG 12 24 24 DG G B . n 
# 
loop_
_pdbx_nonpoly_scheme.asym_id 
_pdbx_nonpoly_scheme.entity_id 
_pdbx_nonpoly_scheme.mon_id 
_pdbx_nonpoly_scheme.ndb_seq_num 
_pdbx_nonpoly_scheme.pdb_seq_num 
_pdbx_nonpoly_scheme.auth_seq_num 
_pdbx_nonpoly_scheme.pdb_mon_id 
_pdbx_nonpoly_scheme.auth_mon_id 
_pdbx_nonpoly_scheme.pdb_strand_id 
_pdbx_nonpoly_scheme.pdb_ins_code 
C 2 HOH 1  103 103 HOH HOH A . 
C 2 HOH 2  105 105 HOH HOH A . 
C 2 HOH 3  109 109 HOH HOH A . 
C 2 HOH 4  111 111 HOH HOH A . 
C 2 HOH 5  113 113 HOH HOH A . 
C 2 HOH 6  115 115 HOH HOH A . 
C 2 HOH 7  117 117 HOH HOH A . 
C 2 HOH 8  118 118 HOH HOH A . 
C 2 HOH 9  119 119 HOH HOH A . 
C 2 HOH 10 121 121 HOH HOH A . 
C 2 HOH 11 123 123 HOH HOH A . 
C 2 HOH 12 124 124 HOH HOH A . 
C 2 HOH 13 125 125 HOH HOH A . 
C 2 HOH 14 126 126 HOH HOH A . 
C 2 HOH 15 131 131 HOH HOH A . 
C 2 HOH 16 132 132 HOH HOH A . 
C 2 HOH 17 134 134 HOH HOH A . 
C 2 HOH 18 136 136 HOH HOH A . 
C 2 HOH 19 137 137 HOH HOH A . 
C 2 HOH 20 138 138 HOH HOH A . 
C 2 HOH 21 139 139 HOH HOH A . 
C 2 HOH 22 140 140 HOH HOH A . 
C 2 HOH 23 144 144 HOH HOH A . 
C 2 HOH 24 145 145 HOH HOH A . 
C 2 HOH 25 146 146 HOH HOH A . 
C 2 HOH 26 147 147 HOH HOH A . 
C 2 HOH 27 148 148 HOH HOH A . 
C 2 HOH 28 149 149 HOH HOH A . 
C 2 HOH 29 150 150 HOH HOH A . 
C 2 HOH 30 152 152 HOH HOH A . 
C 2 HOH 31 153 153 HOH HOH A . 
C 2 HOH 32 154 154 HOH HOH A . 
C 2 HOH 33 159 159 HOH HOH A . 
C 2 HOH 34 162 162 HOH HOH A . 
C 2 HOH 35 163 163 HOH HOH A . 
C 2 HOH 36 164 164 HOH HOH A . 
C 2 HOH 37 167 167 HOH HOH A . 
C 2 HOH 38 168 168 HOH HOH A . 
C 2 HOH 39 169 169 HOH HOH A . 
C 2 HOH 40 173 173 HOH HOH A . 
C 2 HOH 41 174 174 HOH HOH A . 
C 2 HOH 42 175 175 HOH HOH A . 
C 2 HOH 43 176 176 HOH HOH A . 
C 2 HOH 44 178 178 HOH HOH A . 
C 2 HOH 45 180 180 HOH HOH A . 
C 2 HOH 46 185 185 HOH HOH A . 
C 2 HOH 47 187 187 HOH HOH A . 
C 2 HOH 48 192 192 HOH HOH A . 
D 2 HOH 1  101 101 HOH HOH B . 
D 2 HOH 2  102 102 HOH HOH B . 
D 2 HOH 3  104 104 HOH HOH B . 
D 2 HOH 4  106 106 HOH HOH B . 
D 2 HOH 5  107 107 HOH HOH B . 
D 2 HOH 6  108 108 HOH HOH B . 
D 2 HOH 7  110 110 HOH HOH B . 
D 2 HOH 8  112 112 HOH HOH B . 
D 2 HOH 9  114 114 HOH HOH B . 
D 2 HOH 10 116 116 HOH HOH B . 
D 2 HOH 11 120 120 HOH HOH B . 
D 2 HOH 12 122 122 HOH HOH B . 
D 2 HOH 13 127 127 HOH HOH B . 
D 2 HOH 14 128 128 HOH HOH B . 
D 2 HOH 15 129 129 HOH HOH B . 
D 2 HOH 16 130 130 HOH HOH B . 
D 2 HOH 17 133 133 HOH HOH B . 
D 2 HOH 18 135 135 HOH HOH B . 
D 2 HOH 19 141 141 HOH HOH B . 
D 2 HOH 20 142 142 HOH HOH B . 
D 2 HOH 21 143 143 HOH HOH B . 
D 2 HOH 22 151 151 HOH HOH B . 
D 2 HOH 23 155 155 HOH HOH B . 
D 2 HOH 24 156 156 HOH HOH B . 
D 2 HOH 25 157 157 HOH HOH B . 
D 2 HOH 26 158 158 HOH HOH B . 
D 2 HOH 27 160 160 HOH HOH B . 
D 2 HOH 28 161 161 HOH HOH B . 
D 2 HOH 29 165 165 HOH HOH B . 
D 2 HOH 30 166 166 HOH HOH B . 
D 2 HOH 31 170 170 HOH HOH B . 
D 2 HOH 32 171 171 HOH HOH B . 
D 2 HOH 33 172 172 HOH HOH B . 
D 2 HOH 34 177 177 HOH HOH B . 
D 2 HOH 35 179 179 HOH HOH B . 
D 2 HOH 36 181 181 HOH HOH B . 
D 2 HOH 37 182 182 HOH HOH B . 
D 2 HOH 38 183 183 HOH HOH B . 
D 2 HOH 39 184 184 HOH HOH B . 
D 2 HOH 40 186 186 HOH HOH B . 
D 2 HOH 41 188 188 HOH HOH B . 
D 2 HOH 42 189 189 HOH HOH B . 
D 2 HOH 43 190 190 HOH HOH B . 
D 2 HOH 44 191 191 HOH HOH B . 
D 2 HOH 45 193 193 HOH HOH B . 
# 
loop_
_software.name 
_software.classification 
_software.version 
_software.citation_id 
_software.pdbx_ordinal 
DM        'model building' . ? 1 
SHELXL-97 refinement       . ? 2 
DENZO     'data reduction' . ? 3 
SCALEPACK 'data scaling'   . ? 4 
DM        phasing          . ? 5 
# 
_cell.entry_id           1DC0 
_cell.length_a           40.197 
_cell.length_b           40.197 
_cell.length_c           77.336 
_cell.angle_alpha        90.00 
_cell.angle_beta         90.00 
_cell.angle_gamma        90.00 
_cell.Z_PDB              16 
_cell.pdbx_unique_axis   ? 
_cell.length_a_esd       ? 
_cell.length_b_esd       ? 
_cell.length_c_esd       ? 
_cell.angle_alpha_esd    ? 
_cell.angle_beta_esd     ? 
_cell.angle_gamma_esd    ? 
# 
_symmetry.entry_id                         1DC0 
_symmetry.space_group_name_H-M             'P 41 21 2' 
_symmetry.pdbx_full_space_group_name_H-M   ? 
_symmetry.cell_setting                     tetragonal 
_symmetry.Int_Tables_number                92 
_symmetry.space_group_name_Hall            ? 
# 
_exptl.entry_id          1DC0 
_exptl.method            'X-RAY DIFFRACTION' 
_exptl.crystals_number   1 
# 
_exptl_crystal.id                    1 
_exptl_crystal.density_meas          ? 
_exptl_crystal.density_percent_sol   42.30 
_exptl_crystal.density_Matthews      2.13 
_exptl_crystal.description           ? 
_exptl_crystal.F_000                 ? 
_exptl_crystal.preparation           ? 
# 
_exptl_crystal_grow.crystal_id      1 
_exptl_crystal_grow.method          'VAPOR DIFFUSION, SITTING DROP' 
_exptl_crystal_grow.temp            277 
_exptl_crystal_grow.temp_details    ? 
_exptl_crystal_grow.pH              7.0 
_exptl_crystal_grow.pdbx_details    
;2.3MM DUPLEX DNA, 120 MM CALCIUM ACETATE, 4.8 MM SPERMINE, 60 MM SODIUM CACODYLATE BUFFER, PH 7.0, 9.5% MPD IN DROP, 25% MPD IN RESERVOIR, VAPOR DIFFUSION, SITTING DROP, temperature 277K
;
_exptl_crystal_grow.pdbx_pH_range   ? 
# 
loop_
_exptl_crystal_grow_comp.crystal_id 
_exptl_crystal_grow_comp.id 
_exptl_crystal_grow_comp.sol_id 
_exptl_crystal_grow_comp.name 
_exptl_crystal_grow_comp.volume 
_exptl_crystal_grow_comp.conc 
_exptl_crystal_grow_comp.details 
1 1 1 'CALCIUM ACETATE'   ? ? ? 
1 2 1 SPERMINE            ? ? ? 
1 3 1 'SODIUM CACODYLATE' ? ? ? 
1 4 1 MPD                 ? ? ? 
1 5 2 MPD                 ? ? ? 
# 
_diffrn.id                     1 
_diffrn.ambient_temp           110 
_diffrn.ambient_temp_details   ? 
_diffrn.crystal_id             1 
# 
_diffrn_detector.diffrn_id              1 
_diffrn_detector.detector               'AREA DETECTOR' 
_diffrn_detector.type                   ? 
_diffrn_detector.pdbx_collection_date   ? 
_diffrn_detector.details                ? 
# 
_diffrn_radiation.diffrn_id                        1 
_diffrn_radiation.wavelength_id                    1 
_diffrn_radiation.pdbx_monochromatic_or_laue_m_l   M 
_diffrn_radiation.monochromator                    ? 
_diffrn_radiation.pdbx_diffrn_protocol             'SINGLE WAVELENGTH' 
_diffrn_radiation.pdbx_scattering_type             x-ray 
# 
_diffrn_radiation_wavelength.id           1 
_diffrn_radiation_wavelength.wavelength   0.978 
_diffrn_radiation_wavelength.wt           1.0 
# 
_diffrn_source.diffrn_id                   1 
_diffrn_source.source                      SYNCHROTRON 
_diffrn_source.type                        NSLS 
_diffrn_source.pdbx_synchrotron_site       NSLS 
_diffrn_source.pdbx_synchrotron_beamline   ? 
_diffrn_source.pdbx_wavelength             0.978 
_diffrn_source.pdbx_wavelength_list        ? 
# 
_reflns.entry_id                     1DC0 
_reflns.observed_criterion_sigma_I   0 
_reflns.observed_criterion_sigma_F   0 
_reflns.d_resolution_low             25. 
_reflns.d_resolution_high            1.3 
_reflns.number_obs                   16190 
_reflns.number_all                   16190 
_reflns.percent_possible_obs         99.1 
_reflns.pdbx_Rmerge_I_obs            0.0890000 
_reflns.pdbx_Rsym_value              ? 
_reflns.pdbx_netI_over_sigmaI        43.6 
_reflns.B_iso_Wilson_estimate        ? 
_reflns.pdbx_redundancy              13.0 
_reflns.R_free_details               ? 
_reflns.pdbx_chi_squared             ? 
_reflns.pdbx_scaling_rejects         ? 
_reflns.pdbx_ordinal                 1 
_reflns.pdbx_diffrn_id               1 
# 
_reflns_shell.d_res_high             1.30 
_reflns_shell.d_res_low              1.35 
_reflns_shell.percent_possible_all   91.2 
_reflns_shell.Rmerge_I_obs           0.1790000 
_reflns_shell.pdbx_Rsym_value        ? 
_reflns_shell.meanI_over_sigI_obs    ? 
_reflns_shell.pdbx_redundancy        ? 
_reflns_shell.percent_possible_obs   ? 
_reflns_shell.number_unique_all      ? 
_reflns_shell.number_measured_all    ? 
_reflns_shell.number_measured_obs    ? 
_reflns_shell.number_unique_obs      ? 
_reflns_shell.pdbx_chi_squared       ? 
_reflns_shell.pdbx_ordinal           1 
_reflns_shell.pdbx_diffrn_id         1 
# 
_refine.entry_id                                 1DC0 
_refine.ls_number_reflns_obs                     16111 
_refine.ls_number_reflns_all                     16111 
_refine.pdbx_ls_sigma_I                          0 
_refine.pdbx_ls_sigma_F                          0 
_refine.pdbx_data_cutoff_high_absF               ? 
_refine.pdbx_data_cutoff_low_absF                ? 
_refine.pdbx_data_cutoff_high_rms_absF           ? 
_refine.ls_d_res_low                             20. 
_refine.ls_d_res_high                            1.3 
_refine.ls_percent_reflns_obs                    99.5 
_refine.ls_R_factor_obs                          0.1720000 
_refine.ls_R_factor_all                          0.1720000 
_refine.ls_R_factor_R_work                       0.1680000 
_refine.ls_R_factor_R_free                       0.1900000 
_refine.ls_R_factor_R_free_error                 ? 
_refine.ls_R_factor_R_free_error_details         ? 
_refine.ls_percent_reflns_R_free                 5 
_refine.ls_number_reflns_R_free                  800 
_refine.ls_number_parameters                     ? 
_refine.ls_number_restraints                     ? 
_refine.occupancy_min                            ? 
_refine.occupancy_max                            ? 
_refine.B_iso_mean                               ? 
_refine.aniso_B[1][1]                            ? 
_refine.aniso_B[2][2]                            ? 
_refine.aniso_B[3][3]                            ? 
_refine.aniso_B[1][2]                            ? 
_refine.aniso_B[1][3]                            ? 
_refine.aniso_B[2][3]                            ? 
_refine.solvent_model_details                    ? 
_refine.solvent_model_param_ksol                 ? 
_refine.solvent_model_param_bsol                 ? 
_refine.pdbx_ls_cross_valid_method               THROUGHOUT 
_refine.details                                  ? 
_refine.pdbx_starting_model                      ? 
_refine.pdbx_method_to_determine_struct          'SIRAS BASED ON THE IODINATED SEQUENCE D(CAT(IODO-G)GGCCCATG)' 
_refine.pdbx_isotropic_thermal_model             ? 
_refine.pdbx_stereochemistry_target_values       ? 
_refine.pdbx_stereochem_target_val_spec_case     ? 
_refine.pdbx_R_Free_selection_details            RANDOM 
_refine.pdbx_overall_ESU_R                       ? 
_refine.pdbx_overall_ESU_R_Free                  ? 
_refine.overall_SU_ML                            ? 
_refine.overall_SU_B                             ? 
_refine.pdbx_refine_id                           'X-RAY DIFFRACTION' 
_refine.ls_redundancy_reflns_obs                 ? 
_refine.pdbx_overall_phase_error                 ? 
_refine.correlation_coeff_Fo_to_Fc               ? 
_refine.correlation_coeff_Fo_to_Fc_free          ? 
_refine.pdbx_solvent_vdw_probe_radii             ? 
_refine.pdbx_solvent_ion_probe_radii             ? 
_refine.pdbx_solvent_shrinkage_radii             ? 
_refine.overall_SU_R_Cruickshank_DPI             ? 
_refine.overall_SU_R_free                        ? 
_refine.ls_wR_factor_R_free                      ? 
_refine.ls_wR_factor_R_work                      ? 
_refine.overall_FOM_free_R_set                   ? 
_refine.overall_FOM_work_R_set                   ? 
_refine.pdbx_diffrn_id                           1 
_refine.pdbx_TLS_residual_ADP_flag               ? 
_refine.pdbx_overall_SU_R_free_Cruickshank_DPI   ? 
_refine.pdbx_overall_SU_R_Blow_DPI               ? 
_refine.pdbx_overall_SU_R_free_Blow_DPI          ? 
# 
_refine_hist.pdbx_refine_id                   'X-RAY DIFFRACTION' 
_refine_hist.cycle_id                         LAST 
_refine_hist.pdbx_number_atoms_protein        0 
_refine_hist.pdbx_number_atoms_nucleic_acid   486 
_refine_hist.pdbx_number_atoms_ligand         0 
_refine_hist.number_atoms_solvent             93 
_refine_hist.number_atoms_total               579 
_refine_hist.d_res_high                       1.3 
_refine_hist.d_res_low                        20. 
# 
loop_
_refine_ls_restr.type 
_refine_ls_restr.dev_ideal 
_refine_ls_restr.dev_ideal_target 
_refine_ls_restr.weight 
_refine_ls_restr.number 
_refine_ls_restr.pdbx_refine_id 
_refine_ls_restr.pdbx_restraint_function 
s_bond_d               0.007 ? ? ? 'X-RAY DIFFRACTION' ? 
s_angle_d              0.016 ? ? ? 'X-RAY DIFFRACTION' ? 
s_similar_dist         ?     ? ? ? 'X-RAY DIFFRACTION' ? 
s_from_restr_planes    ?     ? ? ? 'X-RAY DIFFRACTION' ? 
s_zero_chiral_vol      ?     ? ? ? 'X-RAY DIFFRACTION' ? 
s_non_zero_chiral_vol  ?     ? ? ? 'X-RAY DIFFRACTION' ? 
s_anti_bump_dis_restr  ?     ? ? ? 'X-RAY DIFFRACTION' ? 
s_rigid_bond_adp_cmpnt ?     ? ? ? 'X-RAY DIFFRACTION' ? 
s_similar_adp_cmpnt    ?     ? ? ? 'X-RAY DIFFRACTION' ? 
s_approx_iso_adps      ?     ? ? ? 'X-RAY DIFFRACTION' ? 
# 
_struct.entry_id                  1DC0 
_struct.title                     'CRYSTAL STRUCTURE OF AN A/B-DNA INTERMEDIATE CATGGGCCCATG' 
_struct.pdbx_model_details        ? 
_struct.pdbx_CASP_flag            ? 
_struct.pdbx_model_type_details   ? 
# 
_struct_keywords.entry_id        1DC0 
_struct_keywords.pdbx_keywords   DNA 
_struct_keywords.text            'A-DNA, B-DNA, INTERMEDIATE, DNA' 
# 
loop_
_struct_asym.id 
_struct_asym.pdbx_blank_PDB_chainid_flag 
_struct_asym.pdbx_modified 
_struct_asym.entity_id 
_struct_asym.details 
A N N 1 ? 
B N N 1 ? 
C N N 2 ? 
D N N 2 ? 
# 
_struct_ref.id                         1 
_struct_ref.entity_id                  1 
_struct_ref.db_name                    PDB 
_struct_ref.db_code                    1DC0 
_struct_ref.pdbx_db_accession          1DC0 
_struct_ref.pdbx_align_begin           ? 
_struct_ref.pdbx_seq_one_letter_code   ? 
_struct_ref.pdbx_db_isoform            ? 
# 
loop_
_struct_ref_seq.align_id 
_struct_ref_seq.ref_id 
_struct_ref_seq.pdbx_PDB_id_code 
_struct_ref_seq.pdbx_strand_id 
_struct_ref_seq.seq_align_beg 
_struct_ref_seq.pdbx_seq_align_beg_ins_code 
_struct_ref_seq.seq_align_end 
_struct_ref_seq.pdbx_seq_align_end_ins_code 
_struct_ref_seq.pdbx_db_accession 
_struct_ref_seq.db_align_beg 
_struct_ref_seq.pdbx_db_align_beg_ins_code 
_struct_ref_seq.db_align_end 
_struct_ref_seq.pdbx_db_align_end_ins_code 
_struct_ref_seq.pdbx_auth_seq_align_beg 
_struct_ref_seq.pdbx_auth_seq_align_end 
1 1 1DC0 A 1 ? 12 ? 1DC0 1  ? 12 ? 1  12 
2 1 1DC0 B 1 ? 12 ? 1DC0 13 ? 24 ? 13 24 
# 
_pdbx_struct_assembly.id                   1 
_pdbx_struct_assembly.details              author_defined_assembly 
_pdbx_struct_assembly.method_details       ? 
_pdbx_struct_assembly.oligomeric_details   dimeric 
_pdbx_struct_assembly.oligomeric_count     2 
# 
_pdbx_struct_assembly_gen.assembly_id       1 
_pdbx_struct_assembly_gen.oper_expression   1 
_pdbx_struct_assembly_gen.asym_id_list      A,B,C,D 
# 
_pdbx_struct_oper_list.id                   1 
_pdbx_struct_oper_list.type                 'identity operation' 
_pdbx_struct_oper_list.name                 1_555 
_pdbx_struct_oper_list.symmetry_operation   x,y,z 
_pdbx_struct_oper_list.matrix[1][1]         1.0000000000 
_pdbx_struct_oper_list.matrix[1][2]         0.0000000000 
_pdbx_struct_oper_list.matrix[1][3]         0.0000000000 
_pdbx_struct_oper_list.vector[1]            0.0000000000 
_pdbx_struct_oper_list.matrix[2][1]         0.0000000000 
_pdbx_struct_oper_list.matrix[2][2]         1.0000000000 
_pdbx_struct_oper_list.matrix[2][3]         0.0000000000 
_pdbx_struct_oper_list.vector[2]            0.0000000000 
_pdbx_struct_oper_list.matrix[3][1]         0.0000000000 
_pdbx_struct_oper_list.matrix[3][2]         0.0000000000 
_pdbx_struct_oper_list.matrix[3][3]         1.0000000000 
_pdbx_struct_oper_list.vector[3]            0.0000000000 
# 
_struct_biol.id        1 
_struct_biol.details   ? 
# 
loop_
_struct_conn.id 
_struct_conn.conn_type_id 
_struct_conn.pdbx_leaving_atom_flag 
_struct_conn.pdbx_PDB_id 
_struct_conn.ptnr1_label_asym_id 
_struct_conn.ptnr1_label_comp_id 
_struct_conn.ptnr1_label_seq_id 
_struct_conn.ptnr1_label_atom_id 
_struct_conn.pdbx_ptnr1_label_alt_id 
_struct_conn.pdbx_ptnr1_PDB_ins_code 
_struct_conn.pdbx_ptnr1_standard_comp_id 
_struct_conn.ptnr1_symmetry 
_struct_conn.ptnr2_label_asym_id 
_struct_conn.ptnr2_label_comp_id 
_struct_conn.ptnr2_label_seq_id 
_struct_conn.ptnr2_label_atom_id 
_struct_conn.pdbx_ptnr2_label_alt_id 
_struct_conn.pdbx_ptnr2_PDB_ins_code 
_struct_conn.ptnr1_auth_asym_id 
_struct_conn.ptnr1_auth_comp_id 
_struct_conn.ptnr1_auth_seq_id 
_struct_conn.ptnr2_auth_asym_id 
_struct_conn.ptnr2_auth_comp_id 
_struct_conn.ptnr2_auth_seq_id 
_struct_conn.ptnr2_symmetry 
_struct_conn.pdbx_ptnr3_label_atom_id 
_struct_conn.pdbx_ptnr3_label_seq_id 
_struct_conn.pdbx_ptnr3_label_comp_id 
_struct_conn.pdbx_ptnr3_label_asym_id 
_struct_conn.pdbx_ptnr3_label_alt_id 
_struct_conn.pdbx_ptnr3_PDB_ins_code 
_struct_conn.details 
_struct_conn.pdbx_dist_value 
_struct_conn.pdbx_value_order 
_struct_conn.pdbx_role 
hydrog1  hydrog ? ? A DC 1  N3 ? ? ? 1_555 B DG 12 N1 ? ? A DC 1  B DG 24 1_555 ? ? ? ? ? ? WATSON-CRICK ? ? ? 
hydrog2  hydrog ? ? A DC 1  N4 ? ? ? 1_555 B DG 12 O6 ? ? A DC 1  B DG 24 1_555 ? ? ? ? ? ? WATSON-CRICK ? ? ? 
hydrog3  hydrog ? ? A DC 1  O2 ? ? ? 1_555 B DG 12 N2 ? ? A DC 1  B DG 24 1_555 ? ? ? ? ? ? WATSON-CRICK ? ? ? 
hydrog4  hydrog ? ? A DA 2  N1 ? ? ? 1_555 B DT 11 N3 ? ? A DA 2  B DT 23 1_555 ? ? ? ? ? ? WATSON-CRICK ? ? ? 
hydrog5  hydrog ? ? A DA 2  N6 ? ? ? 1_555 B DT 11 O4 ? ? A DA 2  B DT 23 1_555 ? ? ? ? ? ? WATSON-CRICK ? ? ? 
hydrog6  hydrog ? ? A DT 3  N3 ? ? ? 1_555 B DA 10 N1 ? ? A DT 3  B DA 22 1_555 ? ? ? ? ? ? WATSON-CRICK ? ? ? 
hydrog7  hydrog ? ? A DT 3  O4 ? ? ? 1_555 B DA 10 N6 ? ? A DT 3  B DA 22 1_555 ? ? ? ? ? ? WATSON-CRICK ? ? ? 
hydrog8  hydrog ? ? A DG 4  N1 ? ? ? 1_555 B DC 9  N3 ? ? A DG 4  B DC 21 1_555 ? ? ? ? ? ? WATSON-CRICK ? ? ? 
hydrog9  hydrog ? ? A DG 4  N2 ? ? ? 1_555 B DC 9  O2 ? ? A DG 4  B DC 21 1_555 ? ? ? ? ? ? WATSON-CRICK ? ? ? 
hydrog10 hydrog ? ? A DG 4  O6 ? ? ? 1_555 B DC 9  N4 ? ? A DG 4  B DC 21 1_555 ? ? ? ? ? ? WATSON-CRICK ? ? ? 
hydrog11 hydrog ? ? A DG 5  N1 ? ? ? 1_555 B DC 8  N3 ? ? A DG 5  B DC 20 1_555 ? ? ? ? ? ? WATSON-CRICK ? ? ? 
hydrog12 hydrog ? ? A DG 5  N2 ? ? ? 1_555 B DC 8  O2 ? ? A DG 5  B DC 20 1_555 ? ? ? ? ? ? WATSON-CRICK ? ? ? 
hydrog13 hydrog ? ? A DG 5  O6 ? ? ? 1_555 B DC 8  N4 ? ? A DG 5  B DC 20 1_555 ? ? ? ? ? ? WATSON-CRICK ? ? ? 
hydrog14 hydrog ? ? A DG 6  N1 ? ? ? 1_555 B DC 7  N3 ? ? A DG 6  B DC 19 1_555 ? ? ? ? ? ? WATSON-CRICK ? ? ? 
hydrog15 hydrog ? ? A DG 6  N2 ? ? ? 1_555 B DC 7  O2 ? ? A DG 6  B DC 19 1_555 ? ? ? ? ? ? WATSON-CRICK ? ? ? 
hydrog16 hydrog ? ? A DG 6  O6 ? ? ? 1_555 B DC 7  N4 ? ? A DG 6  B DC 19 1_555 ? ? ? ? ? ? WATSON-CRICK ? ? ? 
hydrog17 hydrog ? ? A DC 7  N3 ? ? ? 1_555 B DG 6  N1 ? ? A DC 7  B DG 18 1_555 ? ? ? ? ? ? WATSON-CRICK ? ? ? 
hydrog18 hydrog ? ? A DC 7  N4 ? ? ? 1_555 B DG 6  O6 ? ? A DC 7  B DG 18 1_555 ? ? ? ? ? ? WATSON-CRICK ? ? ? 
hydrog19 hydrog ? ? A DC 7  O2 ? ? ? 1_555 B DG 6  N2 ? ? A DC 7  B DG 18 1_555 ? ? ? ? ? ? WATSON-CRICK ? ? ? 
hydrog20 hydrog ? ? A DC 8  N3 ? ? ? 1_555 B DG 5  N1 ? ? A DC 8  B DG 17 1_555 ? ? ? ? ? ? WATSON-CRICK ? ? ? 
hydrog21 hydrog ? ? A DC 8  N4 ? ? ? 1_555 B DG 5  O6 ? ? A DC 8  B DG 17 1_555 ? ? ? ? ? ? WATSON-CRICK ? ? ? 
hydrog22 hydrog ? ? A DC 8  O2 ? ? ? 1_555 B DG 5  N2 ? ? A DC 8  B DG 17 1_555 ? ? ? ? ? ? WATSON-CRICK ? ? ? 
hydrog23 hydrog ? ? A DC 9  N3 ? ? ? 1_555 B DG 4  N1 ? ? A DC 9  B DG 16 1_555 ? ? ? ? ? ? WATSON-CRICK ? ? ? 
hydrog24 hydrog ? ? A DC 9  N4 ? ? ? 1_555 B DG 4  O6 ? ? A DC 9  B DG 16 1_555 ? ? ? ? ? ? WATSON-CRICK ? ? ? 
hydrog25 hydrog ? ? A DC 9  O2 ? ? ? 1_555 B DG 4  N2 ? ? A DC 9  B DG 16 1_555 ? ? ? ? ? ? WATSON-CRICK ? ? ? 
hydrog26 hydrog ? ? A DA 10 N1 ? ? ? 1_555 B DT 3  N3 ? ? A DA 10 B DT 15 1_555 ? ? ? ? ? ? WATSON-CRICK ? ? ? 
hydrog27 hydrog ? ? A DA 10 N6 ? ? ? 1_555 B DT 3  O4 ? ? A DA 10 B DT 15 1_555 ? ? ? ? ? ? WATSON-CRICK ? ? ? 
hydrog28 hydrog ? ? A DT 11 N3 ? ? ? 1_555 B DA 2  N1 ? ? A DT 11 B DA 14 1_555 ? ? ? ? ? ? WATSON-CRICK ? ? ? 
hydrog29 hydrog ? ? A DT 11 O4 ? ? ? 1_555 B DA 2  N6 ? ? A DT 11 B DA 14 1_555 ? ? ? ? ? ? WATSON-CRICK ? ? ? 
hydrog30 hydrog ? ? A DG 12 N1 ? ? ? 1_555 B DC 1  N3 ? ? A DG 12 B DC 13 1_555 ? ? ? ? ? ? WATSON-CRICK ? ? ? 
hydrog31 hydrog ? ? A DG 12 N2 ? ? ? 1_555 B DC 1  O2 ? ? A DG 12 B DC 13 1_555 ? ? ? ? ? ? WATSON-CRICK ? ? ? 
hydrog32 hydrog ? ? A DG 12 O6 ? ? ? 1_555 B DC 1  N4 ? ? A DG 12 B DC 13 1_555 ? ? ? ? ? ? WATSON-CRICK ? ? ? 
# 
_struct_conn_type.id          hydrog 
_struct_conn_type.criteria    ? 
_struct_conn_type.reference   ? 
# 
loop_
_pdbx_validate_rmsd_bond.id 
_pdbx_validate_rmsd_bond.PDB_model_num 
_pdbx_validate_rmsd_bond.auth_atom_id_1 
_pdbx_validate_rmsd_bond.auth_asym_id_1 
_pdbx_validate_rmsd_bond.auth_comp_id_1 
_pdbx_validate_rmsd_bond.auth_seq_id_1 
_pdbx_validate_rmsd_bond.PDB_ins_code_1 
_pdbx_validate_rmsd_bond.label_alt_id_1 
_pdbx_validate_rmsd_bond.auth_atom_id_2 
_pdbx_validate_rmsd_bond.auth_asym_id_2 
_pdbx_validate_rmsd_bond.auth_comp_id_2 
_pdbx_validate_rmsd_bond.auth_seq_id_2 
_pdbx_validate_rmsd_bond.PDB_ins_code_2 
_pdbx_validate_rmsd_bond.label_alt_id_2 
_pdbx_validate_rmsd_bond.bond_value 
_pdbx_validate_rmsd_bond.bond_target_value 
_pdbx_validate_rmsd_bond.bond_deviation 
_pdbx_validate_rmsd_bond.bond_standard_deviation 
_pdbx_validate_rmsd_bond.linker_flag 
1 1 "C3'" A DC 1  ? ? "C2'" A DC 1  ? ? 1.466 1.516 -0.050 0.008 N 
2 1 "C3'" A DG 12 ? ? "C2'" A DG 12 ? ? 1.463 1.516 -0.053 0.008 N 
3 1 "C3'" B DG 24 ? ? "C2'" B DG 24 ? ? 1.467 1.516 -0.049 0.008 N 
# 
loop_
_pdbx_validate_rmsd_angle.id 
_pdbx_validate_rmsd_angle.PDB_model_num 
_pdbx_validate_rmsd_angle.auth_atom_id_1 
_pdbx_validate_rmsd_angle.auth_asym_id_1 
_pdbx_validate_rmsd_angle.auth_comp_id_1 
_pdbx_validate_rmsd_angle.auth_seq_id_1 
_pdbx_validate_rmsd_angle.PDB_ins_code_1 
_pdbx_validate_rmsd_angle.label_alt_id_1 
_pdbx_validate_rmsd_angle.auth_atom_id_2 
_pdbx_validate_rmsd_angle.auth_asym_id_2 
_pdbx_validate_rmsd_angle.auth_comp_id_2 
_pdbx_validate_rmsd_angle.auth_seq_id_2 
_pdbx_validate_rmsd_angle.PDB_ins_code_2 
_pdbx_validate_rmsd_angle.label_alt_id_2 
_pdbx_validate_rmsd_angle.auth_atom_id_3 
_pdbx_validate_rmsd_angle.auth_asym_id_3 
_pdbx_validate_rmsd_angle.auth_comp_id_3 
_pdbx_validate_rmsd_angle.auth_seq_id_3 
_pdbx_validate_rmsd_angle.PDB_ins_code_3 
_pdbx_validate_rmsd_angle.label_alt_id_3 
_pdbx_validate_rmsd_angle.angle_value 
_pdbx_validate_rmsd_angle.angle_target_value 
_pdbx_validate_rmsd_angle.angle_deviation 
_pdbx_validate_rmsd_angle.angle_standard_deviation 
_pdbx_validate_rmsd_angle.linker_flag 
1 1 "O4'" A DC 1  ? ? "C1'" A DC 1  ? ? N1    A DC 1  ? ? 110.27 108.30 1.97  0.30 N 
2 1 "O4'" A DG 12 ? ? "C1'" A DG 12 ? ? N9    A DG 12 ? ? 112.33 108.30 4.03  0.30 N 
3 1 "O4'" B DC 13 ? ? "C4'" B DC 13 ? ? "C3'" B DC 13 ? ? 102.01 104.50 -2.49 0.40 N 
4 1 "O4'" B DT 15 ? ? "C4'" B DT 15 ? ? "C3'" B DT 15 ? ? 101.68 104.50 -2.82 0.40 N 
5 1 "O4'" B DC 19 ? ? "C4'" B DC 19 ? ? "C3'" B DC 19 ? ? 101.28 104.50 -3.22 0.40 N 
6 1 "O4'" B DT 23 ? ? "C1'" B DT 23 ? ? "C2'" B DT 23 ? ? 110.09 106.80 3.29  0.50 N 
7 1 "O5'" B DG 24 ? ? "C5'" B DG 24 ? ? "C4'" B DG 24 ? ? 103.86 109.40 -5.54 0.80 N 
8 1 "O4'" B DG 24 ? ? "C1'" B DG 24 ? ? N9    B DG 24 ? ? 102.76 108.00 -5.24 0.70 N 
# 
loop_
_chem_comp_atom.comp_id 
_chem_comp_atom.atom_id 
_chem_comp_atom.type_symbol 
_chem_comp_atom.pdbx_aromatic_flag 
_chem_comp_atom.pdbx_stereo_config 
_chem_comp_atom.pdbx_ordinal 
DA  OP3    O N N 1   
DA  P      P N N 2   
DA  OP1    O N N 3   
DA  OP2    O N N 4   
DA  "O5'"  O N N 5   
DA  "C5'"  C N N 6   
DA  "C4'"  C N R 7   
DA  "O4'"  O N N 8   
DA  "C3'"  C N S 9   
DA  "O3'"  O N N 10  
DA  "C2'"  C N N 11  
DA  "C1'"  C N R 12  
DA  N9     N Y N 13  
DA  C8     C Y N 14  
DA  N7     N Y N 15  
DA  C5     C Y N 16  
DA  C6     C Y N 17  
DA  N6     N N N 18  
DA  N1     N Y N 19  
DA  C2     C Y N 20  
DA  N3     N Y N 21  
DA  C4     C Y N 22  
DA  HOP3   H N N 23  
DA  HOP2   H N N 24  
DA  "H5'"  H N N 25  
DA  "H5''" H N N 26  
DA  "H4'"  H N N 27  
DA  "H3'"  H N N 28  
DA  "HO3'" H N N 29  
DA  "H2'"  H N N 30  
DA  "H2''" H N N 31  
DA  "H1'"  H N N 32  
DA  H8     H N N 33  
DA  H61    H N N 34  
DA  H62    H N N 35  
DA  H2     H N N 36  
DC  OP3    O N N 37  
DC  P      P N N 38  
DC  OP1    O N N 39  
DC  OP2    O N N 40  
DC  "O5'"  O N N 41  
DC  "C5'"  C N N 42  
DC  "C4'"  C N R 43  
DC  "O4'"  O N N 44  
DC  "C3'"  C N S 45  
DC  "O3'"  O N N 46  
DC  "C2'"  C N N 47  
DC  "C1'"  C N R 48  
DC  N1     N N N 49  
DC  C2     C N N 50  
DC  O2     O N N 51  
DC  N3     N N N 52  
DC  C4     C N N 53  
DC  N4     N N N 54  
DC  C5     C N N 55  
DC  C6     C N N 56  
DC  HOP3   H N N 57  
DC  HOP2   H N N 58  
DC  "H5'"  H N N 59  
DC  "H5''" H N N 60  
DC  "H4'"  H N N 61  
DC  "H3'"  H N N 62  
DC  "HO3'" H N N 63  
DC  "H2'"  H N N 64  
DC  "H2''" H N N 65  
DC  "H1'"  H N N 66  
DC  H41    H N N 67  
DC  H42    H N N 68  
DC  H5     H N N 69  
DC  H6     H N N 70  
DG  OP3    O N N 71  
DG  P      P N N 72  
DG  OP1    O N N 73  
DG  OP2    O N N 74  
DG  "O5'"  O N N 75  
DG  "C5'"  C N N 76  
DG  "C4'"  C N R 77  
DG  "O4'"  O N N 78  
DG  "C3'"  C N S 79  
DG  "O3'"  O N N 80  
DG  "C2'"  C N N 81  
DG  "C1'"  C N R 82  
DG  N9     N Y N 83  
DG  C8     C Y N 84  
DG  N7     N Y N 85  
DG  C5     C Y N 86  
DG  C6     C N N 87  
DG  O6     O N N 88  
DG  N1     N N N 89  
DG  C2     C N N 90  
DG  N2     N N N 91  
DG  N3     N N N 92  
DG  C4     C Y N 93  
DG  HOP3   H N N 94  
DG  HOP2   H N N 95  
DG  "H5'"  H N N 96  
DG  "H5''" H N N 97  
DG  "H4'"  H N N 98  
DG  "H3'"  H N N 99  
DG  "HO3'" H N N 100 
DG  "H2'"  H N N 101 
DG  "H2''" H N N 102 
DG  "H1'"  H N N 103 
DG  H8     H N N 104 
DG  H1     H N N 105 
DG  H21    H N N 106 
DG  H22    H N N 107 
DT  OP3    O N N 108 
DT  P      P N N 109 
DT  OP1    O N N 110 
DT  OP2    O N N 111 
DT  "O5'"  O N N 112 
DT  "C5'"  C N N 113 
DT  "C4'"  C N R 114 
DT  "O4'"  O N N 115 
DT  "C3'"  C N S 116 
DT  "O3'"  O N N 117 
DT  "C2'"  C N N 118 
DT  "C1'"  C N R 119 
DT  N1     N N N 120 
DT  C2     C N N 121 
DT  O2     O N N 122 
DT  N3     N N N 123 
DT  C4     C N N 124 
DT  O4     O N N 125 
DT  C5     C N N 126 
DT  C7     C N N 127 
DT  C6     C N N 128 
DT  HOP3   H N N 129 
DT  HOP2   H N N 130 
DT  "H5'"  H N N 131 
DT  "H5''" H N N 132 
DT  "H4'"  H N N 133 
DT  "H3'"  H N N 134 
DT  "HO3'" H N N 135 
DT  "H2'"  H N N 136 
DT  "H2''" H N N 137 
DT  "H1'"  H N N 138 
DT  H3     H N N 139 
DT  H71    H N N 140 
DT  H72    H N N 141 
DT  H73    H N N 142 
DT  H6     H N N 143 
HOH O      O N N 144 
HOH H1     H N N 145 
HOH H2     H N N 146 
# 
loop_
_chem_comp_bond.comp_id 
_chem_comp_bond.atom_id_1 
_chem_comp_bond.atom_id_2 
_chem_comp_bond.value_order 
_chem_comp_bond.pdbx_aromatic_flag 
_chem_comp_bond.pdbx_stereo_config 
_chem_comp_bond.pdbx_ordinal 
DA  OP3   P      sing N N 1   
DA  OP3   HOP3   sing N N 2   
DA  P     OP1    doub N N 3   
DA  P     OP2    sing N N 4   
DA  P     "O5'"  sing N N 5   
DA  OP2   HOP2   sing N N 6   
DA  "O5'" "C5'"  sing N N 7   
DA  "C5'" "C4'"  sing N N 8   
DA  "C5'" "H5'"  sing N N 9   
DA  "C5'" "H5''" sing N N 10  
DA  "C4'" "O4'"  sing N N 11  
DA  "C4'" "C3'"  sing N N 12  
DA  "C4'" "H4'"  sing N N 13  
DA  "O4'" "C1'"  sing N N 14  
DA  "C3'" "O3'"  sing N N 15  
DA  "C3'" "C2'"  sing N N 16  
DA  "C3'" "H3'"  sing N N 17  
DA  "O3'" "HO3'" sing N N 18  
DA  "C2'" "C1'"  sing N N 19  
DA  "C2'" "H2'"  sing N N 20  
DA  "C2'" "H2''" sing N N 21  
DA  "C1'" N9     sing N N 22  
DA  "C1'" "H1'"  sing N N 23  
DA  N9    C8     sing Y N 24  
DA  N9    C4     sing Y N 25  
DA  C8    N7     doub Y N 26  
DA  C8    H8     sing N N 27  
DA  N7    C5     sing Y N 28  
DA  C5    C6     sing Y N 29  
DA  C5    C4     doub Y N 30  
DA  C6    N6     sing N N 31  
DA  C6    N1     doub Y N 32  
DA  N6    H61    sing N N 33  
DA  N6    H62    sing N N 34  
DA  N1    C2     sing Y N 35  
DA  C2    N3     doub Y N 36  
DA  C2    H2     sing N N 37  
DA  N3    C4     sing Y N 38  
DC  OP3   P      sing N N 39  
DC  OP3   HOP3   sing N N 40  
DC  P     OP1    doub N N 41  
DC  P     OP2    sing N N 42  
DC  P     "O5'"  sing N N 43  
DC  OP2   HOP2   sing N N 44  
DC  "O5'" "C5'"  sing N N 45  
DC  "C5'" "C4'"  sing N N 46  
DC  "C5'" "H5'"  sing N N 47  
DC  "C5'" "H5''" sing N N 48  
DC  "C4'" "O4'"  sing N N 49  
DC  "C4'" "C3'"  sing N N 50  
DC  "C4'" "H4'"  sing N N 51  
DC  "O4'" "C1'"  sing N N 52  
DC  "C3'" "O3'"  sing N N 53  
DC  "C3'" "C2'"  sing N N 54  
DC  "C3'" "H3'"  sing N N 55  
DC  "O3'" "HO3'" sing N N 56  
DC  "C2'" "C1'"  sing N N 57  
DC  "C2'" "H2'"  sing N N 58  
DC  "C2'" "H2''" sing N N 59  
DC  "C1'" N1     sing N N 60  
DC  "C1'" "H1'"  sing N N 61  
DC  N1    C2     sing N N 62  
DC  N1    C6     sing N N 63  
DC  C2    O2     doub N N 64  
DC  C2    N3     sing N N 65  
DC  N3    C4     doub N N 66  
DC  C4    N4     sing N N 67  
DC  C4    C5     sing N N 68  
DC  N4    H41    sing N N 69  
DC  N4    H42    sing N N 70  
DC  C5    C6     doub N N 71  
DC  C5    H5     sing N N 72  
DC  C6    H6     sing N N 73  
DG  OP3   P      sing N N 74  
DG  OP3   HOP3   sing N N 75  
DG  P     OP1    doub N N 76  
DG  P     OP2    sing N N 77  
DG  P     "O5'"  sing N N 78  
DG  OP2   HOP2   sing N N 79  
DG  "O5'" "C5'"  sing N N 80  
DG  "C5'" "C4'"  sing N N 81  
DG  "C5'" "H5'"  sing N N 82  
DG  "C5'" "H5''" sing N N 83  
DG  "C4'" "O4'"  sing N N 84  
DG  "C4'" "C3'"  sing N N 85  
DG  "C4'" "H4'"  sing N N 86  
DG  "O4'" "C1'"  sing N N 87  
DG  "C3'" "O3'"  sing N N 88  
DG  "C3'" "C2'"  sing N N 89  
DG  "C3'" "H3'"  sing N N 90  
DG  "O3'" "HO3'" sing N N 91  
DG  "C2'" "C1'"  sing N N 92  
DG  "C2'" "H2'"  sing N N 93  
DG  "C2'" "H2''" sing N N 94  
DG  "C1'" N9     sing N N 95  
DG  "C1'" "H1'"  sing N N 96  
DG  N9    C8     sing Y N 97  
DG  N9    C4     sing Y N 98  
DG  C8    N7     doub Y N 99  
DG  C8    H8     sing N N 100 
DG  N7    C5     sing Y N 101 
DG  C5    C6     sing N N 102 
DG  C5    C4     doub Y N 103 
DG  C6    O6     doub N N 104 
DG  C6    N1     sing N N 105 
DG  N1    C2     sing N N 106 
DG  N1    H1     sing N N 107 
DG  C2    N2     sing N N 108 
DG  C2    N3     doub N N 109 
DG  N2    H21    sing N N 110 
DG  N2    H22    sing N N 111 
DG  N3    C4     sing N N 112 
DT  OP3   P      sing N N 113 
DT  OP3   HOP3   sing N N 114 
DT  P     OP1    doub N N 115 
DT  P     OP2    sing N N 116 
DT  P     "O5'"  sing N N 117 
DT  OP2   HOP2   sing N N 118 
DT  "O5'" "C5'"  sing N N 119 
DT  "C5'" "C4'"  sing N N 120 
DT  "C5'" "H5'"  sing N N 121 
DT  "C5'" "H5''" sing N N 122 
DT  "C4'" "O4'"  sing N N 123 
DT  "C4'" "C3'"  sing N N 124 
DT  "C4'" "H4'"  sing N N 125 
DT  "O4'" "C1'"  sing N N 126 
DT  "C3'" "O3'"  sing N N 127 
DT  "C3'" "C2'"  sing N N 128 
DT  "C3'" "H3'"  sing N N 129 
DT  "O3'" "HO3'" sing N N 130 
DT  "C2'" "C1'"  sing N N 131 
DT  "C2'" "H2'"  sing N N 132 
DT  "C2'" "H2''" sing N N 133 
DT  "C1'" N1     sing N N 134 
DT  "C1'" "H1'"  sing N N 135 
DT  N1    C2     sing N N 136 
DT  N1    C6     sing N N 137 
DT  C2    O2     doub N N 138 
DT  C2    N3     sing N N 139 
DT  N3    C4     sing N N 140 
DT  N3    H3     sing N N 141 
DT  C4    O4     doub N N 142 
DT  C4    C5     sing N N 143 
DT  C5    C7     sing N N 144 
DT  C5    C6     doub N N 145 
DT  C7    H71    sing N N 146 
DT  C7    H72    sing N N 147 
DT  C7    H73    sing N N 148 
DT  C6    H6     sing N N 149 
HOH O     H1     sing N N 150 
HOH O     H2     sing N N 151 
# 
_ndb_struct_conf_na.entry_id   1DC0 
_ndb_struct_conf_na.feature    'a-form double helix' 
# 
loop_
_ndb_struct_na_base_pair.model_number 
_ndb_struct_na_base_pair.i_label_asym_id 
_ndb_struct_na_base_pair.i_label_comp_id 
_ndb_struct_na_base_pair.i_label_seq_id 
_ndb_struct_na_base_pair.i_symmetry 
_ndb_struct_na_base_pair.j_label_asym_id 
_ndb_struct_na_base_pair.j_label_comp_id 
_ndb_struct_na_base_pair.j_label_seq_id 
_ndb_struct_na_base_pair.j_symmetry 
_ndb_struct_na_base_pair.shear 
_ndb_struct_na_base_pair.stretch 
_ndb_struct_na_base_pair.stagger 
_ndb_struct_na_base_pair.buckle 
_ndb_struct_na_base_pair.propeller 
_ndb_struct_na_base_pair.opening 
_ndb_struct_na_base_pair.pair_number 
_ndb_struct_na_base_pair.pair_name 
_ndb_struct_na_base_pair.i_auth_asym_id 
_ndb_struct_na_base_pair.i_auth_seq_id 
_ndb_struct_na_base_pair.i_PDB_ins_code 
_ndb_struct_na_base_pair.j_auth_asym_id 
_ndb_struct_na_base_pair.j_auth_seq_id 
_ndb_struct_na_base_pair.j_PDB_ins_code 
_ndb_struct_na_base_pair.hbond_type_28 
_ndb_struct_na_base_pair.hbond_type_12 
1 A DC 1  1_555 B DG 12 1_555 0.137  -0.180 0.041  -2.789 -5.711  -0.829 1  A_DC1:DG24_B  A 1  ? B 24 ? 19 1 
1 A DA 2  1_555 B DT 11 1_555 -0.042 -0.184 0.098  0.144  -6.665  6.141  2  A_DA2:DT23_B  A 2  ? B 23 ? 20 1 
1 A DT 3  1_555 B DA 10 1_555 -0.125 -0.117 0.130  -1.114 -8.777  3.771  3  A_DT3:DA22_B  A 3  ? B 22 ? 20 1 
1 A DG 4  1_555 B DC 9  1_555 -0.190 -0.128 0.128  0.462  -8.478  0.703  4  A_DG4:DC21_B  A 4  ? B 21 ? 19 1 
1 A DG 5  1_555 B DC 8  1_555 -0.187 -0.169 -0.006 -6.622 -11.684 -3.104 5  A_DG5:DC20_B  A 5  ? B 20 ? 19 1 
1 A DG 6  1_555 B DC 7  1_555 -0.281 -0.121 0.086  -7.518 -7.991  0.380  6  A_DG6:DC19_B  A 6  ? B 19 ? 19 1 
1 A DC 7  1_555 B DG 6  1_555 0.141  -0.113 0.101  6.919  -7.525  -2.665 7  A_DC7:DG18_B  A 7  ? B 18 ? 19 1 
1 A DC 8  1_555 B DG 5  1_555 0.047  -0.144 -0.024 9.406  -12.582 -0.308 8  A_DC8:DG17_B  A 8  ? B 17 ? 19 1 
1 A DC 9  1_555 B DG 4  1_555 0.226  -0.155 0.007  4.308  -9.123  1.123  9  A_DC9:DG16_B  A 9  ? B 16 ? 19 1 
1 A DA 10 1_555 B DT 3  1_555 0.068  -0.179 0.035  -0.819 -7.750  4.985  10 A_DA10:DT15_B A 10 ? B 15 ? 20 1 
1 A DT 11 1_555 B DA 2  1_555 -0.012 -0.127 0.039  2.099  -1.917  2.361  11 A_DT11:DA14_B A 11 ? B 14 ? 20 1 
1 A DG 12 1_555 B DC 1  1_555 -0.260 -0.066 0.318  23.520 6.996   -0.876 12 A_DG12:DC13_B A 12 ? B 13 ? 19 1 
# 
loop_
_ndb_struct_na_base_pair_step.model_number 
_ndb_struct_na_base_pair_step.i_label_asym_id_1 
_ndb_struct_na_base_pair_step.i_label_comp_id_1 
_ndb_struct_na_base_pair_step.i_label_seq_id_1 
_ndb_struct_na_base_pair_step.i_symmetry_1 
_ndb_struct_na_base_pair_step.j_label_asym_id_1 
_ndb_struct_na_base_pair_step.j_label_comp_id_1 
_ndb_struct_na_base_pair_step.j_label_seq_id_1 
_ndb_struct_na_base_pair_step.j_symmetry_1 
_ndb_struct_na_base_pair_step.i_label_asym_id_2 
_ndb_struct_na_base_pair_step.i_label_comp_id_2 
_ndb_struct_na_base_pair_step.i_label_seq_id_2 
_ndb_struct_na_base_pair_step.i_symmetry_2 
_ndb_struct_na_base_pair_step.j_label_asym_id_2 
_ndb_struct_na_base_pair_step.j_label_comp_id_2 
_ndb_struct_na_base_pair_step.j_label_seq_id_2 
_ndb_struct_na_base_pair_step.j_symmetry_2 
_ndb_struct_na_base_pair_step.shift 
_ndb_struct_na_base_pair_step.slide 
_ndb_struct_na_base_pair_step.rise 
_ndb_struct_na_base_pair_step.tilt 
_ndb_struct_na_base_pair_step.roll 
_ndb_struct_na_base_pair_step.twist 
_ndb_struct_na_base_pair_step.x_displacement 
_ndb_struct_na_base_pair_step.y_displacement 
_ndb_struct_na_base_pair_step.helical_rise 
_ndb_struct_na_base_pair_step.inclination 
_ndb_struct_na_base_pair_step.tip 
_ndb_struct_na_base_pair_step.helical_twist 
_ndb_struct_na_base_pair_step.step_number 
_ndb_struct_na_base_pair_step.step_name 
_ndb_struct_na_base_pair_step.i_auth_asym_id_1 
_ndb_struct_na_base_pair_step.i_auth_seq_id_1 
_ndb_struct_na_base_pair_step.i_PDB_ins_code_1 
_ndb_struct_na_base_pair_step.j_auth_asym_id_1 
_ndb_struct_na_base_pair_step.j_auth_seq_id_1 
_ndb_struct_na_base_pair_step.j_PDB_ins_code_1 
_ndb_struct_na_base_pair_step.i_auth_asym_id_2 
_ndb_struct_na_base_pair_step.i_auth_seq_id_2 
_ndb_struct_na_base_pair_step.i_PDB_ins_code_2 
_ndb_struct_na_base_pair_step.j_auth_asym_id_2 
_ndb_struct_na_base_pair_step.j_auth_seq_id_2 
_ndb_struct_na_base_pair_step.j_PDB_ins_code_2 
1 A DC 1  1_555 B DG 12 1_555 A DA 2  1_555 B DT 11 1_555 0.725  -1.370 3.161 0.343  6.338  32.110 -3.448 -1.231 2.853 11.321 
-0.612 32.715 1  AA_DC1DA2:DT23DG24_BB   A 1  ? B 24 ? A 2  ? B 23 ? 
1 A DA 2  1_555 B DT 11 1_555 A DT 3  1_555 B DA 10 1_555 0.054  -2.013 3.407 -0.133 -0.259 33.430 -3.454 -0.116 3.422 -0.451 
0.232  33.432 2  AA_DA2DT3:DA22DT23_BB   A 2  ? B 23 ? A 3  ? B 22 ? 
1 A DT 3  1_555 B DA 10 1_555 A DG 4  1_555 B DC 9  1_555 -0.603 -1.795 3.150 -0.950 3.740  27.201 -4.636 1.053  2.901 7.902  
2.007  27.468 3  AA_DT3DG4:DC21DA22_BB   A 3  ? B 22 ? A 4  ? B 21 ? 
1 A DG 4  1_555 B DC 9  1_555 A DG 5  1_555 B DC 8  1_555 -0.404 -1.505 3.484 0.596  2.407  33.569 -3.010 0.800  3.364 4.160  
-1.031 33.658 4  AA_DG4DG5:DC20DC21_BB   A 4  ? B 21 ? A 5  ? B 20 ? 
1 A DG 5  1_555 B DC 8  1_555 A DG 6  1_555 B DC 7  1_555 0.471  -1.713 3.225 1.348  4.250  32.596 -3.719 -0.611 3.000 7.529  
-2.388 32.892 5  AA_DG5DG6:DC19DC20_BB   A 5  ? B 20 ? A 6  ? B 19 ? 
1 A DG 6  1_555 B DC 7  1_555 A DC 7  1_555 B DG 6  1_555 -0.531 -0.840 2.991 -0.268 4.833  30.226 -2.448 0.958  2.830 9.194  
0.509  30.602 6  AA_DG6DC7:DG18DC19_BB   A 6  ? B 19 ? A 7  ? B 18 ? 
1 A DC 7  1_555 B DG 6  1_555 A DC 8  1_555 B DG 5  1_555 0.329  -1.266 3.193 0.170  2.687  32.743 -2.681 -0.555 3.083 4.757  
-0.301 32.850 7  AA_DC7DC8:DG17DG18_BB   A 7  ? B 18 ? A 8  ? B 17 ? 
1 A DC 8  1_555 B DG 5  1_555 A DC 9  1_555 B DG 4  1_555 0.125  -1.552 3.465 -1.622 2.159  33.497 -3.054 -0.493 3.352 3.738  
2.808  33.602 8  AA_DC8DC9:DG16DG17_BB   A 8  ? B 17 ? A 9  ? B 16 ? 
1 A DC 9  1_555 B DG 4  1_555 A DA 10 1_555 B DT 3  1_555 0.343  -1.603 3.347 -1.107 5.205  30.209 -4.036 -0.862 3.021 9.891  
2.104  30.664 9  AA_DC9DA10:DT15DG16_BB  A 9  ? B 16 ? A 10 ? B 15 ? 
1 A DA 10 1_555 B DT 3  1_555 A DT 11 1_555 B DA 2  1_555 -0.376 -2.002 3.337 -0.796 -1.966 32.410 -3.221 0.527  3.457 -3.517 
1.424  32.477 10 AA_DA10DT11:DA14DT15_BB A 10 ? B 15 ? A 11 ? B 14 ? 
1 A DT 11 1_555 B DA 2  1_555 A DG 12 1_555 B DC 1  1_555 -1.159 -1.588 2.844 -2.443 10.495 22.235 -6.224 2.127  2.013 25.385 
5.909  24.679 11 AA_DT11DG12:DC13DA14_BB A 11 ? B 14 ? A 12 ? B 13 ? 
# 
_atom_sites.entry_id                    1DC0 
_atom_sites.fract_transf_matrix[1][1]   0.00070158 
_atom_sites.fract_transf_matrix[1][2]   -0.02485613 
_atom_sites.fract_transf_matrix[1][3]   -0.00073885 
_atom_sites.fract_transf_matrix[2][1]   -0.02215053 
_atom_sites.fract_transf_matrix[2][2]   -0.00028874 
_atom_sites.fract_transf_matrix[2][3]   -0.01131970 
_atom_sites.fract_transf_matrix[3][1]   0.00587456 
_atom_sites.fract_transf_matrix[3][2]   0.00050790 
_atom_sites.fract_transf_matrix[3][3]   -0.01150836 
_atom_sites.fract_transf_vector[1]      0.362911 
_atom_sites.fract_transf_vector[2]      0.155841 
_atom_sites.fract_transf_vector[3]      0.252261 
# 
loop_
_atom_type.symbol 
C 
N 
O 
P 
# 
loop_
_atom_site.group_PDB 
_atom_site.id 
_atom_site.type_symbol 
_atom_site.label_atom_id 
_atom_site.label_alt_id 
_atom_site.label_comp_id 
_atom_site.label_asym_id 
_atom_site.label_entity_id 
_atom_site.label_seq_id 
_atom_site.pdbx_PDB_ins_code 
_atom_site.Cartn_x 
_atom_site.Cartn_y 
_atom_site.Cartn_z 
_atom_site.occupancy 
_atom_site.B_iso_or_equiv 
_atom_site.pdbx_formal_charge 
_atom_site.auth_seq_id 
_atom_site.auth_comp_id 
_atom_site.auth_asym_id 
_atom_site.auth_atom_id 
_atom_site.pdbx_PDB_model_num 
ATOM   1   O "O5'" . DC  A 1 1  ? 10.582  7.586   12.791  1.00 19.87 ? 1   DC  A "O5'" 1 
ATOM   2   C "C5'" . DC  A 1 1  ? 11.738  6.846   13.236  1.00 16.17 ? 1   DC  A "C5'" 1 
ATOM   3   C "C4'" . DC  A 1 1  ? 11.337  5.679   14.163  1.00 14.30 ? 1   DC  A "C4'" 1 
ATOM   4   O "O4'" . DC  A 1 1  ? 10.656  6.190   15.305  1.00 13.17 ? 1   DC  A "O4'" 1 
ATOM   5   C "C3'" . DC  A 1 1  ? 10.360  4.640   13.627  1.00 13.34 ? 1   DC  A "C3'" 1 
ATOM   6   O "O3'" . DC  A 1 1  ? 11.094  3.716   12.812  1.00 14.34 ? 1   DC  A "O3'" 1 
ATOM   7   C "C2'" . DC  A 1 1  ? 9.819   4.063   14.862  1.00 11.65 ? 1   DC  A "C2'" 1 
ATOM   8   C "C1'" . DC  A 1 1  ? 9.604   5.323   15.699  1.00 11.18 ? 1   DC  A "C1'" 1 
ATOM   9   N N1    . DC  A 1 1  ? 8.301   5.966   15.470  1.00 11.49 ? 1   DC  A N1    1 
ATOM   10  C C2    . DC  A 1 1  ? 7.170   5.337   16.008  1.00 10.45 ? 1   DC  A C2    1 
ATOM   11  O O2    . DC  A 1 1  ? 7.318   4.295   16.671  1.00 10.88 ? 1   DC  A O2    1 
ATOM   12  N N3    . DC  A 1 1  ? 5.958   5.892   15.791  1.00 11.30 ? 1   DC  A N3    1 
ATOM   13  C C4    . DC  A 1 1  ? 5.830   7.017   15.082  1.00 12.27 ? 1   DC  A C4    1 
ATOM   14  N N4    . DC  A 1 1  ? 4.592   7.499   14.927  1.00 13.39 ? 1   DC  A N4    1 
ATOM   15  C C5    . DC  A 1 1  ? 6.969   7.666   14.514  1.00 13.21 ? 1   DC  A C5    1 
ATOM   16  C C6    . DC  A 1 1  ? 8.174   7.103   14.721  1.00 12.15 ? 1   DC  A C6    1 
ATOM   17  P P     . DA  A 1 2  ? 10.461  3.069   11.516  1.00 15.84 ? 2   DA  A P     1 
ATOM   18  O OP1   . DA  A 1 2  ? 11.506  2.306   10.839  1.00 20.75 ? 2   DA  A OP1   1 
ATOM   19  O OP2   . DA  A 1 2  ? 9.742   4.137   10.759  1.00 16.85 ? 2   DA  A OP2   1 
ATOM   20  O "O5'" . DA  A 1 2  ? 9.285   2.081   12.014  1.00 15.17 ? 2   DA  A "O5'" 1 
ATOM   21  C "C5'" . DA  A 1 2  ? 9.643   0.874   12.704  1.00 14.82 ? 2   DA  A "C5'" 1 
ATOM   22  C "C4'" . DA  A 1 2  ? 8.458   0.274   13.414  1.00 13.72 ? 2   DA  A "C4'" 1 
ATOM   23  O "O4'" . DA  A 1 2  ? 7.982   1.270   14.340  1.00 13.19 ? 2   DA  A "O4'" 1 
ATOM   24  C "C3'" . DA  A 1 2  ? 7.240   -0.084  12.589  1.00 13.27 ? 2   DA  A "C3'" 1 
ATOM   25  O "O3'" . DA  A 1 2  ? 7.480   -1.358  11.971  1.00 13.29 ? 2   DA  A "O3'" 1 
ATOM   26  C "C2'" . DA  A 1 2  ? 6.180   -0.099  13.608  1.00 11.88 ? 2   DA  A "C2'" 1 
ATOM   27  C "C1'" . DA  A 1 2  ? 6.548   1.122   14.410  1.00 12.12 ? 2   DA  A "C1'" 1 
ATOM   28  N N9    . DA  A 1 2  ? 5.950   2.343   13.888  1.00 12.03 ? 2   DA  A N9    1 
ATOM   29  C C8    . DA  A 1 2  ? 6.519   3.373   13.192  1.00 12.31 ? 2   DA  A C8    1 
ATOM   30  N N7    . DA  A 1 2  ? 5.666   4.305   12.860  1.00 12.72 ? 2   DA  A N7    1 
ATOM   31  C C5    . DA  A 1 2  ? 4.458   3.868   13.364  1.00 11.85 ? 2   DA  A C5    1 
ATOM   32  C C6    . DA  A 1 2  ? 3.173   4.416   13.327  1.00 12.17 ? 2   DA  A C6    1 
ATOM   33  N N6    . DA  A 1 2  ? 2.827   5.582   12.764  1.00 14.05 ? 2   DA  A N6    1 
ATOM   34  N N1    . DA  A 1 2  ? 2.190   3.705   13.920  1.00 12.67 ? 2   DA  A N1    1 
ATOM   35  C C2    . DA  A 1 2  ? 2.491   2.527   14.489  1.00 12.85 ? 2   DA  A C2    1 
ATOM   36  N N3    . DA  A 1 2  ? 3.655   1.903   14.575  1.00 12.45 ? 2   DA  A N3    1 
ATOM   37  C C4    . DA  A 1 2  ? 4.612   2.648   13.977  1.00 12.05 ? 2   DA  A C4    1 
ATOM   38  P P     . DT  A 1 3  ? 6.625   -1.912  10.792  1.00 14.92 ? 3   DT  A P     1 
ATOM   39  O OP1   . DT  A 1 3  ? 7.171   -3.242  10.491  1.00 18.51 ? 3   DT  A OP1   1 
ATOM   40  O OP2   . DT  A 1 3  ? 6.524   -0.907  9.745   1.00 17.45 ? 3   DT  A OP2   1 
ATOM   41  O "O5'" . DT  A 1 3  ? 5.136   -2.060  11.374  1.00 14.69 ? 3   DT  A "O5'" 1 
ATOM   42  C "C5'" . DT  A 1 3  ? 4.716   -3.047  12.337  1.00 15.21 ? 3   DT  A "C5'" 1 
ATOM   43  C "C4'" . DT  A 1 3  ? 3.223   -2.858  12.580  1.00 14.76 ? 3   DT  A "C4'" 1 
ATOM   44  O "O4'" . DT  A 1 3  ? 3.021   -1.557  13.119  1.00 15.38 ? 3   DT  A "O4'" 1 
ATOM   45  C "C3'" . DT  A 1 3  ? 2.313   -2.869  11.370  1.00 14.43 ? 3   DT  A "C3'" 1 
ATOM   46  O "O3'" . DT  A 1 3  ? 2.134   -4.218  10.952  1.00 14.01 ? 3   DT  A "O3'" 1 
ATOM   47  C "C2'" . DT  A 1 3  ? 1.085   -2.211  11.909  1.00 13.98 ? 3   DT  A "C2'" 1 
ATOM   48  C "C1'" . DT  A 1 3  ? 1.707   -1.098  12.695  1.00 14.26 ? 3   DT  A "C1'" 1 
ATOM   49  N N1    . DT  A 1 3  ? 1.906   0.166   11.957  1.00 13.20 ? 3   DT  A N1    1 
ATOM   50  C C2    . DT  A 1 3  ? 0.772   0.931   11.777  1.00 13.02 ? 3   DT  A C2    1 
ATOM   51  O O2    . DT  A 1 3  ? -0.337  0.619   12.226  1.00 14.99 ? 3   DT  A O2    1 
ATOM   52  N N3    . DT  A 1 3  ? 0.977   2.091   11.086  1.00 13.67 ? 3   DT  A N3    1 
ATOM   53  C C4    . DT  A 1 3  ? 2.149   2.576   10.539  1.00 12.88 ? 3   DT  A C4    1 
ATOM   54  O O4    . DT  A 1 3  ? 2.175   3.652   9.923   1.00 14.11 ? 3   DT  A O4    1 
ATOM   55  C C5    . DT  A 1 3  ? 3.280   1.700   10.735  1.00 13.25 ? 3   DT  A C5    1 
ATOM   56  C C7    . DT  A 1 3  ? 4.602   2.135   10.179  1.00 16.37 ? 3   DT  A C7    1 
ATOM   57  C C6    . DT  A 1 3  ? 3.114   0.546   11.406  1.00 13.04 ? 3   DT  A C6    1 
ATOM   58  P P     . DG  A 1 4  ? 1.648   -4.499  9.466   1.00 13.95 ? 4   DG  A P     1 
ATOM   59  O OP1   . DG  A 1 4  ? 1.660   -5.957  9.294   1.00 15.58 ? 4   DG  A OP1   1 
ATOM   60  O OP2   . DG  A 1 4  ? 2.433   -3.631  8.565   1.00 15.30 ? 4   DG  A OP2   1 
ATOM   61  O "O5'" . DG  A 1 4  ? 0.165   -3.928  9.379   1.00 13.13 ? 4   DG  A "O5'" 1 
ATOM   62  C "C5'" . DG  A 1 4  ? -0.854  -4.659  10.085  1.00 12.43 ? 4   DG  A "C5'" 1 
ATOM   63  C "C4'" . DG  A 1 4  ? -2.166  -3.888  10.054  1.00 11.29 ? 4   DG  A "C4'" 1 
ATOM   64  O "O4'" . DG  A 1 4  ? -1.919  -2.604  10.622  1.00 11.17 ? 4   DG  A "O4'" 1 
ATOM   65  C "C3'" . DG  A 1 4  ? -2.763  -3.564  8.707   1.00 10.82 ? 4   DG  A "C3'" 1 
ATOM   66  O "O3'" . DG  A 1 4  ? -3.372  -4.745  8.189   1.00 10.46 ? 4   DG  A "O3'" 1 
ATOM   67  C "C2'" . DG  A 1 4  ? -3.715  -2.473  9.055   1.00 11.26 ? 4   DG  A "C2'" 1 
ATOM   68  C "C1'" . DG  A 1 4  ? -2.859  -1.689  9.987   1.00 11.18 ? 4   DG  A "C1'" 1 
ATOM   69  N N9    . DG  A 1 4  ? -2.049  -0.665  9.337   1.00 10.87 ? 4   DG  A N9    1 
ATOM   70  C C8    . DG  A 1 4  ? -0.711  -0.659  9.063   1.00 10.99 ? 4   DG  A C8    1 
ATOM   71  N N7    . DG  A 1 4  ? -0.335  0.450   8.460   1.00 11.09 ? 4   DG  A N7    1 
ATOM   72  C C5    . DG  A 1 4  ? -1.491  1.210   8.334   1.00 10.23 ? 4   DG  A C5    1 
ATOM   73  C C6    . DG  A 1 4  ? -1.715  2.501   7.772   1.00 9.89  ? 4   DG  A C6    1 
ATOM   74  O O6    . DG  A 1 4  ? -0.887  3.256   7.245   1.00 10.75 ? 4   DG  A O6    1 
ATOM   75  N N1    . DG  A 1 4  ? -3.046  2.882   7.857   1.00 10.17 ? 4   DG  A N1    1 
ATOM   76  C C2    . DG  A 1 4  ? -4.043  2.103   8.430   1.00 9.82  ? 4   DG  A C2    1 
ATOM   77  N N2    . DG  A 1 4  ? -5.265  2.652   8.410   1.00 9.93  ? 4   DG  A N2    1 
ATOM   78  N N3    . DG  A 1 4  ? -3.852  0.911   8.952   1.00 10.31 ? 4   DG  A N3    1 
ATOM   79  C C4    . DG  A 1 4  ? -2.560  0.535   8.868   1.00 10.28 ? 4   DG  A C4    1 
ATOM   80  P P     . DG  A 1 5  ? -3.720  -4.898  6.634   1.00 10.82 ? 5   DG  A P     1 
ATOM   81  O OP1   . DG  A 1 5  ? -4.215  -6.287  6.499   1.00 11.22 ? 5   DG  A OP1   1 
ATOM   82  O OP2   . DG  A 1 5  ? -2.581  -4.431  5.763   1.00 11.83 ? 5   DG  A OP2   1 
ATOM   83  O "O5'" . DG  A 1 5  ? -4.858  -3.843  6.332   1.00 10.85 ? 5   DG  A "O5'" 1 
ATOM   84  C "C5'" . DG  A 1 5  ? -6.191  -4.091  6.882   1.00 10.80 ? 5   DG  A "C5'" 1 
ATOM   85  C "C4'" . DG  A 1 5  ? -7.040  -2.846  6.545   1.00 10.91 ? 5   DG  A "C4'" 1 
ATOM   86  O "O4'" . DG  A 1 5  ? -6.447  -1.714  7.196   1.00 10.52 ? 5   DG  A "O4'" 1 
ATOM   87  C "C3'" . DG  A 1 5  ? -7.117  -2.390  5.119   1.00 11.31 ? 5   DG  A "C3'" 1 
ATOM   88  O "O3'" . DG  A 1 5  ? -8.043  -3.244  4.406   1.00 12.09 ? 5   DG  A "O3'" 1 
ATOM   89  C "C2'" . DG  A 1 5  ? -7.588  -0.997  5.251   1.00 11.08 ? 5   DG  A "C2'" 1 
ATOM   90  C "C1'" . DG  A 1 5  ? -6.683  -0.561  6.380   1.00 10.64 ? 5   DG  A "C1'" 1 
ATOM   91  N N9    . DG  A 1 5  ? -5.399  -0.069  5.897   1.00 9.34  ? 5   DG  A N9    1 
ATOM   92  C C8    . DG  A 1 5  ? -4.187  -0.710  5.946   1.00 9.85  ? 5   DG  A C8    1 
ATOM   93  N N7    . DG  A 1 5  ? -3.234  0.015   5.412   1.00 10.06 ? 5   DG  A N7    1 
ATOM   94  C C5    . DG  A 1 5  ? -3.865  1.175   5.007   1.00 9.15  ? 5   DG  A C5    1 
ATOM   95  C C6    . DG  A 1 5  ? -3.305  2.305   4.360   1.00 8.79  ? 5   DG  A C6    1 
ATOM   96  O O6    . DG  A 1 5  ? -2.114  2.462   4.044   1.00 10.22 ? 5   DG  A O6    1 
ATOM   97  N N1    . DG  A 1 5  ? -4.269  3.271   4.089   1.00 9.08  ? 5   DG  A N1    1 
ATOM   98  C C2    . DG  A 1 5  ? -5.610  3.149   4.416   1.00 8.67  ? 5   DG  A C2    1 
ATOM   99  N N2    . DG  A 1 5  ? -6.401  4.188   4.081   1.00 9.33  ? 5   DG  A N2    1 
ATOM   100 N N3    . DG  A 1 5  ? -6.120  2.100   5.023   1.00 8.74  ? 5   DG  A N3    1 
ATOM   101 C C4    . DG  A 1 5  ? -5.197  1.138   5.294   1.00 8.56  ? 5   DG  A C4    1 
ATOM   102 P P     . DG  A 1 6  ? -7.935  -3.437  2.852   1.00 13.03 ? 6   DG  A P     1 
ATOM   103 O OP1   . DG  A 1 6  ? -9.037  -4.327  2.425   1.00 16.34 ? 6   DG  A OP1   1 
ATOM   104 O OP2   . DG  A 1 6  ? -6.548  -3.760  2.482   1.00 13.64 ? 6   DG  A OP2   1 
ATOM   105 O "O5'" . DG  A 1 6  ? -8.207  -1.994  2.205   1.00 13.24 ? 6   DG  A "O5'" 1 
ATOM   106 C "C5'" . DG  A 1 6  ? -9.498  -1.331  2.354   1.00 13.74 ? 6   DG  A "C5'" 1 
ATOM   107 C "C4'" . DG  A 1 6  ? -9.422  0.065   1.737   1.00 12.75 ? 6   DG  A "C4'" 1 
ATOM   108 O "O4'" . DG  A 1 6  ? -8.445  0.818   2.417   1.00 12.82 ? 6   DG  A "O4'" 1 
ATOM   109 C "C3'" . DG  A 1 6  ? -8.962  0.147   0.291   1.00 12.84 ? 6   DG  A "C3'" 1 
ATOM   110 O "O3'" . DG  A 1 6  ? -10.060 -0.256  -0.523  1.00 13.16 ? 6   DG  A "O3'" 1 
ATOM   111 C "C2'" . DG  A 1 6  ? -8.564  1.572   0.190   1.00 11.94 ? 6   DG  A "C2'" 1 
ATOM   112 C "C1'" . DG  A 1 6  ? -7.872  1.780   1.500   1.00 11.94 ? 6   DG  A "C1'" 1 
ATOM   113 N N9    . DG  A 1 6  ? -6.434  1.535   1.480   1.00 11.40 ? 6   DG  A N9    1 
ATOM   114 C C8    . DG  A 1 6  ? -5.765  0.419   1.898   1.00 11.90 ? 6   DG  A C8    1 
ATOM   115 N N7    . DG  A 1 6  ? -4.475  0.504   1.726   1.00 11.42 ? 6   DG  A N7    1 
ATOM   116 C C5    . DG  A 1 6  ? -4.273  1.754   1.166   1.00 10.38 ? 6   DG  A C5    1 
ATOM   117 C C6    . DG  A 1 6  ? -3.100  2.416   0.766   1.00 10.48 ? 6   DG  A C6    1 
ATOM   118 O O6    . DG  A 1 6  ? -1.928  2.002   0.836   1.00 11.14 ? 6   DG  A O6    1 
ATOM   119 N N1    . DG  A 1 6  ? -3.349  3.671   0.236   1.00 10.89 ? 6   DG  A N1    1 
ATOM   120 C C2    . DG  A 1 6  ? -4.608  4.232   0.108   1.00 11.10 ? 6   DG  A C2    1 
ATOM   121 N N2    . DG  A 1 6  ? -4.666  5.458   -0.427  1.00 11.64 ? 6   DG  A N2    1 
ATOM   122 N N3    . DG  A 1 6  ? -5.738  3.629   0.482   1.00 11.90 ? 6   DG  A N3    1 
ATOM   123 C C4    . DG  A 1 6  ? -5.485  2.407   1.002   1.00 10.77 ? 6   DG  A C4    1 
ATOM   124 P P     . DC  A 1 7  ? -9.871  -0.998  -1.929  1.00 13.19 ? 7   DC  A P     1 
ATOM   125 O OP1   . DC  A 1 7  ? -11.190 -1.499  -2.288  1.00 17.75 ? 7   DC  A OP1   1 
ATOM   126 O OP2   . DC  A 1 7  ? -8.708  -1.882  -1.787  1.00 14.57 ? 7   DC  A OP2   1 
ATOM   127 O "O5'" . DC  A 1 7  ? -9.472  0.141   -2.953  1.00 12.12 ? 7   DC  A "O5'" 1 
ATOM   128 C "C5'" . DC  A 1 7  ? -10.447 1.186   -3.207  1.00 12.80 ? 7   DC  A "C5'" 1 
ATOM   129 C "C4'" . DC  A 1 7  ? -9.725  2.385   -3.818  1.00 12.97 ? 7   DC  A "C4'" 1 
ATOM   130 O "O4'" . DC  A 1 7  ? -8.779  2.865   -2.859  1.00 11.58 ? 7   DC  A "O4'" 1 
ATOM   131 C "C3'" . DC  A 1 7  ? -8.884  2.145   -5.040  1.00 13.31 ? 7   DC  A "C3'" 1 
ATOM   132 O "O3'" . DC  A 1 7  ? -9.731  2.125   -6.181  1.00 15.18 ? 7   DC  A "O3'" 1 
ATOM   133 C "C2'" . DC  A 1 7  ? -7.958  3.316   -4.996  1.00 12.85 ? 7   DC  A "C2'" 1 
ATOM   134 C "C1'" . DC  A 1 7  ? -7.624  3.400   -3.558  1.00 11.77 ? 7   DC  A "C1'" 1 
ATOM   135 N N1    . DC  A 1 7  ? -6.468  2.603   -3.119  1.00 10.60 ? 7   DC  A N1    1 
ATOM   136 C C2    . DC  A 1 7  ? -5.209  3.207   -3.260  1.00 10.66 ? 7   DC  A C2    1 
ATOM   137 O O2    . DC  A 1 7  ? -5.173  4.343   -3.771  1.00 10.86 ? 7   DC  A O2    1 
ATOM   138 N N3    . DC  A 1 7  ? -4.106  2.546   -2.873  1.00 9.82  ? 7   DC  A N3    1 
ATOM   139 C C4    . DC  A 1 7  ? -4.199  1.316   -2.346  1.00 9.04  ? 7   DC  A C4    1 
ATOM   140 N N4    . DC  A 1 7  ? -3.053  0.723   -1.986  1.00 10.28 ? 7   DC  A N4    1 
ATOM   141 C C5    . DC  A 1 7  ? -5.462  0.675   -2.204  1.00 9.88  ? 7   DC  A C5    1 
ATOM   142 C C6    . DC  A 1 7  ? -6.565  1.354   -2.581  1.00 10.57 ? 7   DC  A C6    1 
ATOM   143 P P     . DC  A 1 8  ? -9.204  1.501   -7.563  1.00 17.12 ? 8   DC  A P     1 
ATOM   144 O OP1   . DC  A 1 8  ? -10.342 1.580   -8.505  1.00 21.77 ? 8   DC  A OP1   1 
ATOM   145 O OP2   . DC  A 1 8  ? -8.596  0.202   -7.215  1.00 19.00 ? 8   DC  A OP2   1 
ATOM   146 O "O5'" . DC  A 1 8  ? -8.039  2.427   -8.089  1.00 15.22 ? 8   DC  A "O5'" 1 
ATOM   147 C "C5'" . DC  A 1 8  ? -8.284  3.811   -8.413  1.00 15.62 ? 8   DC  A "C5'" 1 
ATOM   148 C "C4'" . DC  A 1 8  ? -6.911  4.485   -8.646  1.00 14.65 ? 8   DC  A "C4'" 1 
ATOM   149 O "O4'" . DC  A 1 8  ? -6.247  4.434   -7.386  1.00 13.16 ? 8   DC  A "O4'" 1 
ATOM   150 C "C3'" . DC  A 1 8  ? -5.911  3.862   -9.587  1.00 13.86 ? 8   DC  A "C3'" 1 
ATOM   151 O "O3'" . DC  A 1 8  ? -6.231  4.214   -10.918 1.00 15.98 ? 8   DC  A "O3'" 1 
ATOM   152 C "C2'" . DC  A 1 8  ? -4.607  4.446   -9.119  1.00 12.61 ? 8   DC  A "C2'" 1 
ATOM   153 C "C1'" . DC  A 1 8  ? -4.802  4.358   -7.644  1.00 11.99 ? 8   DC  A "C1'" 1 
ATOM   154 N N1    . DC  A 1 8  ? -4.355  3.121   -6.984  1.00 10.63 ? 8   DC  A N1    1 
ATOM   155 C C2    . DC  A 1 8  ? -2.982  3.034   -6.723  1.00 10.39 ? 8   DC  A C2    1 
ATOM   156 O O2    . DC  A 1 8  ? -2.278  3.997   -7.063  1.00 11.14 ? 8   DC  A O2    1 
ATOM   157 N N3    . DC  A 1 8  ? -2.481  1.952   -6.092  1.00 10.18 ? 8   DC  A N3    1 
ATOM   158 C C4    . DC  A 1 8  ? -3.306  0.953   -5.756  1.00 9.78  ? 8   DC  A C4    1 
ATOM   159 N N4    . DC  A 1 8  ? -2.800  -0.121  -5.157  1.00 11.17 ? 8   DC  A N4    1 
ATOM   160 C C5    . DC  A 1 8  ? -4.699  1.000   -6.041  1.00 11.54 ? 8   DC  A C5    1 
ATOM   161 C C6    . DC  A 1 8  ? -5.168  2.097   -6.646  1.00 10.70 ? 8   DC  A C6    1 
ATOM   162 P P     . DC  A 1 9  ? -5.786  3.275   -12.155 1.00 18.57 ? 9   DC  A P     1 
ATOM   163 O OP1   . DC  A 1 9  ? -6.277  3.952   -13.348 1.00 21.65 ? 9   DC  A OP1   1 
ATOM   164 O OP2   . DC  A 1 9  ? -6.104  1.882   -11.860 1.00 20.05 ? 9   DC  A OP2   1 
ATOM   165 O "O5'" . DC  A 1 9  ? -4.185  3.371   -12.056 1.00 17.28 ? 9   DC  A "O5'" 1 
ATOM   166 C "C5'" . DC  A 1 9  ? -3.546  4.596   -12.532 1.00 17.64 ? 9   DC  A "C5'" 1 
ATOM   167 C "C4'" . DC  A 1 9  ? -2.038  4.467   -12.268 1.00 15.29 ? 9   DC  A "C4'" 1 
ATOM   168 O "O4'" . DC  A 1 9  ? -1.855  4.210   -10.865 1.00 14.57 ? 9   DC  A "O4'" 1 
ATOM   169 C "C3'" . DC  A 1 9  ? -1.309  3.336   -12.924 1.00 14.70 ? 9   DC  A "C3'" 1 
ATOM   170 O "O3'" . DC  A 1 9  ? -1.024  3.655   -14.272 1.00 16.05 ? 9   DC  A "O3'" 1 
ATOM   171 C "C2'" . DC  A 1 9  ? -0.063  3.247   -12.109 1.00 14.04 ? 9   DC  A "C2'" 1 
ATOM   172 C "C1'" . DC  A 1 9  ? -0.633  3.414   -10.753 1.00 13.11 ? 9   DC  A "C1'" 1 
ATOM   173 N N1    . DC  A 1 9  ? -1.047  2.166   -10.079 1.00 11.85 ? 9   DC  A N1    1 
ATOM   174 C C2    . DC  A 1 9  ? -0.009  1.396   -9.543  1.00 10.51 ? 9   DC  A C2    1 
ATOM   175 O O2    . DC  A 1 9  ? 1.148   1.809   -9.678  1.00 11.98 ? 9   DC  A O2    1 
ATOM   176 N N3    . DC  A 1 9  ? -0.317  0.261   -8.899  1.00 10.48 ? 9   DC  A N3    1 
ATOM   177 C C4    . DC  A 1 9  ? -1.590  -0.136  -8.804  1.00 10.60 ? 9   DC  A C4    1 
ATOM   178 N N4    . DC  A 1 9  ? -1.813  -1.296  -8.170  1.00 11.13 ? 9   DC  A N4    1 
ATOM   179 C C5    . DC  A 1 9  ? -2.670  0.616   -9.364  1.00 11.00 ? 9   DC  A C5    1 
ATOM   180 C C6    . DC  A 1 9  ? -2.346  1.759   -9.991  1.00 11.91 ? 9   DC  A C6    1 
ATOM   181 P P     . DA  A 1 10 ? -0.961  2.521   -15.397 1.00 16.71 ? 10  DA  A P     1 
ATOM   182 O OP1   . DA  A 1 10 ? -0.726  3.233   -16.673 1.00 19.09 ? 10  DA  A OP1   1 
ATOM   183 O OP2   . DA  A 1 10 ? -2.117  1.676   -15.190 1.00 20.25 ? 10  DA  A OP2   1 
ATOM   184 O "O5'" . DA  A 1 10 ? 0.379   1.665   -15.076 1.00 15.31 ? 10  DA  A "O5'" 1 
ATOM   185 C "C5'" . DA  A 1 10 ? 1.645   2.361   -15.274 1.00 14.85 ? 10  DA  A "C5'" 1 
ATOM   186 C "C4'" . DA  A 1 10 ? 2.739   1.540   -14.596 1.00 13.21 ? 10  DA  A "C4'" 1 
ATOM   187 O "O4'" . DA  A 1 10 ? 2.376   1.392   -13.222 1.00 12.38 ? 10  DA  A "O4'" 1 
ATOM   188 C "C3'" . DA  A 1 10 ? 2.942   0.116   -15.046 1.00 13.18 ? 10  DA  A "C3'" 1 
ATOM   189 O "O3'" . DA  A 1 10 ? 3.660   0.140   -16.287 1.00 15.37 ? 10  DA  A "O3'" 1 
ATOM   190 C "C2'" . DA  A 1 10 ? 3.683   -0.463  -13.900 1.00 12.80 ? 10  DA  A "C2'" 1 
ATOM   191 C "C1'" . DA  A 1 10 ? 2.944   0.149   -12.750 1.00 12.16 ? 10  DA  A "C1'" 1 
ATOM   192 N N9    . DA  A 1 10 ? 1.815   -0.636  -12.237 1.00 12.09 ? 10  DA  A N9    1 
ATOM   193 C C8    . DA  A 1 10 ? 0.473   -0.429  -12.347 1.00 12.26 ? 10  DA  A C8    1 
ATOM   194 N N7    . DA  A 1 10 ? -0.255  -1.363  -11.752 1.00 11.95 ? 10  DA  A N7    1 
ATOM   195 C C5    . DA  A 1 10 ? 0.691   -2.241  -11.220 1.00 10.91 ? 10  DA  A C5    1 
ATOM   196 C C6    . DA  A 1 10 ? 0.592   -3.430  -10.486 1.00 11.00 ? 10  DA  A C6    1 
ATOM   197 N N6    . DA  A 1 10 ? -0.564  -3.983  -10.116 1.00 12.13 ? 10  DA  A N6    1 
ATOM   198 N N1    . DA  A 1 10 ? 1.747   -4.063  -10.136 1.00 11.47 ? 10  DA  A N1    1 
ATOM   199 C C2    . DA  A 1 10 ? 2.915   -3.507  -10.498 1.00 11.44 ? 10  DA  A C2    1 
ATOM   200 N N3    . DA  A 1 10 ? 3.126   -2.396  -11.190 1.00 11.63 ? 10  DA  A N3    1 
ATOM   201 C C4    . DA  A 1 10 ? 1.959   -1.806  -11.517 1.00 10.83 ? 10  DA  A C4    1 
ATOM   202 P P     . DT  A 1 11 ? 3.755   -1.145  -17.234 1.00 17.55 ? 11  DT  A P     1 
ATOM   203 O OP1   . DT  A 1 11 ? 4.590   -0.730  -18.355 1.00 19.82 ? 11  DT  A OP1   1 
ATOM   204 O OP2   . DT  A 1 11 ? 2.405   -1.723  -17.414 1.00 19.96 ? 11  DT  A OP2   1 
ATOM   205 O "O5'" . DT  A 1 11 ? 4.551   -2.216  -16.349 1.00 16.57 ? 11  DT  A "O5'" 1 
ATOM   206 C "C5'" . DT  A 1 11 ? 5.983   -2.074  -16.111 1.00 16.31 ? 11  DT  A "C5'" 1 
ATOM   207 C "C4'" . DT  A 1 11 ? 6.378   -3.350  -15.336 1.00 14.74 ? 11  DT  A "C4'" 1 
ATOM   208 O "O4'" . DT  A 1 11 ? 5.626   -3.465  -14.121 1.00 14.34 ? 11  DT  A "O4'" 1 
ATOM   209 C "C3'" . DT  A 1 11 ? 6.091   -4.666  -16.014 1.00 14.07 ? 11  DT  A "C3'" 1 
ATOM   210 O "O3'" . DT  A 1 11 ? 7.112   -4.865  -17.000 1.00 15.11 ? 11  DT  A "O3'" 1 
ATOM   211 C "C2'" . DT  A 1 11 ? 6.133   -5.651  -14.924 1.00 13.71 ? 11  DT  A "C2'" 1 
ATOM   212 C "C1'" . DT  A 1 11 ? 5.489   -4.881  -13.825 1.00 13.50 ? 11  DT  A "C1'" 1 
ATOM   213 N N1    . DT  A 1 11 ? 4.035   -5.090  -13.641 1.00 13.54 ? 11  DT  A N1    1 
ATOM   214 C C2    . DT  A 1 11 ? 3.674   -6.195  -12.908 1.00 12.74 ? 11  DT  A C2    1 
ATOM   215 O O2    . DT  A 1 11 ? 4.513   -6.956  -12.431 1.00 14.66 ? 11  DT  A O2    1 
ATOM   216 N N3    . DT  A 1 11 ? 2.318   -6.340  -12.751 1.00 13.03 ? 11  DT  A N3    1 
ATOM   217 C C4    . DT  A 1 11 ? 1.327   -5.499  -13.236 1.00 13.35 ? 11  DT  A C4    1 
ATOM   218 O O4    . DT  A 1 11 ? 0.137   -5.767  -13.032 1.00 14.58 ? 11  DT  A O4    1 
ATOM   219 C C5    . DT  A 1 11 ? 1.785   -4.376  -14.027 1.00 14.15 ? 11  DT  A C5    1 
ATOM   220 C C7    . DT  A 1 11 ? 0.768   -3.437  -14.596 1.00 17.51 ? 11  DT  A C7    1 
ATOM   221 C C6    . DT  A 1 11 ? 3.099   -4.230  -14.178 1.00 13.32 ? 11  DT  A C6    1 
ATOM   222 P P     . DG  A 1 12 ? 6.828   -5.913  -18.177 1.00 15.94 ? 12  DG  A P     1 
ATOM   223 O OP1   . DG  A 1 12 ? 7.960   -5.770  -19.104 1.00 18.22 ? 12  DG  A OP1   1 
ATOM   224 O OP2   . DG  A 1 12 ? 5.438   -5.794  -18.617 1.00 18.61 ? 12  DG  A OP2   1 
ATOM   225 O "O5'" . DG  A 1 12 ? 6.938   -7.339  -17.486 1.00 14.04 ? 12  DG  A "O5'" 1 
ATOM   226 C "C5'" . DG  A 1 12 ? 8.233   -7.801  -16.947 1.00 13.69 ? 12  DG  A "C5'" 1 
ATOM   227 C "C4'" . DG  A 1 12 ? 8.036   -9.279  -16.677 1.00 12.09 ? 12  DG  A "C4'" 1 
ATOM   228 O "O4'" . DG  A 1 12 ? 7.010   -9.436  -15.678 1.00 12.06 ? 12  DG  A "O4'" 1 
ATOM   229 C "C3'" . DG  A 1 12 ? 7.580   -10.104 -17.872 1.00 12.93 ? 12  DG  A "C3'" 1 
ATOM   230 O "O3'" . DG  A 1 12 ? 8.427   -11.258 -17.943 1.00 16.67 ? 12  DG  A "O3'" 1 
ATOM   231 C "C2'" . DG  A 1 12 ? 6.181   -10.432 -17.596 1.00 12.35 ? 12  DG  A "C2'" 1 
ATOM   232 C "C1'" . DG  A 1 12 ? 6.044   -10.331 -16.059 1.00 11.21 ? 12  DG  A "C1'" 1 
ATOM   233 N N9    . DG  A 1 12 ? 4.698   -9.872  -15.723 1.00 10.29 ? 12  DG  A N9    1 
ATOM   234 C C8    . DG  A 1 12 ? 4.070   -8.725  -16.125 1.00 10.55 ? 12  DG  A C8    1 
ATOM   235 N N7    . DG  A 1 12 ? 2.853   -8.582  -15.652 1.00 10.66 ? 12  DG  A N7    1 
ATOM   236 C C5    . DG  A 1 12 ? 2.673   -9.741  -14.899 1.00 11.08 ? 12  DG  A C5    1 
ATOM   237 C C6    . DG  A 1 12 ? 1.569   -10.198 -14.151 1.00 10.53 ? 12  DG  A C6    1 
ATOM   238 O O6    . DG  A 1 12 ? 0.508   -9.629  -14.008 1.00 11.70 ? 12  DG  A O6    1 
ATOM   239 N N1    . DG  A 1 12 ? 1.803   -11.426 -13.524 1.00 11.25 ? 12  DG  A N1    1 
ATOM   240 C C2    . DG  A 1 12 ? 2.977   -12.140 -13.629 1.00 10.40 ? 12  DG  A C2    1 
ATOM   241 N N2    . DG  A 1 12 ? 3.048   -13.308 -12.965 1.00 10.51 ? 12  DG  A N2    1 
ATOM   242 N N3    . DG  A 1 12 ? 4.007   -11.724 -14.328 1.00 10.36 ? 12  DG  A N3    1 
ATOM   243 C C4    . DG  A 1 12 ? 3.805   -10.541 -14.932 1.00 10.47 ? 12  DG  A C4    1 
ATOM   244 O "O5'" . DC  B 1 1  ? -5.162  -16.010 -10.655 1.00 14.50 ? 13  DC  B "O5'" 1 
ATOM   245 C "C5'" . DC  B 1 1  ? -4.633  -17.352 -10.363 1.00 13.45 ? 13  DC  B "C5'" 1 
ATOM   246 C "C4'" . DC  B 1 1  ? -3.104  -17.303 -10.248 1.00 11.93 ? 13  DC  B "C4'" 1 
ATOM   247 O "O4'" . DC  B 1 1  ? -2.533  -16.923 -11.506 1.00 11.73 ? 13  DC  B "O4'" 1 
ATOM   248 C "C3'" . DC  B 1 1  ? -2.498  -16.285 -9.306  1.00 11.91 ? 13  DC  B "C3'" 1 
ATOM   249 O "O3'" . DC  B 1 1  ? -2.710  -16.776 -7.982  1.00 13.09 ? 13  DC  B "O3'" 1 
ATOM   250 C "C2'" . DC  B 1 1  ? -1.099  -16.249 -9.791  1.00 11.17 ? 13  DC  B "C2'" 1 
ATOM   251 C "C1'" . DC  B 1 1  ? -1.336  -16.145 -11.271 1.00 11.26 ? 13  DC  B "C1'" 1 
ATOM   252 N N1    . DC  B 1 1  ? -1.551  -14.775 -11.772 1.00 10.79 ? 13  DC  B N1    1 
ATOM   253 C C2    . DC  B 1 1  ? -0.436  -13.971 -12.009 1.00 10.08 ? 13  DC  B C2    1 
ATOM   254 O O2    . DC  B 1 1  ? 0.675   -14.464 -11.812 1.00 10.17 ? 13  DC  B O2    1 
ATOM   255 N N3    . DC  B 1 1  ? -0.592  -12.693 -12.445 1.00 11.30 ? 13  DC  B N3    1 
ATOM   256 C C4    . DC  B 1 1  ? -1.809  -12.202 -12.628 1.00 12.01 ? 13  DC  B C4    1 
ATOM   257 N N4    . DC  B 1 1  ? -1.971  -10.957 -13.066 1.00 14.05 ? 13  DC  B N4    1 
ATOM   258 C C5    . DC  B 1 1  ? -2.971  -12.985 -12.377 1.00 11.94 ? 13  DC  B C5    1 
ATOM   259 C C6    . DC  B 1 1  ? -2.796  -14.244 -11.947 1.00 11.42 ? 13  DC  B C6    1 
ATOM   260 P P     . DA  B 1 2  ? -2.641  -15.822 -6.718  1.00 13.50 ? 14  DA  B P     1 
ATOM   261 O OP1   . DA  B 1 2  ? -2.984  -16.711 -5.564  1.00 16.31 ? 14  DA  B OP1   1 
ATOM   262 O OP2   . DA  B 1 2  ? -3.448  -14.632 -7.028  1.00 15.22 ? 14  DA  B OP2   1 
ATOM   263 O "O5'" . DA  B 1 2  ? -1.109  -15.474 -6.615  1.00 13.93 ? 14  DA  B "O5'" 1 
ATOM   264 C "C5'" . DA  B 1 2  ? -0.666  -14.164 -6.125  1.00 13.69 ? 14  DA  B "C5'" 1 
ATOM   265 C "C4'" . DA  B 1 2  ? 0.752   -13.974 -6.662  1.00 13.80 ? 14  DA  B "C4'" 1 
ATOM   266 O "O4'" . DA  B 1 2  ? 0.720   -13.961 -8.091  1.00 14.95 ? 14  DA  B "O4'" 1 
ATOM   267 C "C3'" . DA  B 1 2  ? 1.424   -12.668 -6.307  1.00 14.33 ? 14  DA  B "C3'" 1 
ATOM   268 O "O3'" . DA  B 1 2  ? 2.044   -12.790 -5.029  1.00 15.71 ? 14  DA  B "O3'" 1 
ATOM   269 C "C2'" . DA  B 1 2  ? 2.397   -12.482 -7.426  1.00 14.62 ? 14  DA  B "C2'" 1 
ATOM   270 C "C1'" . DA  B 1 2  ? 1.579   -12.953 -8.600  1.00 14.24 ? 14  DA  B "C1'" 1 
ATOM   271 N N9    . DA  B 1 2  ? 0.715   -11.921 -9.180  1.00 13.84 ? 14  DA  B N9    1 
ATOM   272 C C8    . DA  B 1 2  ? -0.646  -11.803 -9.155  1.00 14.43 ? 14  DA  B C8    1 
ATOM   273 N N7    . DA  B 1 2  ? -1.087  -10.724 -9.771  1.00 15.19 ? 14  DA  B N7    1 
ATOM   274 C C5    . DA  B 1 2  ? 0.066   -10.097 -10.223 1.00 13.41 ? 14  DA  B C5    1 
ATOM   275 C C6    . DA  B 1 2  ? 0.294   -8.917  -10.935 1.00 12.16 ? 14  DA  B C6    1 
ATOM   276 N N6    . DA  B 1 2  ? -0.698  -8.130  -11.357 1.00 14.39 ? 14  DA  B N6    1 
ATOM   277 N N1    . DA  B 1 2  ? 1.564   -8.577  -11.232 1.00 11.93 ? 14  DA  B N1    1 
ATOM   278 C C2    . DA  B 1 2  ? 2.555   -9.374  -10.817 1.00 11.95 ? 14  DA  B C2    1 
ATOM   279 N N3    . DA  B 1 2  ? 2.467   -10.511 -10.135 1.00 12.72 ? 14  DA  B N3    1 
ATOM   280 C C4    . DA  B 1 2  ? 1.187   -10.819 -9.858  1.00 13.03 ? 14  DA  B C4    1 
ATOM   281 P P     . DT  B 1 3  ? 2.378   -11.558 -4.115  1.00 16.83 ? 15  DT  B P     1 
ATOM   282 O OP1   . DT  B 1 3  ? 3.123   -12.040 -2.941  1.00 22.32 ? 15  DT  B OP1   1 
ATOM   283 O OP2   . DT  B 1 3  ? 1.080   -10.893 -3.956  1.00 19.59 ? 15  DT  B OP2   1 
ATOM   284 O "O5'" . DT  B 1 3  ? 3.329   -10.623 -4.990  1.00 16.99 ? 15  DT  B "O5'" 1 
ATOM   285 C "C5'" . DT  B 1 3  ? 4.719   -11.021 -5.134  1.00 16.76 ? 15  DT  B "C5'" 1 
ATOM   286 C "C4'" . DT  B 1 3  ? 5.382   -9.985  -6.025  1.00 15.21 ? 15  DT  B "C4'" 1 
ATOM   287 O "O4'" . DT  B 1 3  ? 4.662   -9.887  -7.253  1.00 14.92 ? 15  DT  B "O4'" 1 
ATOM   288 C "C3'" . DT  B 1 3  ? 5.371   -8.550  -5.548  1.00 15.12 ? 15  DT  B "C3'" 1 
ATOM   289 O "O3'" . DT  B 1 3  ? 6.349   -8.467  -4.515  1.00 16.43 ? 15  DT  B "O3'" 1 
ATOM   290 C "C2'" . DT  B 1 3  ? 5.679   -7.829  -6.796  1.00 14.44 ? 15  DT  B "C2'" 1 
ATOM   291 C "C1'" . DT  B 1 3  ? 4.784   -8.550  -7.756  1.00 13.59 ? 15  DT  B "C1'" 1 
ATOM   292 N N1    . DT  B 1 3  ? 3.421   -7.986  -7.870  1.00 13.42 ? 15  DT  B N1    1 
ATOM   293 C C2    . DT  B 1 3  ? 3.282   -6.847  -8.621  1.00 12.86 ? 15  DT  B C2    1 
ATOM   294 O O2    . DT  B 1 3  ? 4.215   -6.276  -9.181  1.00 13.00 ? 15  DT  B O2    1 
ATOM   295 N N3    . DT  B 1 3  ? 1.999   -6.356  -8.698  1.00 12.37 ? 15  DT  B N3    1 
ATOM   296 C C4    . DT  B 1 3  ? 0.866   -6.902  -8.146  1.00 12.39 ? 15  DT  B C4    1 
ATOM   297 O O4    . DT  B 1 3  ? -0.232  -6.361  -8.297  1.00 13.65 ? 15  DT  B O4    1 
ATOM   298 C C5    . DT  B 1 3  ? 1.079   -8.100  -7.368  1.00 12.66 ? 15  DT  B C5    1 
ATOM   299 C C7    . DT  B 1 3  ? -0.134  -8.710  -6.716  1.00 14.15 ? 15  DT  B C7    1 
ATOM   300 C C6    . DT  B 1 3  ? 2.326   -8.581  -7.279  1.00 13.34 ? 15  DT  B C6    1 
ATOM   301 P P     . DG  B 1 4  ? 6.234   -7.360  -3.389  1.00 16.96 ? 16  DG  B P     1 
ATOM   302 O OP1   . DG  B 1 4  ? 7.345   -7.580  -2.478  1.00 21.91 ? 16  DG  B OP1   1 
ATOM   303 O OP2   . DG  B 1 4  ? 4.859   -7.339  -2.872  1.00 19.26 ? 16  DG  B OP2   1 
ATOM   304 O "O5'" . DG  B 1 4  ? 6.471   -5.965  -4.126  1.00 14.02 ? 16  DG  B "O5'" 1 
ATOM   305 C "C5'" . DG  B 1 4  ? 7.829   -5.746  -4.592  1.00 14.01 ? 16  DG  B "C5'" 1 
ATOM   306 C "C4'" . DG  B 1 4  ? 7.810   -4.499  -5.496  1.00 12.76 ? 16  DG  B "C4'" 1 
ATOM   307 O "O4'" . DG  B 1 4  ? 6.924   -4.736  -6.601  1.00 12.50 ? 16  DG  B "O4'" 1 
ATOM   308 C "C3'" . DG  B 1 4  ? 7.276   -3.211  -4.930  1.00 12.25 ? 16  DG  B "C3'" 1 
ATOM   309 O "O3'" . DG  B 1 4  ? 8.268   -2.587  -4.099  1.00 11.77 ? 16  DG  B "O3'" 1 
ATOM   310 C "C2'" . DG  B 1 4  ? 7.011   -2.438  -6.155  1.00 12.10 ? 16  DG  B "C2'" 1 
ATOM   311 C "C1'" . DG  B 1 4  ? 6.339   -3.464  -6.982  1.00 11.77 ? 16  DG  B "C1'" 1 
ATOM   312 N N9    . DG  B 1 4  ? 4.896   -3.583  -6.763  1.00 11.30 ? 16  DG  B N9    1 
ATOM   313 C C8    . DG  B 1 4  ? 4.200   -4.539  -6.076  1.00 11.26 ? 16  DG  B C8    1 
ATOM   314 N N7    . DG  B 1 4  ? 2.909   -4.307  -6.108  1.00 11.59 ? 16  DG  B N7    1 
ATOM   315 C C5    . DG  B 1 4  ? 2.758   -3.140  -6.846  1.00 10.97 ? 16  DG  B C5    1 
ATOM   316 C C6    . DG  B 1 4  ? 1.598   -2.412  -7.204  1.00 10.81 ? 16  DG  B C6    1 
ATOM   317 O O6    . DG  B 1 4  ? 0.416   -2.662  -6.929  1.00 10.56 ? 16  DG  B O6    1 
ATOM   318 N N1    . DG  B 1 4  ? 1.879   -1.283  -7.969  1.00 10.16 ? 16  DG  B N1    1 
ATOM   319 C C2    . DG  B 1 4  ? 3.160   -0.909  -8.315  1.00 10.14 ? 16  DG  B C2    1 
ATOM   320 N N2    . DG  B 1 4  ? 3.281   0.193   -9.041  1.00 11.28 ? 16  DG  B N2    1 
ATOM   321 N N3    . DG  B 1 4  ? 4.268   -1.581  -7.996  1.00 10.19 ? 16  DG  B N3    1 
ATOM   322 C C4    . DG  B 1 4  ? 3.982   -2.682  -7.260  1.00 10.61 ? 16  DG  B C4    1 
ATOM   323 P P     . DG  B 1 5  ? 7.824   -1.568  -2.946  1.00 11.75 ? 17  DG  B P     1 
ATOM   324 O OP1   . DG  B 1 5  ? 9.058   -1.282  -2.227  1.00 12.78 ? 17  DG  B OP1   1 
ATOM   325 O OP2   . DG  B 1 5  ? 6.600   -2.068  -2.282  1.00 13.68 ? 17  DG  B OP2   1 
ATOM   326 O "O5'" . DG  B 1 5  ? 7.303   -0.270  -3.728  1.00 11.17 ? 17  DG  B "O5'" 1 
ATOM   327 C "C5'" . DG  B 1 5  ? 8.254   0.476   -4.519  1.00 10.48 ? 17  DG  B "C5'" 1 
ATOM   328 C "C4'" . DG  B 1 5  ? 7.494   1.540   -5.297  1.00 10.52 ? 17  DG  B "C4'" 1 
ATOM   329 O "O4'" . DG  B 1 5  ? 6.501   0.896   -6.133  1.00 10.41 ? 17  DG  B "O4'" 1 
ATOM   330 C "C3'" . DG  B 1 5  ? 6.682   2.534   -4.503  1.00 10.07 ? 17  DG  B "C3'" 1 
ATOM   331 O "O3'" . DG  B 1 5  ? 7.536   3.521   -3.968  1.00 11.08 ? 17  DG  B "O3'" 1 
ATOM   332 C "C2'" . DG  B 1 5  ? 5.757   3.052   -5.559  1.00 9.50  ? 17  DG  B "C2'" 1 
ATOM   333 C "C1'" . DG  B 1 5  ? 5.360   1.797   -6.234  1.00 9.67  ? 17  DG  B "C1'" 1 
ATOM   334 N N9    . DG  B 1 5  ? 4.244   1.072   -5.640  1.00 9.54  ? 17  DG  B N9    1 
ATOM   335 C C8    . DG  B 1 5  ? 4.273   -0.048  -4.843  1.00 9.76  ? 17  DG  B C8    1 
ATOM   336 N N7    . DG  B 1 5  ? 3.084   -0.432  -4.476  1.00 10.19 ? 17  DG  B N7    1 
ATOM   337 C C5    . DG  B 1 5  ? 2.218   0.471   -5.059  1.00 9.13  ? 17  DG  B C5    1 
ATOM   338 C C6    . DG  B 1 5  ? 0.801   0.548   -5.022  1.00 9.11  ? 17  DG  B C6    1 
ATOM   339 O O6    . DG  B 1 5  ? 0.007   -0.186  -4.441  1.00 10.49 ? 17  DG  B O6    1 
ATOM   340 N N1    . DG  B 1 5  ? 0.321   1.634   -5.752  1.00 8.64  ? 17  DG  B N1    1 
ATOM   341 C C2    . DG  B 1 5  ? 1.115   2.523   -6.429  1.00 9.07  ? 17  DG  B C2    1 
ATOM   342 N N2    . DG  B 1 5  ? 0.468   3.507   -7.081  1.00 9.61  ? 17  DG  B N2    1 
ATOM   343 N N3    . DG  B 1 5  ? 2.443   2.457   -6.481  1.00 9.01  ? 17  DG  B N3    1 
ATOM   344 C C4    . DG  B 1 5  ? 2.917   1.413   -5.785  1.00 9.16  ? 17  DG  B C4    1 
ATOM   345 P P     . DG  B 1 6  ? 7.099   4.404   -2.716  1.00 11.47 ? 18  DG  B P     1 
ATOM   346 O OP1   . DG  B 1 6  ? 8.290   5.171   -2.354  1.00 13.33 ? 18  DG  B OP1   1 
ATOM   347 O OP2   . DG  B 1 6  ? 6.460   3.515   -1.732  1.00 13.04 ? 18  DG  B OP2   1 
ATOM   348 O "O5'" . DG  B 1 6  ? 5.947   5.344   -3.314  1.00 11.12 ? 18  DG  B "O5'" 1 
ATOM   349 C "C5'" . DG  B 1 6  ? 6.193   6.413   -4.279  1.00 10.96 ? 18  DG  B "C5'" 1 
ATOM   350 C "C4'" . DG  B 1 6  ? 4.835   7.042   -4.610  1.00 11.02 ? 18  DG  B "C4'" 1 
ATOM   351 O "O4'" . DG  B 1 6  ? 3.978   6.046   -5.203  1.00 10.79 ? 18  DG  B "O4'" 1 
ATOM   352 C "C3'" . DG  B 1 6  ? 4.008   7.580   -3.450  1.00 11.32 ? 18  DG  B "C3'" 1 
ATOM   353 O "O3'" . DG  B 1 6  ? 4.517   8.844   -3.071  1.00 12.62 ? 18  DG  B "O3'" 1 
ATOM   354 C "C2'" . DG  B 1 6  ? 2.650   7.623   -4.042  1.00 11.29 ? 18  DG  B "C2'" 1 
ATOM   355 C "C1'" . DG  B 1 6  ? 2.611   6.346   -4.825  1.00 10.97 ? 18  DG  B "C1'" 1 
ATOM   356 N N9    . DG  B 1 6  ? 2.116   5.180   -4.090  1.00 10.09 ? 18  DG  B N9    1 
ATOM   357 C C8    . DG  B 1 6  ? 2.869   4.215   -3.462  1.00 10.35 ? 18  DG  B C8    1 
ATOM   358 N N7    . DG  B 1 6  ? 2.135   3.308   -2.885  1.00 10.00 ? 18  DG  B N7    1 
ATOM   359 C C5    . DG  B 1 6  ? 0.830   3.693   -3.147  1.00 9.34  ? 18  DG  B C5    1 
ATOM   360 C C6    . DG  B 1 6  ? -0.391  3.094   -2.784  1.00 8.74  ? 18  DG  B C6    1 
ATOM   361 O O6    . DG  B 1 6  ? -0.600  2.078   -2.135  1.00 9.35  ? 18  DG  B O6    1 
ATOM   362 N N1    . DG  B 1 6  ? -1.470  3.816   -3.254  1.00 8.78  ? 18  DG  B N1    1 
ATOM   363 C C2    . DG  B 1 6  ? -1.397  4.975   -3.980  1.00 8.88  ? 18  DG  B C2    1 
ATOM   364 N N2    . DG  B 1 6  ? -2.578  5.519   -4.341  1.00 10.08 ? 18  DG  B N2    1 
ATOM   365 N N3    . DG  B 1 6  ? -0.260  5.546   -4.338  1.00 9.27  ? 18  DG  B N3    1 
ATOM   366 C C4    . DG  B 1 6  ? 0.807   4.857   -3.888  1.00 9.15  ? 18  DG  B C4    1 
ATOM   367 P P     . DC  B 1 7  ? 4.601   9.222   -1.513  1.00 13.82 ? 19  DC  B P     1 
ATOM   368 O OP1   . DC  B 1 7  ? 5.438   10.425  -1.455  1.00 17.87 ? 19  DC  B OP1   1 
ATOM   369 O OP2   . DC  B 1 7  ? 4.981   8.057   -0.726  1.00 16.41 ? 19  DC  B OP2   1 
ATOM   370 O "O5'" . DC  B 1 7  ? 3.104   9.588   -1.129  1.00 12.40 ? 19  DC  B "O5'" 1 
ATOM   371 C "C5'" . DC  B 1 7  ? 2.423   10.705  -1.756  1.00 12.42 ? 19  DC  B "C5'" 1 
ATOM   372 C "C4'" . DC  B 1 7  ? 0.909   10.479  -1.696  1.00 12.04 ? 19  DC  B "C4'" 1 
ATOM   373 O "O4'" . DC  B 1 7  ? 0.614   9.225   -2.307  1.00 11.86 ? 19  DC  B "O4'" 1 
ATOM   374 C "C3'" . DC  B 1 7  ? 0.231   10.320  -0.352  1.00 11.27 ? 19  DC  B "C3'" 1 
ATOM   375 O "O3'" . DC  B 1 7  ? 0.064   11.623  0.195   1.00 11.77 ? 19  DC  B "O3'" 1 
ATOM   376 C "C2'" . DC  B 1 7  ? -1.031  9.643   -0.720  1.00 10.68 ? 19  DC  B "C2'" 1 
ATOM   377 C "C1'" . DC  B 1 7  ? -0.554  8.658   -1.732  1.00 10.81 ? 19  DC  B "C1'" 1 
ATOM   378 N N1    . DC  B 1 7  ? -0.164  7.353   -1.159  1.00 10.75 ? 19  DC  B N1    1 
ATOM   379 C C2    . DC  B 1 7  ? -1.234  6.499   -0.861  1.00 10.26 ? 19  DC  B C2    1 
ATOM   380 O O2    . DC  B 1 7  ? -2.365  6.890   -1.151  1.00 11.77 ? 19  DC  B O2    1 
ATOM   381 N N3    . DC  B 1 7  ? -1.003  5.280   -0.320  1.00 10.26 ? 19  DC  B N3    1 
ATOM   382 C C4    . DC  B 1 7  ? 0.252   4.924   -0.042  1.00 9.82  ? 19  DC  B C4    1 
ATOM   383 N N4    . DC  B 1 7  ? 0.391   3.714   0.508   1.00 10.68 ? 19  DC  B N4    1 
ATOM   384 C C5    . DC  B 1 7  ? 1.353   5.791   -0.273  1.00 11.15 ? 19  DC  B C5    1 
ATOM   385 C C6    . DC  B 1 7  ? 1.116   7.008   -0.829  1.00 10.72 ? 19  DC  B C6    1 
ATOM   386 P P     . DC  B 1 8  ? -0.289  11.829  1.712   1.00 11.89 ? 20  DC  B P     1 
ATOM   387 O OP1   . DC  B 1 8  ? -0.200  13.279  1.890   1.00 15.44 ? 20  DC  B OP1   1 
ATOM   388 O OP2   . DC  B 1 8  ? 0.523   10.903  2.551   1.00 13.68 ? 20  DC  B OP2   1 
ATOM   389 O "O5'" . DC  B 1 8  ? -1.783  11.299  1.881   1.00 11.30 ? 20  DC  B "O5'" 1 
ATOM   390 C "C5'" . DC  B 1 8  ? -2.885  11.963  1.183   1.00 11.09 ? 20  DC  B "C5'" 1 
ATOM   391 C "C4'" . DC  B 1 8  ? -4.158  11.144  1.415   1.00 10.97 ? 20  DC  B "C4'" 1 
ATOM   392 O "O4'" . DC  B 1 8  ? -3.982  9.836   0.826   1.00 10.51 ? 20  DC  B "O4'" 1 
ATOM   393 C "C3'" . DC  B 1 8  ? -4.537  10.855  2.842   1.00 10.77 ? 20  DC  B "C3'" 1 
ATOM   394 O "O3'" . DC  B 1 8  ? -5.196  12.003  3.389   1.00 12.16 ? 20  DC  B "O3'" 1 
ATOM   395 C "C2'" . DC  B 1 8  ? -5.425  9.674   2.703   1.00 10.55 ? 20  DC  B "C2'" 1 
ATOM   396 C "C1'" . DC  B 1 8  ? -4.709  8.874   1.683   1.00 10.12 ? 20  DC  B "C1'" 1 
ATOM   397 N N1    . DC  B 1 8  ? -3.677  7.906   2.124   1.00 9.99  ? 20  DC  B N1    1 
ATOM   398 C C2    . DC  B 1 8  ? -4.138  6.662   2.574   1.00 10.36 ? 20  DC  B C2    1 
ATOM   399 O O2    . DC  B 1 8  ? -5.363  6.476   2.607   1.00 10.27 ? 20  DC  B O2    1 
ATOM   400 N N3    . DC  B 1 8  ? -3.250  5.722   2.970   1.00 9.84  ? 20  DC  B N3    1 
ATOM   401 C C4    . DC  B 1 8  ? -1.954  5.981   2.927   1.00 9.76  ? 20  DC  B C4    1 
ATOM   402 N N4    . DC  B 1 8  ? -1.091  5.041   3.306   1.00 10.33 ? 20  DC  B N4    1 
ATOM   403 C C5    . DC  B 1 8  ? -1.463  7.231   2.473   1.00 10.61 ? 20  DC  B C5    1 
ATOM   404 C C6    . DC  B 1 8  ? -2.346  8.177   2.080   1.00 10.25 ? 20  DC  B C6    1 
ATOM   405 P P     . DC  B 1 9  ? -5.181  12.266  4.941   1.00 13.44 ? 21  DC  B P     1 
ATOM   406 O OP1   . DC  B 1 9  ? -6.025  13.454  5.160   1.00 15.68 ? 21  DC  B OP1   1 
ATOM   407 O OP2   . DC  B 1 9  ? -3.793  12.270  5.459   1.00 14.66 ? 21  DC  B OP2   1 
ATOM   408 O "O5'" . DC  B 1 9  ? -5.879  10.960  5.593   1.00 12.54 ? 21  DC  B "O5'" 1 
ATOM   409 C "C5'" . DC  B 1 9  ? -7.298  10.784  5.315   1.00 12.27 ? 21  DC  B "C5'" 1 
ATOM   410 C "C4'" . DC  B 1 9  ? -7.750  9.434   5.886   1.00 11.97 ? 21  DC  B "C4'" 1 
ATOM   411 O "O4'" . DC  B 1 9  ? -7.055  8.363   5.227   1.00 10.44 ? 21  DC  B "O4'" 1 
ATOM   412 C "C3'" . DC  B 1 9  ? -7.457  9.189   7.346   1.00 12.43 ? 21  DC  B "C3'" 1 
ATOM   413 O "O3'" . DC  B 1 9  ? -8.455  9.894   8.088   1.00 13.71 ? 21  DC  B "O3'" 1 
ATOM   414 C "C2'" . DC  B 1 9  ? -7.534  7.723   7.464   1.00 12.35 ? 21  DC  B "C2'" 1 
ATOM   415 C "C1'" . DC  B 1 9  ? -6.880  7.284   6.209   1.00 10.79 ? 21  DC  B "C1'" 1 
ATOM   416 N N1    . DC  B 1 9  ? -5.424  7.038   6.268   1.00 10.55 ? 21  DC  B N1    1 
ATOM   417 C C2    . DC  B 1 9  ? -5.030  5.800   6.772   1.00 10.82 ? 21  DC  B C2    1 
ATOM   418 O O2    . DC  B 1 9  ? -5.914  5.004   7.150   1.00 11.19 ? 21  DC  B O2    1 
ATOM   419 N N3    . DC  B 1 9  ? -3.727  5.491   6.830   1.00 10.15 ? 21  DC  B N3    1 
ATOM   420 C C4    . DC  B 1 9  ? -2.805  6.364   6.427   1.00 10.23 ? 21  DC  B C4    1 
ATOM   421 N N4    . DC  B 1 9  ? -1.526  6.001   6.539   1.00 10.01 ? 21  DC  B N4    1 
ATOM   422 C C5    . DC  B 1 9  ? -3.162  7.660   5.923   1.00 10.13 ? 21  DC  B C5    1 
ATOM   423 C C6    . DC  B 1 9  ? -4.482  7.936   5.859   1.00 10.64 ? 21  DC  B C6    1 
ATOM   424 P P     . DA  B 1 10 ? -8.281  10.251  9.609   1.00 17.33 ? 22  DA  B P     1 
ATOM   425 O OP1   . DA  B 1 10 ? -9.457  11.064  9.949   1.00 20.94 ? 22  DA  B OP1   1 
ATOM   426 O OP2   . DA  B 1 10 ? -6.899  10.713  9.813   1.00 21.22 ? 22  DA  B OP2   1 
ATOM   427 O "O5'" . DA  B 1 10 ? -8.412  8.824   10.294  1.00 17.75 ? 22  DA  B "O5'" 1 
ATOM   428 C "C5'" . DA  B 1 10 ? -7.609  8.442   11.417  1.00 17.57 ? 22  DA  B "C5'" 1 
ATOM   429 C "C4'" . DA  B 1 10 ? -7.595  6.920   11.541  1.00 16.47 ? 22  DA  B "C4'" 1 
ATOM   430 O "O4'" . DA  B 1 10 ? -6.960  6.372   10.411  1.00 16.47 ? 22  DA  B "O4'" 1 
ATOM   431 C "C3'" . DA  B 1 10 ? -6.794  6.392   12.722  1.00 17.56 ? 22  DA  B "C3'" 1 
ATOM   432 O "O3'" . DA  B 1 10 ? -7.647  6.441   13.871  1.00 18.91 ? 22  DA  B "O3'" 1 
ATOM   433 C "C2'" . DA  B 1 10 ? -6.410  5.040   12.293  1.00 17.30 ? 22  DA  B "C2'" 1 
ATOM   434 C "C1'" . DA  B 1 10 ? -6.113  5.283   10.837  1.00 15.93 ? 22  DA  B "C1'" 1 
ATOM   435 N N9    . DA  B 1 10 ? -4.754  5.712   10.511  1.00 14.82 ? 22  DA  B N9    1 
ATOM   436 C C8    . DA  B 1 10 ? -4.292  6.883   9.962   1.00 14.50 ? 22  DA  B C8    1 
ATOM   437 N N7    . DA  B 1 10 ? -2.987  6.881   9.786   1.00 13.70 ? 22  DA  B N7    1 
ATOM   438 C C5    . DA  B 1 10 ? -2.554  5.639   10.213  1.00 12.63 ? 22  DA  B C5    1 
ATOM   439 C C6    . DA  B 1 10 ? -1.314  4.995   10.286  1.00 12.37 ? 22  DA  B C6    1 
ATOM   440 N N6    . DA  B 1 10 ? -0.132  5.510   9.930   1.00 13.00 ? 22  DA  B N6    1 
ATOM   441 N N1    . DA  B 1 10 ? -1.281  3.735   10.792  1.00 12.70 ? 22  DA  B N1    1 
ATOM   442 C C2    . DA  B 1 10 ? -2.423  3.161   11.167  1.00 13.62 ? 22  DA  B C2    1 
ATOM   443 N N3    . DA  B 1 10 ? -3.660  3.661   11.151  1.00 14.21 ? 22  DA  B N3    1 
ATOM   444 C C4    . DA  B 1 10 ? -3.642  4.907   10.649  1.00 14.09 ? 22  DA  B C4    1 
ATOM   445 P P     . DT  B 1 11 ? -6.968  6.651   15.301  1.00 21.30 ? 23  DT  B P     1 
ATOM   446 O OP1   . DT  B 1 11 ? -8.008  6.694   16.324  1.00 25.23 ? 23  DT  B OP1   1 
ATOM   447 O OP2   . DT  B 1 11 ? -5.978  7.765   15.171  1.00 24.10 ? 23  DT  B OP2   1 
ATOM   448 O "O5'" . DT  B 1 11 ? -6.047  5.362   15.525  1.00 21.60 ? 23  DT  B "O5'" 1 
ATOM   449 C "C5'" . DT  B 1 11 ? -6.681  4.036   15.599  1.00 21.88 ? 23  DT  B "C5'" 1 
ATOM   450 C "C4'" . DT  B 1 11 ? -5.549  3.062   15.945  1.00 21.36 ? 23  DT  B "C4'" 1 
ATOM   451 O "O4'" . DT  B 1 11 ? -4.712  2.922   14.802  1.00 19.19 ? 23  DT  B "O4'" 1 
ATOM   452 C "C3'" . DT  B 1 11 ? -4.586  3.485   17.029  1.00 21.42 ? 23  DT  B "C3'" 1 
ATOM   453 O "O3'" . DT  B 1 11 ? -5.171  3.183   18.279  1.00 24.12 ? 23  DT  B "O3'" 1 
ATOM   454 C "C2'" . DT  B 1 11 ? -3.387  2.664   16.797  1.00 19.99 ? 23  DT  B "C2'" 1 
ATOM   455 C "C1'" . DT  B 1 11 ? -3.363  2.691   15.323  1.00 18.22 ? 23  DT  B "C1'" 1 
ATOM   456 N N1    . DT  B 1 11 ? -2.541  3.776   14.750  1.00 15.52 ? 23  DT  B N1    1 
ATOM   457 C C2    . DT  B 1 11 ? -1.199  3.444   14.661  1.00 14.39 ? 23  DT  B C2    1 
ATOM   458 O O2    . DT  B 1 11 ? -0.806  2.353   15.009  1.00 14.49 ? 23  DT  B O2    1 
ATOM   459 N N3    . DT  B 1 11 ? -0.426  4.424   14.112  1.00 13.30 ? 23  DT  B N3    1 
ATOM   460 C C4    . DT  B 1 11 ? -0.850  5.673   13.701  1.00 13.66 ? 23  DT  B C4    1 
ATOM   461 O O4    . DT  B 1 11 ? -0.010  6.440   13.238  1.00 15.16 ? 23  DT  B O4    1 
ATOM   462 C C5    . DT  B 1 11 ? -2.257  5.953   13.843  1.00 15.87 ? 23  DT  B C5    1 
ATOM   463 C C7    . DT  B 1 11 ? -2.787  7.273   13.405  1.00 19.12 ? 23  DT  B C7    1 
ATOM   464 C C6    . DT  B 1 11 ? -3.037  4.995   14.368  1.00 15.51 ? 23  DT  B C6    1 
ATOM   465 P P     . DG  B 1 12 ? -4.483  3.821   19.571  1.00 25.84 ? 24  DG  B P     1 
ATOM   466 O OP1   . DG  B 1 12 ? -5.465  3.549   20.642  1.00 29.82 ? 24  DG  B OP1   1 
ATOM   467 O OP2   . DG  B 1 12 ? -4.114  5.219   19.252  1.00 28.22 ? 24  DG  B OP2   1 
ATOM   468 O "O5'" . DG  B 1 12 ? -3.168  3.007   19.821  1.00 24.08 ? 24  DG  B "O5'" 1 
ATOM   469 C "C5'" . DG  B 1 12 ? -3.190  1.544   19.955  1.00 22.13 ? 24  DG  B "C5'" 1 
ATOM   470 C "C4'" . DG  B 1 12 ? -1.723  1.177   20.246  1.00 20.83 ? 24  DG  B "C4'" 1 
ATOM   471 O "O4'" . DG  B 1 12 ? -1.036  1.303   18.977  1.00 17.92 ? 24  DG  B "O4'" 1 
ATOM   472 C "C3'" . DG  B 1 12 ? -0.914  2.017   21.205  1.00 20.86 ? 24  DG  B "C3'" 1 
ATOM   473 O "O3'" . DG  B 1 12 ? -1.135  1.616   22.580  1.00 25.01 ? 24  DG  B "O3'" 1 
ATOM   474 C "C2'" . DG  B 1 12 ? 0.461   1.749   20.768  1.00 18.61 ? 24  DG  B "C2'" 1 
ATOM   475 C "C1'" . DG  B 1 12 ? 0.339   1.664   19.301  1.00 16.49 ? 24  DG  B "C1'" 1 
ATOM   476 N N9    . DG  B 1 12 ? 0.528   2.914   18.562  1.00 13.56 ? 24  DG  B N9    1 
ATOM   477 C C8    . DG  B 1 12 ? -0.430  3.853   18.247  1.00 13.03 ? 24  DG  B C8    1 
ATOM   478 N N7    . DG  B 1 12 ? 0.058   4.860   17.577  1.00 12.91 ? 24  DG  B N7    1 
ATOM   479 C C5    . DG  B 1 12 ? 1.414   4.548   17.444  1.00 12.10 ? 24  DG  B C5    1 
ATOM   480 C C6    . DG  B 1 12 ? 2.459   5.252   16.817  1.00 12.01 ? 24  DG  B C6    1 
ATOM   481 O O6    . DG  B 1 12 ? 2.410   6.329   16.229  1.00 14.29 ? 24  DG  B O6    1 
ATOM   482 N N1    . DG  B 1 12 ? 3.667   4.582   16.927  1.00 11.39 ? 24  DG  B N1    1 
ATOM   483 C C2    . DG  B 1 12 ? 3.865   3.374   17.562  1.00 11.59 ? 24  DG  B C2    1 
ATOM   484 N N2    . DG  B 1 12 ? 5.121   2.896   17.557  1.00 12.12 ? 24  DG  B N2    1 
ATOM   485 N N3    . DG  B 1 12 ? 2.894   2.697   18.162  1.00 12.23 ? 24  DG  B N3    1 
ATOM   486 C C4    . DG  B 1 12 ? 1.718   3.354   18.048  1.00 12.29 ? 24  DG  B C4    1 
HETATM 487 O O     . HOH C 2 .  ? -2.182  -8.158  6.821   1.00 13.82 ? 103 HOH A O     1 
HETATM 488 O O     . HOH C 2 .  ? -1.984  -0.940  13.572  1.00 18.61 ? 105 HOH A O     1 
HETATM 489 O O     . HOH C 2 .  ? 5.836   -1.551  -11.358 1.00 12.44 ? 109 HOH A O     1 
HETATM 490 O O     . HOH C 2 .  ? -3.449  -2.095  -0.979  1.00 20.58 ? 111 HOH A O     1 
HETATM 491 O O     . HOH C 2 .  ? 0.275   -7.692  7.795   1.00 15.31 ? 113 HOH A O     1 
HETATM 492 O O     . HOH C 2 .  ? 3.833   -1.366  8.370   1.00 26.35 ? 115 HOH A O     1 
HETATM 493 O O     . HOH C 2 .  ? 3.469   -7.590  10.531  1.00 17.53 ? 117 HOH A O     1 
HETATM 494 O O     . HOH C 2 .  ? -3.895  -3.733  3.210   1.00 20.58 ? 118 HOH A O     1 
HETATM 495 O O     . HOH C 2 .  ? 7.475   -0.258  -13.159 1.00 16.03 ? 119 HOH A O     1 
HETATM 496 O O     . HOH C 2 .  ? -2.598  -1.520  2.013   1.00 22.69 ? 121 HOH A O     1 
HETATM 497 O O     . HOH C 2 .  ? 8.587   -12.867 -15.883 1.00 17.42 ? 123 HOH A O     1 
HETATM 498 O O     . HOH C 2 .  ? -6.250  -2.687  -0.224  1.00 23.65 ? 124 HOH A O     1 
HETATM 499 O O     . HOH C 2 .  ? 7.778   0.729   8.294   1.00 30.06 ? 125 HOH A O     1 
HETATM 500 O O     . HOH C 2 .  ? -0.580  0.472   2.686   1.00 30.18 ? 126 HOH A O     1 
HETATM 501 O O     . HOH C 2 .  ? -13.543 -1.474  -1.552  1.00 18.84 ? 131 HOH A O     1 
HETATM 502 O O     . HOH C 2 .  ? 2.199   0.766   7.468   1.00 21.60 ? 132 HOH A O     1 
HETATM 503 O O     . HOH C 2 .  ? 9.371   -7.495  -20.677 1.00 20.60 ? 134 HOH A O     1 
HETATM 504 O O     . HOH C 2 .  ? 9.409   -12.156 -13.567 1.00 35.15 ? 136 HOH A O     1 
HETATM 505 O O     . HOH C 2 .  ? -1.076  -7.751  -15.014 1.00 23.15 ? 137 HOH A O     1 
HETATM 506 O O     . HOH C 2 .  ? 3.540   -0.349  16.341  1.00 24.15 ? 138 HOH A O     1 
HETATM 507 O O     . HOH C 2 .  ? -4.597  -2.317  -4.592  1.00 20.05 ? 139 HOH A O     1 
HETATM 508 O O     . HOH C 2 .  ? -0.695  -0.526  0.218   1.00 23.45 ? 140 HOH A O     1 
HETATM 509 O O     . HOH C 2 .  ? -7.328  -2.515  -4.245  1.00 29.04 ? 144 HOH A O     1 
HETATM 510 O O     . HOH C 2 .  ? 9.405   0.713   -11.608 1.00 17.71 ? 145 HOH A O     1 
HETATM 511 O O     . HOH C 2 .  ? 1.228   -6.443  -16.410 1.00 21.21 ? 146 HOH A O     1 
HETATM 512 O O     . HOH C 2 .  ? 6.083   -11.639 -12.245 1.00 21.47 ? 147 HOH A O     1 
HETATM 513 O O     . HOH C 2 .  ? 10.138  -10.446 -20.000 1.00 21.52 ? 148 HOH A O     1 
HETATM 514 O O     . HOH C 2 .  ? -4.515  -2.284  -7.854  1.00 20.90 ? 149 HOH A O     1 
HETATM 515 O O     . HOH C 2 .  ? 5.123   -6.881  12.769  1.00 23.11 ? 150 HOH A O     1 
HETATM 516 O O     . HOH C 2 .  ? 1.492   -1.705  16.358  1.00 35.31 ? 152 HOH A O     1 
HETATM 517 O O     . HOH C 2 .  ? 4.418   -5.403  15.012  1.00 25.98 ? 153 HOH A O     1 
HETATM 518 O O     . HOH C 2 .  ? -1.759  -3.700  13.709  1.00 20.59 ? 154 HOH A O     1 
HETATM 519 O O     . HOH C 2 .  ? 11.198  2.139   -12.188 1.00 16.37 ? 159 HOH A O     1 
HETATM 520 O O     . HOH C 2 .  ? -3.912  -7.303  3.735   1.00 27.72 ? 162 HOH A O     1 
HETATM 521 O O     . HOH C 2 .  ? -5.930  -6.360  2.332   1.00 24.04 ? 163 HOH A O     1 
HETATM 522 O O     . HOH C 2 .  ? -0.970  -5.821  4.310   1.00 28.42 ? 164 HOH A O     1 
HETATM 523 O O     . HOH C 2 .  ? -3.069  -1.946  -12.068 1.00 30.04 ? 167 HOH A O     1 
HETATM 524 O O     . HOH C 2 .  ? -1.891  -4.282  -13.503 1.00 33.60 ? 168 HOH A O     1 
HETATM 525 O O     . HOH C 2 .  ? 7.031   4.136   9.031   1.00 47.16 ? 169 HOH A O     1 
HETATM 526 O O     . HOH C 2 .  ? 9.579   -1.727  -14.046 1.00 31.47 ? 173 HOH A O     1 
HETATM 527 O O     . HOH C 2 .  ? -6.334  -0.121  9.835   1.00 16.84 ? 174 HOH A O     1 
HETATM 528 O O     . HOH C 2 .  ? 6.815   1.691   -14.958 1.00 21.74 ? 175 HOH A O     1 
HETATM 529 O O     . HOH C 2 .  ? -1.261  -1.929  5.562   1.00 23.65 ? 176 HOH A O     1 
HETATM 530 O O     . HOH C 2 .  ? -4.493  -0.651  13.266  1.00 37.47 ? 178 HOH A O     1 
HETATM 531 O O     . HOH C 2 .  ? -6.639  -0.902  -8.849  1.00 32.32 ? 180 HOH A O     1 
HETATM 532 O O     . HOH C 2 .  ? 1.704   -2.638  6.222   1.00 43.24 ? 185 HOH A O     1 
HETATM 533 O O     . HOH C 2 .  ? -9.228  -2.194  -6.291  1.00 26.35 ? 187 HOH A O     1 
HETATM 534 O O     . HOH C 2 .  ? -6.106  -7.725  5.426   1.00 33.03 ? 192 HOH A O     1 
HETATM 535 O O     . HOH D 2 .  ? 6.288   -0.084  -9.213  1.00 10.98 ? 101 HOH B O     1 
HETATM 536 O O     . HOH D 2 .  ? -7.909  7.556   2.229   1.00 13.90 ? 102 HOH B O     1 
HETATM 537 O O     . HOH D 2 .  ? 4.856   -12.056 -9.821  1.00 16.99 ? 104 HOH B O     1 
HETATM 538 O O     . HOH D 2 .  ? 6.933   -5.998  -9.696  1.00 13.47 ? 106 HOH B O     1 
HETATM 539 O O     . HOH D 2 .  ? 7.659   -3.611  -10.771 1.00 14.96 ? 107 HOH B O     1 
HETATM 540 O O     . HOH D 2 .  ? 4.903   5.270   0.022   1.00 19.05 ? 108 HOH B O     1 
HETATM 541 O O     . HOH D 2 .  ? 3.766   2.948   21.085  1.00 17.23 ? 110 HOH B O     1 
HETATM 542 O O     . HOH D 2 .  ? -5.702  1.757   12.033  1.00 20.67 ? 112 HOH B O     1 
HETATM 543 O O     . HOH D 2 .  ? 4.158   1.963   -1.559  1.00 20.18 ? 114 HOH B O     1 
HETATM 544 O O     . HOH D 2 .  ? 1.013   -5.631  -4.548  1.00 20.37 ? 116 HOH B O     1 
HETATM 545 O O     . HOH D 2 .  ? 1.709   5.937   3.377   1.00 17.23 ? 120 HOH B O     1 
HETATM 546 O O     . HOH D 2 .  ? 4.825   -0.682  -0.904  1.00 25.15 ? 122 HOH B O     1 
HETATM 547 O O     . HOH D 2 .  ? -9.638  9.526   3.344   1.00 22.02 ? 127 HOH B O     1 
HETATM 548 O O     . HOH D 2 .  ? 0.784   7.594   5.702   1.00 30.28 ? 128 HOH B O     1 
HETATM 549 O O     . HOH D 2 .  ? 1.738   -8.099  -3.305  1.00 36.45 ? 129 HOH B O     1 
HETATM 550 O O     . HOH D 2 .  ? -4.521  -9.894  -13.749 1.00 30.44 ? 130 HOH B O     1 
HETATM 551 O O     . HOH D 2 .  ? 2.372   -2.560  -2.668  1.00 20.46 ? 133 HOH B O     1 
HETATM 552 O O     . HOH D 2 .  ? 1.047   0.082   -1.500  1.00 27.53 ? 135 HOH B O     1 
HETATM 553 O O     . HOH D 2 .  ? -1.823  6.842   17.342  1.00 34.31 ? 141 HOH B O     1 
HETATM 554 O O     . HOH D 2 .  ? 10.047  0.923   -1.074  1.00 21.80 ? 142 HOH B O     1 
HETATM 555 O O     . HOH D 2 .  ? -4.050  1.764   23.172  1.00 40.38 ? 143 HOH B O     1 
HETATM 556 O O     . HOH D 2 .  ? -0.989  -0.257  16.134  1.00 19.50 ? 151 HOH B O     1 
HETATM 557 O O     . HOH D 2 .  ? 9.724   6.755   -4.068  1.00 23.32 ? 155 HOH B O     1 
HETATM 558 O O     . HOH D 2 .  ? -10.861 12.334  7.732   1.00 27.83 ? 156 HOH B O     1 
HETATM 559 O O     . HOH D 2 .  ? -2.968  -6.808  -8.171  1.00 33.84 ? 157 HOH B O     1 
HETATM 560 O O     . HOH D 2 .  ? -1.708  -11.434 -4.232  1.00 31.89 ? 158 HOH B O     1 
HETATM 561 O O     . HOH D 2 .  ? 9.142   -4.373  -13.020 1.00 30.46 ? 160 HOH B O     1 
HETATM 562 O O     . HOH D 2 .  ? 0.040   10.141  5.060   1.00 25.89 ? 161 HOH B O     1 
HETATM 563 O O     . HOH D 2 .  ? 3.057   2.523   1.170   1.00 23.42 ? 165 HOH B O     1 
HETATM 564 O O     . HOH D 2 .  ? 3.630   7.890   2.077   1.00 26.76 ? 166 HOH B O     1 
HETATM 565 O O     . HOH D 2 .  ? 3.973   -4.875  -1.995  1.00 40.17 ? 170 HOH B O     1 
HETATM 566 O O     . HOH D 2 .  ? -1.390  -16.777 -3.287  1.00 30.68 ? 171 HOH B O     1 
HETATM 567 O O     . HOH D 2 .  ? -3.385  -8.173  -10.785 1.00 37.33 ? 172 HOH B O     1 
HETATM 568 O O     . HOH D 2 .  ? 10.687  3.381   -2.046  1.00 25.98 ? 177 HOH B O     1 
HETATM 569 O O     . HOH D 2 .  ? 7.681   2.272   0.075   1.00 32.44 ? 179 HOH B O     1 
HETATM 570 O O     . HOH D 2 .  ? -6.901  -10.931 -15.888 1.00 34.28 ? 181 HOH B O     1 
HETATM 571 O O     . HOH D 2 .  ? -0.182  8.804   12.222  1.00 29.02 ? 182 HOH B O     1 
HETATM 572 O O     . HOH D 2 .  ? -8.224  13.605  2.712   1.00 41.79 ? 183 HOH B O     1 
HETATM 573 O O     . HOH D 2 .  ? 8.812   6.292   -6.669  1.00 30.73 ? 184 HOH B O     1 
HETATM 574 O O     . HOH D 2 .  ? -10.510 11.602  4.712   1.00 31.70 ? 186 HOH B O     1 
HETATM 575 O O     . HOH D 2 .  ? 2.635   -1.879  0.334   1.00 36.48 ? 188 HOH B O     1 
HETATM 576 O O     . HOH D 2 .  ? -12.740 13.861  7.146   1.00 35.90 ? 189 HOH B O     1 
HETATM 577 O O     . HOH D 2 .  ? -7.991  13.116  12.327  1.00 41.02 ? 190 HOH B O     1 
HETATM 578 O O     . HOH D 2 .  ? -0.817  -3.649  -4.859  1.00 36.98 ? 191 HOH B O     1 
HETATM 579 O O     . HOH D 2 .  ? 3.543   10.505  2.995   1.00 46.21 ? 193 HOH B O     1 
# 
loop_
_atom_site_anisotrop.id 
_atom_site_anisotrop.type_symbol 
_atom_site_anisotrop.pdbx_label_atom_id 
_atom_site_anisotrop.pdbx_label_alt_id 
_atom_site_anisotrop.pdbx_label_comp_id 
_atom_site_anisotrop.pdbx_label_asym_id 
_atom_site_anisotrop.pdbx_label_seq_id 
_atom_site_anisotrop.pdbx_PDB_ins_code 
_atom_site_anisotrop.U[1][1] 
_atom_site_anisotrop.U[2][2] 
_atom_site_anisotrop.U[3][3] 
_atom_site_anisotrop.U[1][2] 
_atom_site_anisotrop.U[1][3] 
_atom_site_anisotrop.U[2][3] 
_atom_site_anisotrop.pdbx_auth_seq_id 
_atom_site_anisotrop.pdbx_auth_comp_id 
_atom_site_anisotrop.pdbx_auth_asym_id 
_atom_site_anisotrop.pdbx_auth_atom_id 
1   O "O5'" . DC A 1  ? 0.2807 0.2610 0.2131 -0.0289 -0.0137 0.0568  1  DC A "O5'" 
2   C "C5'" . DC A 1  ? 0.2021 0.2301 0.1821 -0.0668 0.0150  0.0156  1  DC A "C5'" 
3   C "C4'" . DC A 1  ? 0.1922 0.1937 0.1573 -0.0484 0.0006  -0.0046 1  DC A "C4'" 
4   O "O4'" . DC A 1  ? 0.1733 0.1609 0.1663 -0.0500 0.0002  0.0001  1  DC A "O4'" 
5   C "C3'" . DC A 1  ? 0.1613 0.1789 0.1667 -0.0269 0.0057  -0.0124 1  DC A "C3'" 
6   O "O3'" . DC A 1  ? 0.1721 0.2095 0.1634 -0.0153 0.0113  -0.0187 1  DC A "O3'" 
7   C "C2'" . DC A 1  ? 0.1605 0.1441 0.1383 -0.0132 -0.0161 -0.0170 1  DC A "C2'" 
8   C "C1'" . DC A 1  ? 0.1556 0.1164 0.1530 -0.0314 -0.0196 -0.0048 1  DC A "C1'" 
9   N N1    . DC A 1  ? 0.1692 0.1071 0.1599 -0.0240 -0.0090 0.0083  1  DC A N1    
10  C C2    . DC A 1  ? 0.1564 0.1017 0.1390 -0.0124 -0.0144 -0.0037 1  DC A C2    
11  O O2    . DC A 1  ? 0.1510 0.1159 0.1464 -0.0110 -0.0044 0.0167  1  DC A O2    
12  N N3    . DC A 1  ? 0.1604 0.1213 0.1476 -0.0083 -0.0276 0.0017  1  DC A N3    
13  C C4    . DC A 1  ? 0.1850 0.1223 0.1589 -0.0040 -0.0283 0.0047  1  DC A C4    
14  N N4    . DC A 1  ? 0.1988 0.1288 0.1811 0.0134  -0.0252 0.0201  1  DC A N4    
15  C C5    . DC A 1  ? 0.1981 0.1203 0.1834 -0.0189 -0.0338 0.0158  1  DC A C5    
16  C C6    . DC A 1  ? 0.1879 0.1095 0.1643 -0.0278 -0.0268 0.0104  1  DC A C6    
17  P P     . DA A 2  ? 0.2090 0.2196 0.1734 -0.0252 0.0157  -0.0278 2  DA A P     
18  O OP1   . DA A 2  ? 0.2381 0.3042 0.2461 -0.0160 0.0564  -0.0886 2  DA A OP1   
19  O OP2   . DA A 2  ? 0.2600 0.2494 0.1308 -0.0319 -0.0004 -0.0127 2  DA A OP2   
20  O "O5'" . DA A 2  ? 0.1774 0.1855 0.2137 0.0010  0.0021  -0.0292 2  DA A "O5'" 
21  C "C5'" . DA A 2  ? 0.1477 0.2057 0.2097 -0.0085 0.0040  -0.0162 2  DA A "C5'" 
22  C "C4'" . DA A 2  ? 0.1439 0.1911 0.1863 -0.0081 -0.0035 -0.0398 2  DA A "C4'" 
23  O "O4'" . DA A 2  ? 0.1350 0.1634 0.2028 -0.0202 -0.0065 -0.0418 2  DA A "O4'" 
24  C "C3'" . DA A 2  ? 0.1510 0.1549 0.1982 -0.0134 -0.0027 -0.0435 2  DA A "C3'" 
25  O "O3'" . DA A 2  ? 0.1559 0.1249 0.2243 -0.0033 -0.0132 -0.0234 2  DA A "O3'" 
26  C "C2'" . DA A 2  ? 0.1534 0.1491 0.1488 -0.0235 -0.0209 -0.0084 2  DA A "C2'" 
27  C "C1'" . DA A 2  ? 0.1342 0.1473 0.1789 -0.0186 -0.0034 -0.0220 2  DA A "C1'" 
28  N N9    . DA A 2  ? 0.1407 0.1551 0.1612 -0.0090 0.0074  -0.0234 2  DA A N9    
29  C C8    . DA A 2  ? 0.1514 0.1403 0.1759 -0.0053 0.0093  -0.0284 2  DA A C8    
30  N N7    . DA A 2  ? 0.1568 0.1523 0.1741 -0.0040 -0.0004 -0.0223 2  DA A N7    
31  C C5    . DA A 2  ? 0.1464 0.1536 0.1501 -0.0171 -0.0131 -0.0287 2  DA A C5    
32  C C6    . DA A 2  ? 0.1564 0.1624 0.1438 -0.0083 -0.0144 -0.0242 2  DA A C6    
33  N N6    . DA A 2  ? 0.1891 0.1817 0.1629 0.0102  -0.0173 -0.0099 2  DA A N6    
34  N N1    . DA A 2  ? 0.1447 0.1833 0.1532 -0.0061 -0.0138 -0.0236 2  DA A N1    
35  C C2    . DA A 2  ? 0.1409 0.1646 0.1827 -0.0119 0.0077  -0.0245 2  DA A C2    
36  N N3    . DA A 2  ? 0.1394 0.1601 0.1734 -0.0163 -0.0022 -0.0211 2  DA A N3    
37  C C4    . DA A 2  ? 0.1395 0.1595 0.1586 -0.0080 0.0007  -0.0299 2  DA A C4    
38  P P     . DT A 3  ? 0.2028 0.1443 0.2199 0.0030  -0.0383 -0.0368 3  DT A P     
39  O OP1   . DT A 3  ? 0.2413 0.1747 0.2873 0.0287  -0.0505 -0.0846 3  DT A OP1   
40  O OP2   . DT A 3  ? 0.2921 0.1839 0.1870 -0.0147 -0.0135 -0.0310 3  DT A OP2   
41  O "O5'" . DT A 3  ? 0.1850 0.1488 0.2244 -0.0092 -0.0582 -0.0092 3  DT A "O5'" 
42  C "C5'" . DT A 3  ? 0.1830 0.1521 0.2430 -0.0111 -0.0787 0.0142  3  DT A "C5'" 
43  C "C4'" . DT A 3  ? 0.1804 0.1359 0.2446 -0.0179 -0.0790 0.0192  3  DT A "C4'" 
44  O "O4'" . DT A 3  ? 0.1842 0.1418 0.2582 -0.0184 -0.0861 0.0041  3  DT A "O4'" 
45  C "C3'" . DT A 3  ? 0.1716 0.1281 0.2485 -0.0196 -0.0747 0.0123  3  DT A "C3'" 
46  O "O3'" . DT A 3  ? 0.1454 0.1256 0.2611 -0.0035 -0.0627 0.0077  3  DT A "O3'" 
47  C "C2'" . DT A 3  ? 0.1863 0.1026 0.2420 -0.0118 -0.0855 -0.0002 3  DT A "C2'" 
48  C "C1'" . DT A 3  ? 0.1685 0.1222 0.2512 -0.0332 -0.0750 0.0033  3  DT A "C1'" 
49  N N1    . DT A 3  ? 0.1795 0.1099 0.2122 -0.0253 -0.0614 -0.0223 3  DT A N1    
50  C C2    . DT A 3  ? 0.1832 0.1199 0.1915 -0.0119 -0.0622 -0.0332 3  DT A C2    
51  O O2    . DT A 3  ? 0.1879 0.1732 0.2085 -0.0099 -0.0521 -0.0070 3  DT A O2    
52  N N3    . DT A 3  ? 0.1917 0.1484 0.1792 -0.0091 -0.0660 -0.0168 3  DT A N3    
53  C C4    . DT A 3  ? 0.1816 0.1292 0.1785 -0.0188 -0.0858 -0.0168 3  DT A C4    
54  O O4    . DT A 3  ? 0.2123 0.1153 0.2086 -0.0015 -0.0789 -0.0135 3  DT A O4    
55  C C5    . DT A 3  ? 0.1892 0.1194 0.1948 -0.0096 -0.0575 -0.0028 3  DT A C5    
56  C C7    . DT A 3  ? 0.1977 0.1540 0.2703 -0.0032 -0.0308 0.0396  3  DT A C7    
57  C C6    . DT A 3  ? 0.1815 0.1060 0.2081 -0.0250 -0.0598 -0.0163 3  DT A C6    
58  P P     . DG A 4  ? 0.1457 0.1240 0.2603 -0.0033 -0.0560 0.0018  4  DG A P     
59  O OP1   . DG A 4  ? 0.1667 0.1180 0.3075 -0.0144 -0.1084 0.0081  4  DG A OP1   
60  O OP2   . DG A 4  ? 0.1496 0.1440 0.2877 0.0055  -0.0234 0.0242  4  DG A OP2   
61  O "O5'" . DG A 4  ? 0.1344 0.1383 0.2262 -0.0164 -0.0518 -0.0006 4  DG A "O5'" 
62  C "C5'" . DG A 4  ? 0.1440 0.1148 0.2135 -0.0066 -0.0564 0.0087  4  DG A "C5'" 
63  C "C4'" . DG A 4  ? 0.1392 0.1007 0.1890 -0.0172 -0.0530 0.0180  4  DG A "C4'" 
64  O "O4'" . DG A 4  ? 0.1437 0.1088 0.1721 -0.0086 -0.0543 0.0098  4  DG A "O4'" 
65  C "C3'" . DG A 4  ? 0.1211 0.1075 0.1826 -0.0183 -0.0430 0.0082  4  DG A "C3'" 
66  O "O3'" . DG A 4  ? 0.1309 0.0910 0.1754 -0.0085 -0.0405 0.0095  4  DG A "O3'" 
67  C "C2'" . DG A 4  ? 0.1407 0.1076 0.1794 -0.0101 -0.0513 -0.0043 4  DG A "C2'" 
68  C "C1'" . DG A 4  ? 0.1562 0.1056 0.1631 -0.0134 -0.0638 0.0161  4  DG A "C1'" 
69  N N9    . DG A 4  ? 0.1430 0.1048 0.1650 -0.0100 -0.0596 0.0115  4  DG A N9    
70  C C8    . DG A 4  ? 0.1483 0.1054 0.1637 -0.0083 -0.0536 0.0001  4  DG A C8    
71  N N7    . DG A 4  ? 0.1543 0.1047 0.1622 -0.0006 -0.0369 0.0048  4  DG A N7    
72  C C5    . DG A 4  ? 0.1493 0.1058 0.1335 -0.0044 -0.0359 -0.0004 4  DG A C5    
73  C C6    . DG A 4  ? 0.1246 0.1161 0.1350 -0.0077 -0.0331 0.0083  4  DG A C6    
74  O O6    . DG A 4  ? 0.1361 0.1197 0.1526 -0.0194 -0.0184 -0.0002 4  DG A O6    
75  N N1    . DG A 4  ? 0.1260 0.1262 0.1342 -0.0024 -0.0204 -0.0112 4  DG A N1    
76  C C2    . DG A 4  ? 0.1290 0.1093 0.1347 -0.0066 -0.0260 -0.0062 4  DG A C2    
77  N N2    . DG A 4  ? 0.1335 0.1226 0.1212 0.0016  -0.0032 0.0137  4  DG A N2    
78  N N3    . DG A 4  ? 0.1406 0.1253 0.1256 0.0000  -0.0526 0.0001  4  DG A N3    
79  C C4    . DG A 4  ? 0.1444 0.0983 0.1478 -0.0116 -0.0537 0.0002  4  DG A C4    
80  P P     . DG A 5  ? 0.1276 0.1054 0.1781 -0.0035 -0.0323 0.0120  5  DG A P     
81  O OP1   . DG A 5  ? 0.1114 0.1119 0.2030 -0.0003 -0.0476 -0.0083 5  DG A OP1   
82  O OP2   . DG A 5  ? 0.1282 0.1334 0.1878 0.0027  -0.0179 0.0050  5  DG A OP2   
83  O "O5'" . DG A 5  ? 0.1092 0.1074 0.1958 -0.0112 -0.0413 0.0201  5  DG A "O5'" 
84  C "C5'" . DG A 5  ? 0.1162 0.1044 0.1897 -0.0173 -0.0309 0.0269  5  DG A "C5'" 
85  C "C4'" . DG A 5  ? 0.1236 0.1197 0.1713 -0.0005 -0.0236 0.0149  5  DG A "C4'" 
86  O "O4'" . DG A 5  ? 0.1421 0.1045 0.1530 0.0015  -0.0169 0.0251  5  DG A "O4'" 
87  C "C3'" . DG A 5  ? 0.1335 0.1262 0.1700 0.0020  -0.0394 0.0161  5  DG A "C3'" 
88  O "O3'" . DG A 5  ? 0.1441 0.1434 0.1719 -0.0176 -0.0169 0.0008  5  DG A "O3'" 
89  C "C2'" . DG A 5  ? 0.1343 0.1306 0.1562 0.0125  -0.0402 0.0033  5  DG A "C2'" 
90  C "C1'" . DG A 5  ? 0.1389 0.1275 0.1379 -0.0111 -0.0328 0.0318  5  DG A "C1'" 
91  N N9    . DG A 5  ? 0.1355 0.0989 0.1204 0.0099  -0.0219 0.0164  5  DG A N9    
92  C C8    . DG A 5  ? 0.1457 0.1036 0.1248 0.0197  -0.0068 0.0195  5  DG A C8    
93  N N7    . DG A 5  ? 0.1462 0.1018 0.1344 0.0222  -0.0059 0.0178  5  DG A N7    
94  C C5    . DG A 5  ? 0.1502 0.1001 0.0972 0.0156  -0.0216 0.0117  5  DG A C5    
95  C C6    . DG A 5  ? 0.1402 0.0791 0.1147 0.0017  -0.0204 -0.0123 5  DG A C6    
96  O O6    . DG A 5  ? 0.1351 0.1245 0.1287 0.0072  -0.0221 -0.0112 5  DG A O6    
97  N N1    . DG A 5  ? 0.1395 0.0929 0.1125 0.0127  -0.0065 -0.0010 5  DG A N1    
98  C C2    . DG A 5  ? 0.1424 0.0762 0.1106 0.0073  -0.0075 -0.0073 5  DG A C2    
99  N N2    . DG A 5  ? 0.1527 0.1015 0.1003 0.0325  -0.0125 -0.0022 5  DG A N2    
100 N N3    . DG A 5  ? 0.1408 0.0809 0.1104 0.0036  -0.0171 -0.0058 5  DG A N3    
101 C C4    . DG A 5  ? 0.1498 0.0885 0.0869 0.0108  -0.0161 0.0023  5  DG A C4    
102 P P     . DG A 6  ? 0.1509 0.1676 0.1767 -0.0113 -0.0129 -0.0095 6  DG A P     
103 O OP1   . DG A 6  ? 0.1777 0.2173 0.2258 -0.0319 -0.0056 -0.0694 6  DG A OP1   
104 O OP2   . DG A 6  ? 0.1655 0.1628 0.1901 0.0160  -0.0020 -0.0001 6  DG A OP2   
105 O "O5'" . DG A 6  ? 0.1414 0.2024 0.1595 0.0175  -0.0215 0.0159  6  DG A "O5'" 
106 C "C5'" . DG A 6  ? 0.1372 0.2161 0.1688 0.0103  -0.0185 0.0228  6  DG A "C5'" 
107 C "C4'" . DG A 6  ? 0.1317 0.2096 0.1432 0.0184  -0.0113 0.0131  6  DG A "C4'" 
108 O "O4'" . DG A 6  ? 0.1482 0.2021 0.1370 0.0186  -0.0126 0.0144  6  DG A "O4'" 
109 C "C3'" . DG A 6  ? 0.1370 0.2046 0.1463 0.0004  -0.0097 0.0021  6  DG A "C3'" 
110 O "O3'" . DG A 6  ? 0.1455 0.2025 0.1521 0.0135  -0.0256 0.0026  6  DG A "O3'" 
111 C "C2'" . DG A 6  ? 0.1402 0.1886 0.1250 0.0227  -0.0170 -0.0035 6  DG A "C2'" 
112 C "C1'" . DG A 6  ? 0.1386 0.1908 0.1241 0.0260  -0.0193 0.0089  6  DG A "C1'" 
113 N N9    . DG A 6  ? 0.1379 0.1764 0.1187 0.0255  -0.0179 -0.0105 6  DG A N9    
114 C C8    . DG A 6  ? 0.1357 0.1828 0.1336 0.0190  -0.0330 0.0010  6  DG A C8    
115 N N7    . DG A 6  ? 0.1382 0.1719 0.1239 0.0266  -0.0145 -0.0136 6  DG A N7    
116 C C5    . DG A 6  ? 0.1439 0.1674 0.0832 0.0263  -0.0215 -0.0214 6  DG A C5    
117 C C6    . DG A 6  ? 0.1417 0.1301 0.1265 0.0414  -0.0112 -0.0289 6  DG A C6    
118 O O6    . DG A 6  ? 0.1489 0.1316 0.1429 0.0406  -0.0151 -0.0075 6  DG A O6    
119 N N1    . DG A 6  ? 0.1542 0.1198 0.1397 0.0444  -0.0201 -0.0394 6  DG A N1    
120 C C2    . DG A 6  ? 0.1572 0.1211 0.1436 0.0398  -0.0247 -0.0291 6  DG A C2    
121 N N2    . DG A 6  ? 0.1941 0.1282 0.1199 0.0472  -0.0430 -0.0161 6  DG A N2    
122 N N3    . DG A 6  ? 0.1581 0.1541 0.1400 0.0345  -0.0104 -0.0290 6  DG A N3    
123 C C4    . DG A 6  ? 0.1433 0.1575 0.1085 0.0279  -0.0088 -0.0289 6  DG A C4    
124 P P     . DC A 7  ? 0.1411 0.1735 0.1865 -0.0091 -0.0214 -0.0149 7  DC A P     
125 O OP1   . DC A 7  ? 0.1643 0.2445 0.2656 -0.0467 -0.0469 -0.0508 7  DC A OP1   
126 O OP2   . DC A 7  ? 0.1652 0.1317 0.2568 -0.0073 -0.0237 -0.0201 7  DC A OP2   
127 O "O5'" . DC A 7  ? 0.1239 0.2005 0.1361 0.0194  -0.0333 -0.0143 7  DC A "O5'" 
128 C "C5'" . DC A 7  ? 0.1176 0.2012 0.1677 0.0083  -0.0381 -0.0006 7  DC A "C5'" 
129 C "C4'" . DC A 7  ? 0.1229 0.2110 0.1591 0.0081  -0.0313 0.0106  7  DC A "C4'" 
130 O "O4'" . DC A 7  ? 0.1224 0.1658 0.1518 0.0230  -0.0198 -0.0025 7  DC A "O4'" 
131 C "C3'" . DC A 7  ? 0.1264 0.2268 0.1525 0.0163  -0.0380 0.0049  7  DC A "C3'" 
132 O "O3'" . DC A 7  ? 0.1326 0.2817 0.1626 0.0211  -0.0416 -0.0064 7  DC A "O3'" 
133 C "C2'" . DC A 7  ? 0.1188 0.2178 0.1516 0.0223  -0.0329 0.0252  7  DC A "C2'" 
134 C "C1'" . DC A 7  ? 0.1164 0.1832 0.1476 0.0189  -0.0276 0.0195  7  DC A "C1'" 
135 N N1    . DC A 7  ? 0.1176 0.1543 0.1307 0.0206  -0.0201 0.0004  7  DC A N1    
136 C C2    . DC A 7  ? 0.1194 0.1393 0.1463 0.0158  -0.0285 -0.0092 7  DC A C2    
137 O O2    . DC A 7  ? 0.1242 0.1594 0.1291 0.0234  -0.0246 0.0119  7  DC A O2    
138 N N3    . DC A 7  ? 0.1166 0.1284 0.1280 0.0090  -0.0186 0.0001  7  DC A N3    
139 C C4    . DC A 7  ? 0.1157 0.1272 0.1007 0.0099  -0.0178 -0.0129 7  DC A C4    
140 N N4    . DC A 7  ? 0.1281 0.1416 0.1207 0.0170  -0.0520 -0.0256 7  DC A N4    
141 C C5    . DC A 7  ? 0.1195 0.1397 0.1163 0.0035  -0.0264 -0.0016 7  DC A C5    
142 C C6    . DC A 7  ? 0.1188 0.1527 0.1300 0.0145  -0.0220 -0.0082 7  DC A C6    
143 P P     . DC A 8  ? 0.1597 0.3110 0.1798 0.0006  -0.0430 -0.0421 8  DC A P     
144 O OP1   . DC A 8  ? 0.1925 0.4215 0.2132 -0.0290 -0.0914 -0.0664 8  DC A OP1   
145 O OP2   . DC A 8  ? 0.2428 0.2606 0.2186 -0.0022 -0.0179 -0.0557 8  DC A OP2   
146 O "O5'" . DC A 8  ? 0.1415 0.2902 0.1465 0.0318  -0.0407 -0.0113 8  DC A "O5'" 
147 C "C5'" . DC A 8  ? 0.1251 0.3113 0.1571 0.0613  -0.0461 0.0155  8  DC A "C5'" 
148 C "C4'" . DC A 8  ? 0.1419 0.2689 0.1461 0.0530  -0.0450 -0.0062 8  DC A "C4'" 
149 O "O4'" . DC A 8  ? 0.1318 0.2278 0.1404 0.0651  -0.0370 -0.0080 8  DC A "O4'" 
150 C "C3'" . DC A 8  ? 0.1312 0.2610 0.1346 0.0430  -0.0401 0.0123  8  DC A "C3'" 
151 O "O3'" . DC A 8  ? 0.1671 0.3102 0.1299 0.0690  -0.0504 0.0140  8  DC A "O3'" 
152 C "C2'" . DC A 8  ? 0.1486 0.2121 0.1184 0.0440  -0.0407 -0.0072 8  DC A "C2'" 
153 C "C1'" . DC A 8  ? 0.1328 0.1937 0.1292 0.0542  -0.0274 0.0020  8  DC A "C1'" 
154 N N1    . DC A 8  ? 0.1136 0.1703 0.1200 0.0399  -0.0127 -0.0112 8  DC A N1    
155 C C2    . DC A 8  ? 0.1126 0.1518 0.1303 0.0340  -0.0194 -0.0102 8  DC A C2    
156 O O2    . DC A 8  ? 0.1308 0.1514 0.1409 0.0324  -0.0035 -0.0020 8  DC A O2    
157 N N3    . DC A 8  ? 0.1092 0.1519 0.1257 0.0320  -0.0087 -0.0043 8  DC A N3    
158 C C4    . DC A 8  ? 0.1020 0.1624 0.1072 0.0311  -0.0073 -0.0063 8  DC A C4    
159 N N4    . DC A 8  ? 0.1294 0.1506 0.1444 0.0265  -0.0433 -0.0085 8  DC A N4    
160 C C5    . DC A 8  ? 0.1043 0.1857 0.1487 0.0332  -0.0132 0.0051  8  DC A C5    
161 C C6    . DC A 8  ? 0.1060 0.1745 0.1261 0.0421  -0.0082 -0.0207 8  DC A C6    
162 P P     . DC A 9  ? 0.2052 0.3533 0.1472 0.0788  -0.0431 -0.0087 9  DC A P     
163 O OP1   . DC A 9  ? 0.2284 0.4745 0.1198 0.0956  -0.0255 0.0165  9  DC A OP1   
164 O OP2   . DC A 9  ? 0.1989 0.3447 0.2181 0.0391  -0.0681 -0.0421 9  DC A OP2   
165 O "O5'" . DC A 9  ? 0.2013 0.2911 0.1640 0.0698  -0.0200 0.0016  9  DC A "O5'" 
166 C "C5'" . DC A 9  ? 0.2328 0.2610 0.1766 0.0816  -0.0360 0.0056  9  DC A "C5'" 
167 C "C4'" . DC A 9  ? 0.2245 0.2111 0.1453 0.0688  -0.0184 0.0166  9  DC A "C4'" 
168 O "O4'" . DC A 9  ? 0.2205 0.1879 0.1454 0.0714  -0.0118 0.0061  9  DC A "O4'" 
169 C "C3'" . DC A 9  ? 0.2258 0.2061 0.1266 0.0608  -0.0105 0.0276  9  DC A "C3'" 
170 O "O3'" . DC A 9  ? 0.2473 0.2353 0.1274 0.0492  -0.0046 0.0242  9  DC A "O3'" 
171 C "C2'" . DC A 9  ? 0.2109 0.1953 0.1271 0.0530  -0.0037 0.0123  9  DC A "C2'" 
172 C "C1'" . DC A 9  ? 0.1853 0.1821 0.1308 0.0425  -0.0026 0.0252  9  DC A "C1'" 
173 N N1    . DC A 9  ? 0.1516 0.1555 0.1431 0.0341  -0.0072 -0.0023 9  DC A N1    
174 C C2    . DC A 9  ? 0.1412 0.1356 0.1227 0.0134  -0.0266 -0.0162 9  DC A C2    
175 O O2    . DC A 9  ? 0.1470 0.1399 0.1680 0.0102  -0.0185 -0.0021 9  DC A O2    
176 N N3    . DC A 9  ? 0.1340 0.1368 0.1276 0.0134  -0.0180 -0.0147 9  DC A N3    
177 C C4    . DC A 9  ? 0.1280 0.1483 0.1265 0.0256  -0.0007 -0.0205 9  DC A C4    
178 N N4    . DC A 9  ? 0.1339 0.1489 0.1400 0.0162  0.0096  -0.0213 9  DC A N4    
179 C C5    . DC A 9  ? 0.1347 0.1561 0.1273 0.0316  -0.0061 -0.0330 9  DC A C5    
180 C C6    . DC A 9  ? 0.1449 0.1840 0.1238 0.0418  -0.0108 -0.0031 9  DC A C6    
181 P P     . DA A 10 ? 0.2435 0.2572 0.1339 0.0308  -0.0144 0.0064  10 DA A P     
182 O OP1   . DA A 10 ? 0.3244 0.2739 0.1268 0.0335  -0.0175 0.0126  10 DA A OP1   
183 O OP2   . DA A 10 ? 0.2545 0.3214 0.1935 -0.0156 -0.0502 0.0148  10 DA A OP2   
184 O "O5'" . DA A 10 ? 0.2409 0.1951 0.1459 0.0046  -0.0019 0.0023  10 DA A "O5'" 
185 C "C5'" . DA A 10 ? 0.2354 0.1839 0.1450 0.0188  0.0163  0.0198  10 DA A "C5'" 
186 C "C4'" . DA A 10 ? 0.2342 0.1442 0.1237 0.0044  0.0084  -0.0044 10 DA A "C4'" 
187 O "O4'" . DA A 10 ? 0.2051 0.1423 0.1228 0.0174  -0.0004 -0.0178 10 DA A "O4'" 
188 C "C3'" . DA A 10 ? 0.2382 0.1422 0.1202 -0.0059 0.0092  -0.0082 10 DA A "C3'" 
189 O "O3'" . DA A 10 ? 0.2976 0.1354 0.1510 0.0089  0.0453  -0.0039 10 DA A "O3'" 
190 C "C2'" . DA A 10 ? 0.2015 0.1501 0.1346 0.0160  0.0012  -0.0281 10 DA A "C2'" 
191 C "C1'" . DA A 10 ? 0.1860 0.1521 0.1237 0.0138  -0.0001 -0.0054 10 DA A "C1'" 
192 N N9    . DA A 10 ? 0.1697 0.1505 0.1393 0.0152  -0.0124 -0.0080 10 DA A N9    
193 C C8    . DA A 10 ? 0.1747 0.1443 0.1471 0.0154  -0.0065 -0.0159 10 DA A C8    
194 N N7    . DA A 10 ? 0.1772 0.1240 0.1527 0.0119  -0.0091 -0.0240 10 DA A N7    
195 C C5    . DA A 10 ? 0.1720 0.1205 0.1220 0.0088  -0.0170 -0.0421 10 DA A C5    
196 C C6    . DA A 10 ? 0.1642 0.1230 0.1309 0.0024  -0.0223 -0.0366 10 DA A C6    
197 N N6    . DA A 10 ? 0.1643 0.1448 0.1520 -0.0062 -0.0059 -0.0450 10 DA A N6    
198 N N1    . DA A 10 ? 0.1642 0.1286 0.1433 0.0127  -0.0122 -0.0390 10 DA A N1    
199 C C2    . DA A 10 ? 0.1690 0.1339 0.1319 0.0050  -0.0190 -0.0313 10 DA A C2    
200 N N3    . DA A 10 ? 0.1765 0.1361 0.1293 0.0141  -0.0188 -0.0259 10 DA A N3    
201 C C4    . DA A 10 ? 0.1726 0.1335 0.1055 0.0011  -0.0231 -0.0318 10 DA A C4    
202 P P     . DT A 11 ? 0.3624 0.1601 0.1441 0.0168  0.0307  -0.0173 11 DT A P     
203 O OP1   . DT A 11 ? 0.4354 0.1717 0.1459 0.0296  0.0630  -0.0128 11 DT A OP1   
204 O OP2   . DT A 11 ? 0.3961 0.2304 0.1321 -0.0220 -0.0191 -0.0401 11 DT A OP2   
205 O "O5'" . DT A 11 ? 0.3561 0.1301 0.1435 0.0142  0.0367  -0.0259 11 DT A "O5'" 
206 C "C5'" . DT A 11 ? 0.3549 0.1079 0.1571 0.0069  0.0349  -0.0184 11 DT A "C5'" 
207 C "C4'" . DT A 11 ? 0.3266 0.1009 0.1325 -0.0155 0.0385  -0.0251 11 DT A "C4'" 
208 O "O4'" . DT A 11 ? 0.2914 0.1003 0.1531 -0.0297 0.0427  -0.0307 11 DT A "O4'" 
209 C "C3'" . DT A 11 ? 0.2705 0.0990 0.1651 -0.0191 0.0487  -0.0305 11 DT A "C3'" 
210 O "O3'" . DT A 11 ? 0.2837 0.1169 0.1734 0.0081  0.0555  -0.0297 11 DT A "O3'" 
211 C "C2'" . DT A 11 ? 0.2520 0.1022 0.1666 -0.0252 0.0376  -0.0348 11 DT A "C2'" 
212 C "C1'" . DT A 11 ? 0.2448 0.0998 0.1681 -0.0327 0.0403  -0.0335 11 DT A "C1'" 
213 N N1    . DT A 11 ? 0.2384 0.1239 0.1522 -0.0220 0.0262  -0.0433 11 DT A N1    
214 C C2    . DT A 11 ? 0.2115 0.1092 0.1633 -0.0288 0.0131  -0.0459 11 DT A C2    
215 O O2    . DT A 11 ? 0.2182 0.1351 0.2036 0.0028  0.0454  -0.0262 11 DT A O2    
216 N N3    . DT A 11 ? 0.2098 0.1132 0.1721 -0.0237 -0.0034 -0.0475 11 DT A N3    
217 C C4    . DT A 11 ? 0.2229 0.1009 0.1835 -0.0243 -0.0102 -0.0504 11 DT A C4    
218 O O4    . DT A 11 ? 0.2171 0.1283 0.2085 -0.0127 -0.0014 -0.0348 11 DT A O4    
219 C C5    . DT A 11 ? 0.2462 0.1281 0.1632 -0.0261 -0.0090 -0.0358 11 DT A C5    
220 C C7    . DT A 11 ? 0.2726 0.1965 0.1961 -0.0453 -0.0742 0.0181  11 DT A C7    
221 C C6    . DT A 11 ? 0.2535 0.1155 0.1371 -0.0269 0.0118  -0.0506 11 DT A C6    
222 P P     . DG A 12 ? 0.3068 0.1250 0.1736 0.0193  0.0266  -0.0337 12 DG A P     
223 O OP1   . DG A 12 ? 0.3715 0.1354 0.1854 -0.0006 0.0829  -0.0304 12 DG A OP1   
224 O OP2   . DG A 12 ? 0.3305 0.1765 0.2004 0.0614  -0.0096 -0.0450 12 DG A OP2   
225 O "O5'" . DG A 12 ? 0.1916 0.1179 0.2239 -0.0168 0.0215  -0.0237 12 DG A "O5'" 
226 C "C5'" . DG A 12 ? 0.1545 0.1285 0.2370 -0.0394 0.0432  -0.0017 12 DG A "C5'" 
227 C "C4'" . DG A 12 ? 0.1732 0.1272 0.1589 -0.0301 0.0278  -0.0080 12 DG A "C4'" 
228 O "O4'" . DG A 12 ? 0.1706 0.1313 0.1565 -0.0412 0.0175  -0.0086 12 DG A "O4'" 
229 C "C3'" . DG A 12 ? 0.1884 0.1359 0.1670 -0.0128 0.0288  -0.0202 12 DG A "C3'" 
230 O "O3'" . DG A 12 ? 0.2165 0.1357 0.2811 -0.0075 0.0820  -0.0431 12 DG A "O3'" 
231 C "C2'" . DG A 12 ? 0.1845 0.1343 0.1504 -0.0236 0.0184  -0.0209 12 DG A "C2'" 
232 C "C1'" . DG A 12 ? 0.1604 0.1220 0.1435 -0.0264 -0.0001 0.0104  12 DG A "C1'" 
233 N N9    . DG A 12 ? 0.1693 0.1035 0.1180 -0.0190 -0.0024 -0.0041 12 DG A N9    
234 C C8    . DG A 12 ? 0.1792 0.0978 0.1238 -0.0171 0.0065  -0.0150 12 DG A C8    
235 N N7    . DG A 12 ? 0.1828 0.0953 0.1270 -0.0160 0.0142  -0.0140 12 DG A N7    
236 C C5    . DG A 12 ? 0.1761 0.1125 0.1324 -0.0094 0.0133  0.0018  12 DG A C5    
237 C C6    . DG A 12 ? 0.1722 0.1060 0.1220 -0.0139 0.0071  -0.0110 12 DG A C6    
238 O O6    . DG A 12 ? 0.1750 0.1219 0.1477 -0.0120 0.0215  0.0012  12 DG A O6    
239 N N1    . DG A 12 ? 0.1702 0.1118 0.1453 -0.0194 0.0080  0.0014  12 DG A N1    
240 C C2    . DG A 12 ? 0.1511 0.1024 0.1418 -0.0316 0.0005  -0.0078 12 DG A C2    
241 N N2    . DG A 12 ? 0.1315 0.1265 0.1412 -0.0397 -0.0203 0.0195  12 DG A N2    
242 N N3    . DG A 12 ? 0.1576 0.1081 0.1280 -0.0292 -0.0024 0.0033  12 DG A N3    
243 C C4    . DG A 12 ? 0.1602 0.1064 0.1314 -0.0183 -0.0039 -0.0014 12 DG A C4    
244 O "O5'" . DC B 1  ? 0.1588 0.1445 0.2476 0.0003  0.0079  0.0023  13 DC B "O5'" 
245 C "C5'" . DC B 1  ? 0.1257 0.1552 0.2302 0.0027  0.0074  0.0041  13 DC B "C5'" 
246 C "C4'" . DC B 1  ? 0.1293 0.1413 0.1826 -0.0297 0.0108  0.0029  13 DC B "C4'" 
247 O "O4'" . DC B 1  ? 0.1427 0.1315 0.1715 -0.0221 -0.0026 0.0065  13 DC B "O4'" 
248 C "C3'" . DC B 1  ? 0.1521 0.1240 0.1763 -0.0309 0.0241  0.0047  13 DC B "C3'" 
249 O "O3'" . DC B 1  ? 0.1759 0.1411 0.1803 -0.0372 0.0376  -0.0079 13 DC B "O3'" 
250 C "C2'" . DC B 1  ? 0.1430 0.1194 0.1621 -0.0372 0.0058  0.0190  13 DC B "C2'" 
251 C "C1'" . DC B 1  ? 0.1507 0.1130 0.1641 -0.0240 0.0045  0.0179  13 DC B "C1'" 
252 N N1    . DC B 1  ? 0.1467 0.1149 0.1481 -0.0084 0.0172  0.0110  13 DC B N1    
253 C C2    . DC B 1  ? 0.1500 0.1072 0.1259 -0.0092 0.0139  0.0042  13 DC B C2    
254 O O2    . DC B 1  ? 0.1429 0.1159 0.1276 -0.0158 -0.0082 0.0110  13 DC B O2    
255 N N3    . DC B 1  ? 0.1691 0.1264 0.1339 -0.0079 0.0091  0.0287  13 DC B N3    
256 C C4    . DC B 1  ? 0.1852 0.1221 0.1490 0.0034  0.0087  0.0375  13 DC B C4    
257 N N4    . DC B 1  ? 0.2411 0.1153 0.1776 0.0191  0.0270  0.0421  13 DC B N4    
258 C C5    . DC B 1  ? 0.1630 0.1373 0.1534 0.0077  0.0204  0.0345  13 DC B C5    
259 C C6    . DC B 1  ? 0.1522 0.1237 0.1577 -0.0089 0.0036  0.0119  13 DC B C6    
260 P P     . DA B 2  ? 0.1917 0.1469 0.1743 -0.0171 0.0336  -0.0056 14 DA B P     
261 O OP1   . DA B 2  ? 0.2435 0.1889 0.1872 -0.0205 0.0602  0.0089  14 DA B OP1   
262 O OP2   . DA B 2  ? 0.2222 0.1630 0.1929 0.0032  0.0144  -0.0235 14 DA B OP2   
263 O "O5'" . DA B 2  ? 0.2083 0.1308 0.1901 -0.0271 0.0179  -0.0216 14 DA B "O5'" 
264 C "C5'" . DA B 2  ? 0.2332 0.1332 0.1538 -0.0408 0.0230  -0.0150 14 DA B "C5'" 
265 C "C4'" . DA B 2  ? 0.2414 0.1335 0.1492 -0.0558 0.0213  -0.0077 14 DA B "C4'" 
266 O "O4'" . DA B 2  ? 0.2554 0.1589 0.1537 -0.0807 0.0271  -0.0059 14 DA B "O4'" 
267 C "C3'" . DA B 2  ? 0.2586 0.1271 0.1587 -0.0605 -0.0028 0.0148  14 DA B "C3'" 
268 O "O3'" . DA B 2  ? 0.2782 0.1577 0.1609 -0.0494 -0.0143 0.0000  14 DA B "O3'" 
269 C "C2'" . DA B 2  ? 0.2488 0.1431 0.1637 -0.0643 0.0002  0.0140  14 DA B "C2'" 
270 C "C1'" . DA B 2  ? 0.2218 0.1523 0.1668 -0.0676 0.0110  0.0055  14 DA B "C1'" 
271 N N9    . DA B 2  ? 0.2007 0.1627 0.1625 -0.0589 0.0205  0.0012  14 DA B N9    
272 C C8    . DA B 2  ? 0.2036 0.1783 0.1664 -0.0634 0.0193  -0.0126 14 DA B C8    
273 N N7    . DA B 2  ? 0.1925 0.1845 0.2000 -0.0425 0.0359  -0.0063 14 DA B N7    
274 C C5    . DA B 2  ? 0.1896 0.1666 0.1533 -0.0363 0.0234  -0.0149 14 DA B C5    
275 C C6    . DA B 2  ? 0.1771 0.1541 0.1309 -0.0313 0.0154  -0.0294 14 DA B C6    
276 N N6    . DA B 2  ? 0.1734 0.1892 0.1840 0.0012  0.0461  -0.0097 14 DA B N6    
277 N N1    . DA B 2  ? 0.1699 0.1383 0.1449 -0.0264 0.0198  -0.0385 14 DA B N1    
278 C C2    . DA B 2  ? 0.1827 0.1215 0.1497 -0.0267 0.0271  -0.0277 14 DA B C2    
279 N N3    . DA B 2  ? 0.1876 0.1283 0.1673 -0.0468 0.0264  -0.0197 14 DA B N3    
280 C C4    . DA B 2  ? 0.1919 0.1495 0.1538 -0.0400 0.0253  -0.0110 14 DA B C4    
281 P P     . DT B 3  ? 0.3120 0.1695 0.1581 -0.0493 -0.0093 -0.0029 15 DT B P     
282 O OP1   . DT B 3  ? 0.4318 0.2216 0.1946 -0.0764 -0.0881 0.0098  15 DT B OP1   
283 O OP2   . DT B 3  ? 0.3132 0.2261 0.2050 -0.0451 0.0258  -0.0537 15 DT B OP2   
284 O "O5'" . DT B 3  ? 0.2863 0.1539 0.2052 -0.0466 -0.0063 -0.0142 15 DT B "O5'" 
285 C "C5'" . DT B 3  ? 0.2752 0.1403 0.2214 -0.0496 -0.0374 -0.0022 15 DT B "C5'" 
286 C "C4'" . DT B 3  ? 0.2295 0.1270 0.2213 -0.0281 -0.0548 0.0021  15 DT B "C4'" 
287 O "O4'" . DT B 3  ? 0.2226 0.1143 0.2300 -0.0154 -0.0626 -0.0050 15 DT B "O4'" 
288 C "C3'" . DT B 3  ? 0.2249 0.1238 0.2258 -0.0351 -0.0583 0.0022  15 DT B "C3'" 
289 O "O3'" . DT B 3  ? 0.2513 0.1267 0.2461 -0.0391 -0.0766 0.0106  15 DT B "O3'" 
290 C "C2'" . DT B 3  ? 0.2031 0.1265 0.2190 -0.0294 -0.0480 -0.0101 15 DT B "C2'" 
291 C "C1'" . DT B 3  ? 0.1765 0.1131 0.2266 -0.0223 -0.0438 -0.0047 15 DT B "C1'" 
292 N N1    . DT B 3  ? 0.1748 0.1274 0.2079 -0.0124 -0.0238 -0.0031 15 DT B N1    
293 C C2    . DT B 3  ? 0.1712 0.1143 0.2033 -0.0141 -0.0249 -0.0138 15 DT B C2    
294 O O2    . DT B 3  ? 0.1636 0.1112 0.2193 -0.0097 -0.0279 -0.0088 15 DT B O2    
295 N N3    . DT B 3  ? 0.1656 0.1319 0.1727 -0.0295 -0.0452 -0.0155 15 DT B N3    
296 C C4    . DT B 3  ? 0.1693 0.1312 0.1702 -0.0181 -0.0319 -0.0118 15 DT B C4    
297 O O4    . DT B 3  ? 0.1813 0.1435 0.1937 0.0072  -0.0260 -0.0082 15 DT B O4    
298 C C5    . DT B 3  ? 0.1768 0.1146 0.1894 -0.0126 -0.0248 -0.0160 15 DT B C5    
299 C C7    . DT B 3  ? 0.1847 0.1341 0.2190 -0.0081 -0.0070 0.0062  15 DT B C7    
300 C C6    . DT B 3  ? 0.1755 0.1362 0.1954 -0.0185 -0.0332 -0.0023 15 DT B C6    
301 P P     . DG B 4  ? 0.2635 0.1616 0.2193 -0.0275 -0.0823 0.0048  16 DG B P     
302 O OP1   . DG B 4  ? 0.3648 0.1882 0.2793 -0.0125 -0.1621 0.0215  16 DG B OP1   
303 O OP2   . DG B 4  ? 0.3136 0.2116 0.2067 -0.0524 -0.0202 0.0326  16 DG B OP2   
304 O "O5'" . DG B 4  ? 0.1604 0.1323 0.2398 -0.0018 -0.0636 -0.0062 16 DG B "O5'" 
305 C "C5'" . DG B 4  ? 0.1547 0.1237 0.2539 0.0286  -0.0620 -0.0144 16 DG B "C5'" 
306 C "C4'" . DG B 4  ? 0.1470 0.1108 0.2268 0.0026  -0.0594 -0.0309 16 DG B "C4'" 
307 O "O4'" . DG B 4  ? 0.1264 0.1091 0.2396 -0.0090 -0.0599 -0.0240 16 DG B "O4'" 
308 C "C3'" . DG B 4  ? 0.1239 0.1115 0.2302 0.0110  -0.0578 -0.0241 16 DG B "C3'" 
309 O "O3'" . DG B 4  ? 0.1210 0.1191 0.2071 -0.0011 -0.0467 -0.0247 16 DG B "O3'" 
310 C "C2'" . DG B 4  ? 0.1242 0.1159 0.2194 0.0012  -0.0536 -0.0279 16 DG B "C2'" 
311 C "C1'" . DG B 4  ? 0.1184 0.1113 0.2176 -0.0120 -0.0377 -0.0151 16 DG B "C1'" 
312 N N9    . DG B 4  ? 0.1232 0.1087 0.1974 -0.0099 -0.0332 -0.0152 16 DG B N9    
313 C C8    . DG B 4  ? 0.1230 0.1101 0.1949 -0.0157 -0.0348 -0.0157 16 DG B C8    
314 N N7    . DG B 4  ? 0.1294 0.1190 0.1920 -0.0089 -0.0290 -0.0130 16 DG B N7    
315 C C5    . DG B 4  ? 0.1264 0.1200 0.1704 -0.0049 -0.0232 -0.0184 16 DG B C5    
316 C C6    . DG B 4  ? 0.1264 0.1364 0.1480 -0.0020 -0.0234 -0.0179 16 DG B C6    
317 O O6    . DG B 4  ? 0.1259 0.1339 0.1415 -0.0052 -0.0243 -0.0168 16 DG B O6    
318 N N1    . DG B 4  ? 0.1303 0.1376 0.1181 0.0021  -0.0127 -0.0271 16 DG B N1    
319 C C2    . DG B 4  ? 0.1295 0.1340 0.1217 0.0075  -0.0124 -0.0186 16 DG B C2    
320 N N2    . DG B 4  ? 0.1613 0.1246 0.1427 -0.0141 -0.0317 -0.0146 16 DG B N2    
321 N N3    . DG B 4  ? 0.1252 0.1211 0.1409 -0.0002 -0.0197 -0.0278 16 DG B N3    
322 C C4    . DG B 4  ? 0.1233 0.1137 0.1661 -0.0013 -0.0295 -0.0262 16 DG B C4    
323 P P     . DG B 5  ? 0.1392 0.1320 0.1751 0.0014  -0.0405 -0.0022 17 DG B P     
324 O OP1   . DG B 5  ? 0.1524 0.1514 0.1816 0.0126  -0.0558 -0.0271 17 DG B OP1   
325 O OP2   . DG B 5  ? 0.1494 0.1771 0.1935 0.0113  -0.0260 0.0233  17 DG B OP2   
326 O "O5'" . DG B 5  ? 0.0998 0.1303 0.1944 0.0059  -0.0286 -0.0081 17 DG B "O5'" 
327 C "C5'" . DG B 5  ? 0.1078 0.1179 0.1726 0.0080  -0.0190 -0.0178 17 DG B "C5'" 
328 C "C4'" . DG B 5  ? 0.1087 0.1233 0.1677 0.0199  -0.0171 -0.0244 17 DG B "C4'" 
329 O "O4'" . DG B 5  ? 0.1303 0.1119 0.1532 0.0217  -0.0233 -0.0211 17 DG B "O4'" 
330 C "C3'" . DG B 5  ? 0.1027 0.1156 0.1644 0.0111  -0.0228 -0.0238 17 DG B "C3'" 
331 O "O3'" . DG B 5  ? 0.1146 0.1350 0.1714 0.0032  -0.0324 -0.0264 17 DG B "O3'" 
332 C "C2'" . DG B 5  ? 0.0974 0.1026 0.1608 0.0033  -0.0219 -0.0221 17 DG B "C2'" 
333 C "C1'" . DG B 5  ? 0.1228 0.0943 0.1501 0.0060  -0.0274 -0.0022 17 DG B "C1'" 
334 N N9    . DG B 5  ? 0.1266 0.0984 0.1376 0.0000  -0.0292 -0.0053 17 DG B N9    
335 C C8    . DG B 5  ? 0.1323 0.0866 0.1518 -0.0095 -0.0385 -0.0081 17 DG B C8    
336 N N7    . DG B 5  ? 0.1318 0.0954 0.1600 0.0031  -0.0221 0.0085  17 DG B N7    
337 C C5    . DG B 5  ? 0.1275 0.0976 0.1220 0.0047  -0.0224 -0.0103 17 DG B C5    
338 C C6    . DG B 5  ? 0.1280 0.1154 0.1027 0.0182  0.0045  -0.0291 17 DG B C6    
339 O O6    . DG B 5  ? 0.1325 0.1459 0.1201 0.0066  -0.0045 -0.0043 17 DG B O6    
340 N N1    . DG B 5  ? 0.1144 0.1186 0.0954 0.0083  -0.0108 -0.0290 17 DG B N1    
341 C C2    . DG B 5  ? 0.1136 0.1051 0.1259 0.0069  -0.0204 -0.0213 17 DG B C2    
342 N N2    . DG B 5  ? 0.1341 0.1081 0.1232 0.0167  -0.0376 -0.0259 17 DG B N2    
343 N N3    . DG B 5  ? 0.1119 0.0991 0.1313 -0.0032 -0.0328 -0.0062 17 DG B N3    
344 C C4    . DG B 5  ? 0.1227 0.0935 0.1319 -0.0041 -0.0355 -0.0086 17 DG B C4    
345 P P     . DG B 6  ? 0.1221 0.1452 0.1684 0.0020  -0.0237 -0.0307 18 DG B P     
346 O OP1   . DG B 6  ? 0.1475 0.1410 0.2181 -0.0055 -0.0382 -0.0475 18 DG B OP1   
347 O OP2   . DG B 6  ? 0.1521 0.1733 0.1702 0.0058  -0.0280 0.0023  18 DG B OP2   
348 O "O5'" . DG B 6  ? 0.1304 0.1374 0.1547 0.0067  -0.0012 -0.0119 18 DG B "O5'" 
349 C "C5'" . DG B 6  ? 0.1251 0.1382 0.1532 0.0012  0.0144  -0.0165 18 DG B "C5'" 
350 C "C4'" . DG B 6  ? 0.1417 0.1370 0.1400 0.0150  -0.0020 -0.0183 18 DG B "C4'" 
351 O "O4'" . DG B 6  ? 0.1310 0.1424 0.1367 0.0103  0.0112  -0.0209 18 DG B "O4'" 
352 C "C3'" . DG B 6  ? 0.1527 0.1215 0.1560 0.0308  -0.0038 -0.0203 18 DG B "C3'" 
353 O "O3'" . DG B 6  ? 0.1375 0.1424 0.1998 0.0204  -0.0038 -0.0402 18 DG B "O3'" 
354 C "C2'" . DG B 6  ? 0.1459 0.1109 0.1722 0.0210  0.0003  -0.0261 18 DG B "C2'" 
355 C "C1'" . DG B 6  ? 0.1418 0.1241 0.1509 0.0077  0.0208  -0.0199 18 DG B "C1'" 
356 N N9    . DG B 6  ? 0.1264 0.1176 0.1396 0.0052  0.0021  -0.0275 18 DG B N9    
357 C C8    . DG B 6  ? 0.1293 0.1265 0.1374 0.0119  -0.0011 -0.0268 18 DG B C8    
358 N N7    . DG B 6  ? 0.1149 0.1363 0.1288 0.0110  -0.0140 -0.0218 18 DG B N7    
359 C C5    . DG B 6  ? 0.1166 0.1213 0.1171 0.0243  0.0006  -0.0115 18 DG B C5    
360 C C6    . DG B 6  ? 0.1129 0.1233 0.0958 0.0341  0.0123  -0.0066 18 DG B C6    
361 O O6    . DG B 6  ? 0.1139 0.1301 0.1113 0.0127  -0.0238 0.0047  18 DG B O6    
362 N N1    . DG B 6  ? 0.1139 0.1232 0.0966 0.0157  -0.0082 0.0063  18 DG B N1    
363 C C2    . DG B 6  ? 0.1256 0.1229 0.0889 0.0048  -0.0135 0.0012  18 DG B C2    
364 N N2    . DG B 6  ? 0.1379 0.1283 0.1167 0.0237  -0.0301 -0.0015 18 DG B N2    
365 N N3    . DG B 6  ? 0.1325 0.1116 0.1082 0.0070  -0.0014 -0.0033 18 DG B N3    
366 C C4    . DG B 6  ? 0.1259 0.1153 0.1064 0.0053  -0.0061 -0.0230 18 DG B C4    
367 P P     . DC B 7  ? 0.1767 0.1461 0.2023 0.0077  -0.0253 -0.0368 19 DC B P     
368 O OP1   . DC B 7  ? 0.1891 0.1630 0.3269 -0.0138 -0.0172 -0.0932 19 DC B OP1   
369 O OP2   . DC B 7  ? 0.2391 0.1596 0.2248 0.0595  -0.0685 -0.0496 19 DC B OP2   
370 O "O5'" . DC B 7  ? 0.1929 0.1294 0.1489 0.0227  0.0060  0.0126  19 DC B "O5'" 
371 C "C5'" . DC B 7  ? 0.1882 0.1219 0.1617 0.0142  0.0253  0.0291  19 DC B "C5'" 
372 C "C4'" . DC B 7  ? 0.1839 0.1253 0.1483 0.0206  0.0178  0.0103  19 DC B "C4'" 
373 O "O4'" . DC B 7  ? 0.1811 0.1308 0.1386 0.0277  0.0170  0.0090  19 DC B "O4'" 
374 C "C3'" . DC B 7  ? 0.1751 0.1036 0.1495 0.0054  0.0165  0.0028  19 DC B "C3'" 
375 O "O3'" . DC B 7  ? 0.1883 0.1096 0.1491 0.0025  0.0081  -0.0005 19 DC B "O3'" 
376 C "C2'" . DC B 7  ? 0.1696 0.1119 0.1242 0.0218  -0.0021 -0.0045 19 DC B "C2'" 
377 C "C1'" . DC B 7  ? 0.1604 0.1167 0.1337 0.0340  0.0034  0.0000  19 DC B "C1'" 
378 N N1    . DC B 7  ? 0.1648 0.1089 0.1348 0.0298  -0.0077 -0.0062 19 DC B N1    
379 C C2    . DC B 7  ? 0.1557 0.1081 0.1264 0.0238  -0.0299 -0.0141 19 DC B C2    
380 O O2    . DC B 7  ? 0.1631 0.1278 0.1564 0.0380  -0.0322 0.0016  19 DC B O2    
381 N N3    . DC B 7  ? 0.1720 0.1071 0.1109 0.0238  -0.0322 -0.0134 19 DC B N3    
382 C C4    . DC B 7  ? 0.1721 0.1011 0.1000 0.0255  -0.0280 -0.0087 19 DC B C4    
383 N N4    . DC B 7  ? 0.2135 0.1113 0.0809 0.0292  -0.0277 -0.0083 19 DC B N4    
384 C C5    . DC B 7  ? 0.1682 0.1118 0.1434 0.0278  -0.0210 -0.0034 19 DC B C5    
385 C C6    . DC B 7  ? 0.1537 0.1049 0.1487 0.0303  -0.0010 -0.0026 19 DC B C6    
386 P P     . DC B 8  ? 0.1848 0.1184 0.1487 -0.0023 0.0038  -0.0109 20 DC B P     
387 O OP1   . DC B 8  ? 0.2657 0.1158 0.2049 -0.0153 0.0109  -0.0339 20 DC B OP1   
388 O OP2   . DC B 8  ? 0.2167 0.1503 0.1529 0.0089  -0.0333 -0.0130 20 DC B OP2   
389 O "O5'" . DC B 8  ? 0.1881 0.1167 0.1244 0.0059  0.0054  -0.0048 20 DC B "O5'" 
390 C "C5'" . DC B 8  ? 0.1841 0.0916 0.1458 -0.0015 0.0008  -0.0049 20 DC B "C5'" 
391 C "C4'" . DC B 8  ? 0.1785 0.0838 0.1546 0.0100  0.0118  0.0085  20 DC B "C4'" 
392 O "O4'" . DC B 8  ? 0.1842 0.0900 0.1252 0.0095  -0.0070 0.0079  20 DC B "O4'" 
393 C "C3'" . DC B 8  ? 0.1737 0.0793 0.1564 0.0184  0.0123  0.0044  20 DC B "C3'" 
394 O "O3'" . DC B 8  ? 0.1977 0.0842 0.1799 0.0279  0.0103  -0.0053 20 DC B "O3'" 
395 C "C2'" . DC B 8  ? 0.1582 0.0859 0.1569 0.0157  0.0130  -0.0022 20 DC B "C2'" 
396 C "C1'" . DC B 8  ? 0.1461 0.0833 0.1549 0.0182  0.0046  0.0050  20 DC B "C1'" 
397 N N1    . DC B 8  ? 0.1526 0.0976 0.1293 0.0229  0.0050  0.0132  20 DC B N1    
398 C C2    . DC B 8  ? 0.1620 0.0850 0.1469 0.0216  0.0023  -0.0011 20 DC B C2    
399 O O2    . DC B 8  ? 0.1612 0.0923 0.1369 0.0180  0.0045  0.0089  20 DC B O2    
400 N N3    . DC B 8  ? 0.1661 0.0881 0.1195 0.0092  -0.0147 0.0011  20 DC B N3    
401 C C4    . DC B 8  ? 0.1605 0.1167 0.0937 0.0128  -0.0228 0.0135  20 DC B C4    
402 N N4    . DC B 8  ? 0.1822 0.1134 0.0971 0.0267  -0.0188 0.0088  20 DC B N4    
403 C C5    . DC B 8  ? 0.1557 0.1200 0.1276 0.0162  -0.0104 0.0263  20 DC B C5    
404 C C6    . DC B 8  ? 0.1491 0.1215 0.1187 0.0254  0.0044  0.0184  20 DC B C6    
405 P P     . DC B 9  ? 0.2061 0.1168 0.1877 0.0103  0.0193  -0.0253 21 DC B P     
406 O OP1   . DC B 9  ? 0.2136 0.1162 0.2659 0.0030  0.0751  -0.0379 21 DC B OP1   
407 O OP2   . DC B 9  ? 0.2168 0.1466 0.1935 -0.0133 0.0003  -0.0318 21 DC B OP2   
408 O "O5'" . DC B 9  ? 0.1877 0.1243 0.1644 0.0121  0.0218  -0.0253 21 DC B "O5'" 
409 C "C5'" . DC B 9  ? 0.1988 0.0917 0.1757 0.0196  -0.0015 -0.0247 21 DC B "C5'" 
410 C "C4'" . DC B 9  ? 0.1871 0.0996 0.1683 0.0130  0.0031  -0.0273 21 DC B "C4'" 
411 O "O4'" . DC B 9  ? 0.1654 0.0866 0.1446 0.0106  -0.0059 -0.0104 21 DC B "O4'" 
412 C "C3'" . DC B 9  ? 0.1900 0.1178 0.1645 0.0092  0.0134  -0.0259 21 DC B "C3'" 
413 O "O3'" . DC B 9  ? 0.2039 0.1335 0.1834 0.0243  0.0218  -0.0352 21 DC B "O3'" 
414 C "C2'" . DC B 9  ? 0.2157 0.1187 0.1348 0.0150  0.0067  -0.0361 21 DC B "C2'" 
415 C "C1'" . DC B 9  ? 0.1684 0.1148 0.1268 0.0169  0.0015  -0.0046 21 DC B "C1'" 
416 N N1    . DC B 9  ? 0.1656 0.1238 0.1115 0.0059  -0.0252 -0.0114 21 DC B N1    
417 C C2    . DC B 9  ? 0.1631 0.1165 0.1314 0.0016  -0.0385 -0.0177 21 DC B C2    
418 O O2    . DC B 9  ? 0.1604 0.1313 0.1335 0.0105  -0.0252 0.0031  21 DC B O2    
419 N N3    . DC B 9  ? 0.1656 0.1171 0.1027 0.0016  -0.0275 -0.0134 21 DC B N3    
420 C C4    . DC B 9  ? 0.1609 0.1058 0.1218 0.0141  -0.0211 -0.0042 21 DC B C4    
421 N N4    . DC B 9  ? 0.1647 0.1216 0.0939 0.0356  -0.0069 -0.0101 21 DC B N4    
422 C C5    . DC B 9  ? 0.1603 0.1121 0.1125 0.0283  -0.0172 -0.0060 21 DC B C5    
423 C C6    . DC B 9  ? 0.1560 0.1223 0.1259 0.0182  -0.0209 -0.0054 21 DC B C6    
424 P P     . DA B 10 ? 0.2794 0.1832 0.1958 0.0168  0.0345  -0.0594 22 DA B P     
425 O OP1   . DA B 10 ? 0.3325 0.2034 0.2596 0.0389  0.0985  -0.0717 22 DA B OP1   
426 O OP2   . DA B 10 ? 0.3026 0.3110 0.1928 -0.0249 -0.0186 -0.0592 22 DA B OP2   
427 O "O5'" . DA B 10 ? 0.2981 0.2221 0.1544 0.0400  0.0150  -0.0364 22 DA B "O5'" 
428 C "C5'" . DA B 10 ? 0.2372 0.2494 0.1809 0.0587  0.0075  -0.0511 22 DA B "C5'" 
429 C "C4'" . DA B 10 ? 0.2343 0.2537 0.1378 0.0462  -0.0006 -0.0432 22 DA B "C4'" 
430 O "O4'" . DA B 10 ? 0.2434 0.2438 0.1386 0.0584  -0.0125 -0.0378 22 DA B "O4'" 
431 C "C3'" . DA B 10 ? 0.2331 0.2912 0.1432 0.0599  0.0214  -0.0130 22 DA B "C3'" 
432 O "O3'" . DA B 10 ? 0.2176 0.3443 0.1566 0.0915  0.0236  0.0126  22 DA B "O3'" 
433 C "C2'" . DA B 10 ? 0.2462 0.2713 0.1399 0.0436  0.0234  -0.0011 22 DA B "C2'" 
434 C "C1'" . DA B 10 ? 0.2364 0.2273 0.1415 0.0417  0.0198  -0.0006 22 DA B "C1'" 
435 N N9    . DA B 10 ? 0.2357 0.1858 0.1416 0.0381  -0.0017 0.0194  22 DA B N9    
436 C C8    . DA B 10 ? 0.2459 0.1657 0.1392 0.0371  -0.0088 -0.0048 22 DA B C8    
437 N N7    . DA B 10 ? 0.2447 0.1510 0.1249 0.0266  -0.0089 -0.0201 22 DA B N7    
438 C C5    . DA B 10 ? 0.2331 0.1502 0.0964 0.0289  -0.0124 -0.0318 22 DA B C5    
439 C C6    . DA B 10 ? 0.2249 0.1512 0.0939 0.0128  -0.0335 -0.0309 22 DA B C6    
440 N N6    . DA B 10 ? 0.2259 0.1813 0.0866 0.0101  -0.0130 -0.0302 22 DA B N6    
441 N N1    . DA B 10 ? 0.2258 0.1410 0.1159 0.0195  -0.0246 -0.0362 22 DA B N1    
442 C C2    . DA B 10 ? 0.2220 0.1756 0.1200 0.0188  -0.0336 -0.0010 22 DA B C2    
443 N N3    . DA B 10 ? 0.2266 0.1763 0.1370 0.0255  -0.0410 0.0118  22 DA B N3    
444 C C4    . DA B 10 ? 0.2301 0.1683 0.1368 0.0272  -0.0182 0.0004  22 DA B C4    
445 P P     . DT B 11 ? 0.2465 0.4059 0.1572 0.1017  0.0150  -0.0212 23 DT B P     
446 O OP1   . DT B 11 ? 0.2869 0.4966 0.1754 0.1190  0.0386  -0.0327 23 DT B OP1   
447 O OP2   . DT B 11 ? 0.3063 0.3861 0.2233 0.0749  0.0335  -0.0984 23 DT B OP2   
448 O "O5'" . DT B 11 ? 0.2370 0.4101 0.1735 0.0950  -0.0116 -0.0013 23 DT B "O5'" 
449 C "C5'" . DT B 11 ? 0.2377 0.4099 0.1840 0.0881  0.0163  -0.0073 23 DT B "C5'" 
450 C "C4'" . DT B 11 ? 0.2001 0.3852 0.2260 0.0569  0.0176  -0.0121 23 DT B "C4'" 
451 O "O4'" . DT B 11 ? 0.1694 0.3360 0.2237 0.0100  0.0062  -0.0231 23 DT B "O4'" 
452 C "C3'" . DT B 11 ? 0.2249 0.3805 0.2086 0.0466  0.0085  0.0194  23 DT B "C3'" 
453 O "O3'" . DT B 11 ? 0.2504 0.4418 0.2244 0.0545  0.0228  0.0500  23 DT B "O3'" 
454 C "C2'" . DT B 11 ? 0.2096 0.3266 0.2236 0.0174  0.0028  0.0256  23 DT B "C2'" 
455 C "C1'" . DT B 11 ? 0.1767 0.2906 0.2249 0.0159  -0.0008 0.0047  23 DT B "C1'" 
456 N N1    . DT B 11 ? 0.1740 0.2527 0.1629 0.0221  -0.0428 -0.0132 23 DT B N1    
457 C C2    . DT B 11 ? 0.1722 0.2200 0.1546 0.0129  -0.0339 -0.0021 23 DT B C2    
458 O O2    . DT B 11 ? 0.1687 0.2071 0.1746 -0.0006 -0.0220 0.0057  23 DT B O2    
459 N N3    . DT B 11 ? 0.1983 0.2080 0.0990 0.0086  -0.0439 -0.0031 23 DT B N3    
460 C C4    . DT B 11 ? 0.1985 0.2017 0.1187 0.0153  -0.0607 -0.0249 23 DT B C4    
461 O O4    . DT B 11 ? 0.2200 0.1851 0.1709 0.0246  -0.0389 -0.0088 23 DT B O4    
462 C C5    . DT B 11 ? 0.2068 0.2384 0.1575 0.0327  -0.0546 -0.0236 23 DT B C5    
463 C C7    . DT B 11 ? 0.2498 0.2274 0.2492 0.0651  -0.0351 -0.0395 23 DT B C7    
464 C C6    . DT B 11 ? 0.1792 0.2523 0.1579 0.0316  -0.0542 -0.0353 23 DT B C6    
465 P P     . DG B 12 ? 0.3251 0.4490 0.2078 0.0599  0.0122  0.0594  24 DG B P     
466 O OP1   . DG B 12 ? 0.3619 0.5311 0.2399 0.0955  0.0680  0.0530  24 DG B OP1   
467 O OP2   . DG B 12 ? 0.3741 0.4372 0.2608 0.0476  -0.0613 0.0690  24 DG B OP2   
468 O "O5'" . DG B 12 ? 0.2728 0.4173 0.2248 0.0093  0.0028  0.0857  24 DG B "O5'" 
469 C "C5'" . DG B 12 ? 0.1967 0.4130 0.2310 -0.0286 -0.0002 0.1008  24 DG B "C5'" 
470 C "C4'" . DG B 12 ? 0.2008 0.3849 0.2059 -0.0393 -0.0127 0.0795  24 DG B "C4'" 
471 O "O4'" . DG B 12 ? 0.1791 0.3142 0.1876 -0.0657 -0.0324 0.0843  24 DG B "O4'" 
472 C "C3'" . DG B 12 ? 0.2325 0.3716 0.1886 -0.0010 -0.0292 0.0657  24 DG B "C3'" 
473 O "O3'" . DG B 12 ? 0.2917 0.4674 0.1911 0.0633  -0.0163 0.0798  24 DG B "O3'" 
474 C "C2'" . DG B 12 ? 0.2184 0.3071 0.1817 -0.0180 -0.0504 0.0546  24 DG B "C2'" 
475 C "C1'" . DG B 12 ? 0.1736 0.2750 0.1781 -0.0361 -0.0463 0.0629  24 DG B "C1'" 
476 N N9    . DG B 12 ? 0.1276 0.2268 0.1609 -0.0102 -0.0248 0.0141  24 DG B N9    
477 C C8    . DG B 12 ? 0.1378 0.2372 0.1203 0.0005  -0.0347 -0.0162 24 DG B C8    
478 N N7    . DG B 12 ? 0.1491 0.2087 0.1327 0.0198  -0.0312 -0.0180 24 DG B N7    
479 C C5    . DG B 12 ? 0.1408 0.1911 0.1280 -0.0017 -0.0410 -0.0112 24 DG B C5    
480 C C6    . DG B 12 ? 0.1550 0.1685 0.1329 -0.0062 -0.0396 -0.0135 24 DG B C6    
481 O O6    . DG B 12 ? 0.1671 0.1843 0.1914 0.0049  -0.0478 0.0157  24 DG B O6    
482 N N1    . DG B 12 ? 0.1583 0.1377 0.1367 -0.0095 -0.0183 -0.0085 24 DG B N1    
483 C C2    . DG B 12 ? 0.1384 0.1473 0.1548 -0.0098 0.0000  0.0048  24 DG B C2    
484 N N2    . DG B 12 ? 0.1133 0.1839 0.1632 -0.0246 -0.0271 0.0410  24 DG B N2    
485 N N3    . DG B 12 ? 0.1219 0.1760 0.1670 -0.0164 -0.0115 0.0185  24 DG B N3    
486 C C4    . DG B 12 ? 0.1289 0.1940 0.1442 -0.0052 -0.0273 -0.0005 24 DG B C4    
# 
